data_2KRX
#
_entry.id   2KRX
#
_entity_poly.entity_id   1
_entity_poly.type   'polypeptide(L)'
_entity_poly.pdbx_seq_one_letter_code
;MPDPLMYQQDNFVVLETNQPEQFLTTIELLEKLKGELEKISFSDLPLELQKLDSLPAQAQHLIDTSCELDVGAGKYLQWY
AVRLEKLEHHHHHH
;
_entity_poly.pdbx_strand_id   A
#
# COMPACT_ATOMS: atom_id res chain seq x y z
N MET A 1 -5.58 -22.85 9.49
CA MET A 1 -4.70 -22.24 8.48
C MET A 1 -3.98 -21.05 9.08
N PRO A 2 -2.76 -20.75 8.62
CA PRO A 2 -1.98 -19.64 9.14
C PRO A 2 -2.51 -18.29 8.70
N ASP A 3 -2.70 -17.40 9.66
CA ASP A 3 -3.06 -16.02 9.35
C ASP A 3 -1.78 -15.23 9.14
N PRO A 4 -1.84 -14.12 8.38
CA PRO A 4 -0.66 -13.30 8.08
C PRO A 4 0.16 -13.00 9.32
N LEU A 5 -0.37 -12.14 10.19
CA LEU A 5 0.27 -11.81 11.45
C LEU A 5 -0.60 -10.84 12.24
N MET A 6 -0.15 -10.45 13.42
CA MET A 6 -0.87 -9.49 14.24
C MET A 6 -0.43 -8.08 13.91
N TYR A 7 0.86 -7.93 13.65
CA TYR A 7 1.45 -6.63 13.33
C TYR A 7 1.32 -6.32 11.85
N GLN A 8 0.12 -6.53 11.30
CA GLN A 8 -0.14 -6.26 9.89
C GLN A 8 0.05 -4.78 9.59
N GLN A 9 -0.34 -3.93 10.54
CA GLN A 9 -0.27 -2.50 10.34
C GLN A 9 1.04 -1.94 10.87
N ASP A 10 1.95 -1.63 9.97
CA ASP A 10 3.22 -1.01 10.32
C ASP A 10 3.24 0.40 9.76
N ASN A 11 4.43 0.97 9.62
CA ASN A 11 4.55 2.32 9.07
C ASN A 11 5.09 2.24 7.65
N PHE A 12 4.28 2.67 6.71
CA PHE A 12 4.68 2.71 5.31
C PHE A 12 4.97 4.14 4.90
N VAL A 13 6.14 4.36 4.33
CA VAL A 13 6.51 5.67 3.84
C VAL A 13 5.98 5.82 2.43
N VAL A 14 4.87 6.51 2.30
CA VAL A 14 4.19 6.65 1.02
C VAL A 14 4.62 7.94 0.33
N LEU A 15 5.13 7.79 -0.88
CA LEU A 15 5.59 8.92 -1.65
C LEU A 15 4.55 9.30 -2.69
N GLU A 16 3.80 10.36 -2.40
CA GLU A 16 2.82 10.87 -3.34
C GLU A 16 3.47 11.99 -4.15
N THR A 17 3.01 12.19 -5.37
CA THR A 17 3.59 13.21 -6.24
C THR A 17 3.36 14.62 -5.65
N ASN A 18 2.34 14.74 -4.81
CA ASN A 18 2.06 16.00 -4.13
C ASN A 18 2.61 15.97 -2.71
N GLN A 19 2.37 14.88 -1.99
CA GLN A 19 2.82 14.75 -0.61
C GLN A 19 3.78 13.58 -0.42
N PRO A 20 5.09 13.84 -0.57
CA PRO A 20 6.14 12.87 -0.35
C PRO A 20 6.53 12.74 1.12
N GLU A 21 7.15 11.62 1.47
CA GLU A 21 7.68 11.38 2.81
C GLU A 21 6.58 11.51 3.86
N GLN A 22 5.71 10.51 3.93
CA GLN A 22 4.61 10.51 4.87
C GLN A 22 4.50 9.15 5.55
N PHE A 23 4.26 9.14 6.85
CA PHE A 23 4.12 7.89 7.59
C PHE A 23 2.67 7.54 7.83
N LEU A 24 2.22 6.46 7.24
CA LEU A 24 0.86 5.97 7.45
C LEU A 24 0.85 4.46 7.52
N THR A 25 -0.19 3.91 8.14
CA THR A 25 -0.30 2.48 8.35
C THR A 25 -0.81 1.77 7.11
N THR A 26 -0.80 0.44 7.17
CA THR A 26 -1.26 -0.41 6.08
C THR A 26 -2.70 -0.07 5.66
N ILE A 27 -3.55 0.24 6.64
CA ILE A 27 -4.94 0.55 6.37
C ILE A 27 -5.07 1.90 5.67
N GLU A 28 -4.28 2.86 6.11
CA GLU A 28 -4.28 4.19 5.51
C GLU A 28 -3.76 4.11 4.08
N LEU A 29 -2.74 3.30 3.87
CA LEU A 29 -2.20 3.04 2.53
C LEU A 29 -3.26 2.36 1.66
N LEU A 30 -3.94 1.37 2.25
CA LEU A 30 -5.01 0.65 1.58
C LEU A 30 -6.07 1.62 1.07
N GLU A 31 -6.51 2.51 1.95
CA GLU A 31 -7.52 3.52 1.63
C GLU A 31 -7.09 4.40 0.44
N LYS A 32 -5.82 4.76 0.39
CA LYS A 32 -5.32 5.56 -0.71
C LYS A 32 -5.32 4.75 -2.00
N LEU A 33 -4.83 3.52 -1.92
CA LEU A 33 -4.76 2.64 -3.08
C LEU A 33 -6.14 2.32 -3.64
N LYS A 34 -7.05 1.84 -2.79
CA LYS A 34 -8.38 1.45 -3.26
C LYS A 34 -9.12 2.63 -3.90
N GLY A 35 -8.75 3.85 -3.52
CA GLY A 35 -9.34 5.03 -4.11
C GLY A 35 -8.81 5.29 -5.51
N GLU A 36 -7.49 5.28 -5.66
CA GLU A 36 -6.89 5.53 -6.96
C GLU A 36 -7.12 4.33 -7.89
N LEU A 37 -7.07 3.13 -7.32
CA LEU A 37 -7.26 1.91 -8.08
C LEU A 37 -8.68 1.81 -8.65
N GLU A 38 -9.67 2.29 -7.89
CA GLU A 38 -11.04 2.30 -8.40
C GLU A 38 -11.17 3.33 -9.52
N LYS A 39 -10.35 4.39 -9.46
CA LYS A 39 -10.30 5.35 -10.55
C LYS A 39 -9.59 4.75 -11.76
N ILE A 40 -8.53 3.99 -11.53
CA ILE A 40 -7.84 3.28 -12.58
C ILE A 40 -8.79 2.31 -13.28
N SER A 41 -8.76 2.30 -14.60
CA SER A 41 -9.63 1.44 -15.40
C SER A 41 -9.45 -0.02 -15.03
N PHE A 42 -10.56 -0.74 -14.88
CA PHE A 42 -10.53 -2.16 -14.55
C PHE A 42 -9.98 -2.95 -15.73
N SER A 43 -9.98 -2.33 -16.91
CA SER A 43 -9.44 -2.94 -18.11
C SER A 43 -7.99 -2.51 -18.31
N ASP A 44 -7.45 -1.78 -17.34
CA ASP A 44 -6.08 -1.28 -17.43
C ASP A 44 -5.20 -1.90 -16.33
N LEU A 45 -5.83 -2.30 -15.24
CA LEU A 45 -5.10 -2.87 -14.10
C LEU A 45 -4.73 -4.34 -14.36
N PRO A 46 -3.74 -4.87 -13.61
CA PRO A 46 -3.27 -6.26 -13.74
C PRO A 46 -4.39 -7.31 -13.69
N LEU A 47 -4.12 -8.48 -14.25
CA LEU A 47 -5.13 -9.53 -14.38
C LEU A 47 -5.48 -10.15 -13.04
N GLU A 48 -4.52 -10.19 -12.12
CA GLU A 48 -4.77 -10.71 -10.78
C GLU A 48 -5.90 -9.92 -10.11
N LEU A 49 -5.93 -8.63 -10.38
CA LEU A 49 -6.93 -7.76 -9.78
C LEU A 49 -8.28 -7.98 -10.44
N GLN A 50 -8.25 -8.48 -11.67
CA GLN A 50 -9.47 -8.78 -12.42
C GLN A 50 -10.07 -10.11 -11.97
N LYS A 51 -9.25 -10.94 -11.33
CA LYS A 51 -9.73 -12.17 -10.71
C LYS A 51 -10.33 -11.88 -9.35
N LEU A 52 -9.81 -10.85 -8.70
CA LEU A 52 -10.33 -10.41 -7.42
C LEU A 52 -11.62 -9.62 -7.64
N ASP A 53 -12.57 -9.78 -6.72
CA ASP A 53 -13.86 -9.13 -6.87
C ASP A 53 -13.98 -7.96 -5.89
N SER A 54 -13.22 -8.04 -4.81
CA SER A 54 -13.24 -6.98 -3.80
C SER A 54 -12.17 -5.93 -4.10
N LEU A 55 -12.55 -4.67 -3.97
CA LEU A 55 -11.63 -3.56 -4.20
C LEU A 55 -10.48 -3.57 -3.18
N PRO A 56 -10.78 -3.67 -1.86
CA PRO A 56 -9.72 -3.75 -0.83
C PRO A 56 -8.77 -4.92 -1.07
N ALA A 57 -9.30 -6.03 -1.58
CA ALA A 57 -8.49 -7.22 -1.83
C ALA A 57 -7.45 -6.95 -2.91
N GLN A 58 -7.83 -6.21 -3.94
CA GLN A 58 -6.93 -5.84 -5.01
C GLN A 58 -5.76 -5.04 -4.48
N ALA A 59 -6.07 -3.94 -3.80
CA ALA A 59 -5.05 -3.06 -3.24
C ALA A 59 -4.24 -3.79 -2.16
N GLN A 60 -4.89 -4.69 -1.45
CA GLN A 60 -4.22 -5.49 -0.42
C GLN A 60 -3.15 -6.36 -1.04
N HIS A 61 -3.42 -6.90 -2.23
CA HIS A 61 -2.46 -7.76 -2.92
C HIS A 61 -1.27 -6.95 -3.44
N LEU A 62 -1.53 -5.67 -3.74
CA LEU A 62 -0.44 -4.75 -4.11
C LEU A 62 0.54 -4.61 -2.94
N ILE A 63 -0.01 -4.34 -1.76
CA ILE A 63 0.78 -4.24 -0.54
C ILE A 63 1.37 -5.61 -0.18
N ASP A 64 0.61 -6.65 -0.47
CA ASP A 64 1.02 -8.03 -0.22
C ASP A 64 2.30 -8.36 -0.97
N THR A 65 2.27 -8.22 -2.29
CA THR A 65 3.44 -8.48 -3.10
C THR A 65 3.31 -7.86 -4.49
N SER A 66 3.52 -6.56 -4.55
CA SER A 66 3.60 -5.85 -5.81
C SER A 66 4.49 -4.62 -5.65
N CYS A 67 4.69 -3.89 -6.74
CA CYS A 67 5.48 -2.67 -6.70
C CYS A 67 4.55 -1.46 -6.74
N GLU A 68 5.01 -0.37 -7.34
CA GLU A 68 4.25 0.87 -7.34
C GLU A 68 3.42 0.98 -8.63
N LEU A 69 2.45 1.89 -8.63
CA LEU A 69 1.57 2.02 -9.77
C LEU A 69 1.35 3.49 -10.12
N ASP A 70 0.88 3.73 -11.33
CA ASP A 70 0.56 5.07 -11.78
C ASP A 70 -0.90 5.38 -11.52
N VAL A 71 -1.13 6.44 -10.76
CA VAL A 71 -2.48 6.80 -10.34
C VAL A 71 -3.19 7.64 -11.38
N GLY A 72 -2.48 7.98 -12.44
CA GLY A 72 -3.05 8.74 -13.51
C GLY A 72 -2.68 10.21 -13.45
N ALA A 73 -3.15 10.97 -14.44
CA ALA A 73 -2.90 12.41 -14.52
C ALA A 73 -1.41 12.70 -14.71
N GLY A 74 -0.64 11.69 -15.04
CA GLY A 74 0.79 11.86 -15.25
C GLY A 74 1.59 11.56 -14.00
N LYS A 75 0.93 11.58 -12.86
CA LYS A 75 1.62 11.34 -11.59
C LYS A 75 1.53 9.87 -11.21
N TYR A 76 2.24 9.52 -10.14
CA TYR A 76 2.37 8.12 -9.74
C TYR A 76 2.33 7.98 -8.22
N LEU A 77 2.25 6.73 -7.76
CA LEU A 77 2.17 6.46 -6.33
C LEU A 77 3.10 5.30 -5.97
N GLN A 78 4.07 5.58 -5.11
CA GLN A 78 4.99 4.55 -4.66
C GLN A 78 5.08 4.55 -3.14
N TRP A 79 5.34 3.38 -2.58
CA TRP A 79 5.37 3.23 -1.13
C TRP A 79 6.39 2.17 -0.74
N TYR A 80 7.03 2.37 0.41
CA TYR A 80 7.94 1.37 0.95
C TYR A 80 7.78 1.29 2.46
N ALA A 81 7.90 0.09 3.00
CA ALA A 81 7.74 -0.13 4.42
C ALA A 81 9.09 -0.21 5.11
N VAL A 82 9.24 0.57 6.19
CA VAL A 82 10.46 0.53 6.98
C VAL A 82 10.33 -0.53 8.07
N ARG A 83 10.99 -1.66 7.86
CA ARG A 83 10.87 -2.78 8.76
C ARG A 83 12.25 -3.20 9.27
N LEU A 84 12.30 -3.64 10.52
CA LEU A 84 13.53 -4.12 11.14
C LEU A 84 14.62 -3.05 11.12
N GLU A 85 14.66 -2.22 12.16
CA GLU A 85 15.71 -1.23 12.30
C GLU A 85 16.94 -1.90 12.91
N LYS A 86 17.54 -2.80 12.14
CA LYS A 86 18.66 -3.60 12.62
C LYS A 86 19.96 -2.80 12.62
N LEU A 87 19.92 -1.66 11.96
CA LEU A 87 21.07 -0.77 11.92
C LEU A 87 21.00 0.22 13.07
N GLU A 88 21.91 0.06 14.03
CA GLU A 88 21.98 0.92 15.24
C GLU A 88 20.87 0.57 16.24
N HIS A 89 19.79 -0.04 15.76
CA HIS A 89 18.61 -0.31 16.58
C HIS A 89 18.00 1.00 17.07
N HIS A 90 17.42 1.73 16.14
CA HIS A 90 16.89 3.04 16.43
C HIS A 90 15.40 2.96 16.68
N HIS A 91 14.96 3.50 17.81
CA HIS A 91 13.55 3.49 18.17
C HIS A 91 12.84 4.70 17.57
N HIS A 92 11.51 4.74 17.67
CA HIS A 92 10.74 5.85 17.10
C HIS A 92 10.98 7.14 17.87
N HIS A 93 10.94 8.25 17.13
CA HIS A 93 11.20 9.57 17.69
C HIS A 93 10.24 9.90 18.83
N HIS A 94 8.96 9.80 18.53
CA HIS A 94 7.93 10.04 19.54
C HIS A 94 7.13 8.76 19.73
N MET A 1 -6.11 -17.76 13.64
CA MET A 1 -7.32 -18.54 13.25
C MET A 1 -8.35 -17.64 12.56
N PRO A 2 -8.93 -16.63 13.26
CA PRO A 2 -9.85 -15.69 12.62
C PRO A 2 -9.09 -14.63 11.83
N ASP A 3 -8.40 -13.76 12.54
CA ASP A 3 -7.55 -12.76 11.93
C ASP A 3 -6.18 -12.81 12.59
N PRO A 4 -5.13 -12.33 11.90
CA PRO A 4 -3.75 -12.30 12.43
C PRO A 4 -3.62 -11.40 13.67
N LEU A 5 -2.37 -11.08 14.02
CA LEU A 5 -2.08 -10.27 15.21
C LEU A 5 -2.93 -9.01 15.25
N MET A 6 -3.33 -8.62 16.45
CA MET A 6 -4.21 -7.47 16.64
C MET A 6 -3.51 -6.18 16.21
N TYR A 7 -2.19 -6.17 16.33
CA TYR A 7 -1.38 -5.01 15.97
C TYR A 7 -0.98 -5.07 14.50
N GLN A 8 -1.94 -5.41 13.64
CA GLN A 8 -1.68 -5.56 12.21
C GLN A 8 -1.70 -4.21 11.49
N GLN A 9 -0.87 -3.31 11.98
CA GLN A 9 -0.69 -2.02 11.34
C GLN A 9 0.77 -1.60 11.43
N ASP A 10 1.49 -1.79 10.35
CA ASP A 10 2.90 -1.44 10.30
C ASP A 10 3.10 -0.08 9.66
N ASN A 11 4.34 0.25 9.32
CA ASN A 11 4.68 1.60 8.90
C ASN A 11 5.10 1.64 7.43
N PHE A 12 4.40 2.46 6.65
CA PHE A 12 4.72 2.64 5.24
C PHE A 12 5.05 4.09 4.94
N VAL A 13 6.05 4.30 4.09
CA VAL A 13 6.39 5.63 3.62
C VAL A 13 5.85 5.81 2.21
N VAL A 14 4.81 6.62 2.09
CA VAL A 14 4.19 6.88 0.80
C VAL A 14 4.77 8.14 0.19
N LEU A 15 5.22 8.03 -1.05
CA LEU A 15 5.79 9.16 -1.76
C LEU A 15 4.97 9.47 -3.01
N GLU A 16 4.16 10.49 -2.93
CA GLU A 16 3.42 10.97 -4.09
C GLU A 16 4.04 12.27 -4.57
N THR A 17 3.71 12.65 -5.81
CA THR A 17 4.15 13.92 -6.35
C THR A 17 3.44 15.08 -5.65
N ASN A 18 2.27 14.77 -5.09
CA ASN A 18 1.48 15.78 -4.41
C ASN A 18 1.93 15.94 -2.95
N GLN A 19 2.06 14.82 -2.25
CA GLN A 19 2.48 14.85 -0.85
C GLN A 19 3.53 13.78 -0.57
N PRO A 20 4.79 14.19 -0.37
CA PRO A 20 5.87 13.30 0.03
C PRO A 20 5.94 13.11 1.54
N GLU A 21 6.75 12.13 1.97
CA GLU A 21 6.99 11.88 3.39
C GLU A 21 5.70 11.61 4.16
N GLN A 22 4.80 10.86 3.57
CA GLN A 22 3.56 10.49 4.25
C GLN A 22 3.76 9.16 4.98
N PHE A 23 3.94 9.25 6.29
CA PHE A 23 4.13 8.07 7.12
C PHE A 23 2.78 7.61 7.67
N LEU A 24 2.23 6.57 7.06
CA LEU A 24 0.92 6.10 7.44
C LEU A 24 0.93 4.61 7.81
N THR A 25 -0.22 4.10 8.20
CA THR A 25 -0.34 2.70 8.59
C THR A 25 -0.84 1.84 7.42
N THR A 26 -0.86 0.53 7.63
CA THR A 26 -1.33 -0.43 6.65
C THR A 26 -2.72 -0.08 6.12
N ILE A 27 -3.61 0.30 7.03
CA ILE A 27 -4.99 0.59 6.69
C ILE A 27 -5.09 1.84 5.82
N GLU A 28 -4.26 2.83 6.11
CA GLU A 28 -4.29 4.09 5.38
C GLU A 28 -3.72 3.92 3.97
N LEU A 29 -2.72 3.05 3.84
CA LEU A 29 -2.14 2.74 2.54
C LEU A 29 -3.19 2.09 1.65
N LEU A 30 -4.00 1.21 2.25
CA LEU A 30 -5.11 0.58 1.55
C LEU A 30 -6.03 1.62 0.95
N GLU A 31 -6.45 2.58 1.77
CA GLU A 31 -7.37 3.62 1.34
C GLU A 31 -6.85 4.40 0.14
N LYS A 32 -5.55 4.72 0.14
CA LYS A 32 -4.94 5.39 -1.00
C LYS A 32 -5.01 4.53 -2.25
N LEU A 33 -4.49 3.32 -2.15
CA LEU A 33 -4.50 2.39 -3.27
C LEU A 33 -5.91 2.15 -3.78
N LYS A 34 -6.85 1.94 -2.85
CA LYS A 34 -8.25 1.69 -3.20
C LYS A 34 -8.83 2.82 -4.05
N GLY A 35 -8.67 4.06 -3.58
CA GLY A 35 -9.20 5.20 -4.31
C GLY A 35 -8.50 5.41 -5.65
N GLU A 36 -7.19 5.36 -5.63
CA GLU A 36 -6.40 5.59 -6.83
C GLU A 36 -6.57 4.41 -7.81
N LEU A 37 -7.02 3.27 -7.30
CA LEU A 37 -7.27 2.11 -8.14
C LEU A 37 -8.67 2.16 -8.74
N GLU A 38 -9.65 2.54 -7.93
CA GLU A 38 -11.05 2.56 -8.37
C GLU A 38 -11.26 3.60 -9.48
N LYS A 39 -10.40 4.62 -9.53
CA LYS A 39 -10.49 5.61 -10.59
C LYS A 39 -9.84 5.11 -11.89
N ILE A 40 -9.14 3.97 -11.82
CA ILE A 40 -8.54 3.37 -13.00
C ILE A 40 -9.51 2.37 -13.62
N SER A 41 -9.49 2.23 -14.94
CA SER A 41 -10.37 1.31 -15.64
C SER A 41 -10.07 -0.14 -15.24
N PHE A 42 -11.12 -0.87 -14.89
CA PHE A 42 -10.97 -2.24 -14.40
C PHE A 42 -10.53 -3.19 -15.52
N SER A 43 -10.57 -2.70 -16.74
CA SER A 43 -10.10 -3.45 -17.88
C SER A 43 -8.61 -3.22 -18.14
N ASP A 44 -8.06 -2.20 -17.49
CA ASP A 44 -6.66 -1.83 -17.72
C ASP A 44 -5.77 -2.39 -16.63
N LEU A 45 -6.26 -2.42 -15.40
CA LEU A 45 -5.50 -2.93 -14.27
C LEU A 45 -5.14 -4.40 -14.47
N PRO A 46 -4.06 -4.87 -13.82
CA PRO A 46 -3.54 -6.24 -14.00
C PRO A 46 -4.57 -7.33 -13.75
N LEU A 47 -4.41 -8.46 -14.43
CA LEU A 47 -5.33 -9.59 -14.33
C LEU A 47 -5.45 -10.07 -12.88
N GLU A 48 -4.38 -9.88 -12.11
CA GLU A 48 -4.40 -10.18 -10.68
C GLU A 48 -5.61 -9.53 -10.01
N LEU A 49 -5.79 -8.24 -10.27
CA LEU A 49 -6.85 -7.47 -9.64
C LEU A 49 -8.21 -7.85 -10.24
N GLN A 50 -8.19 -8.31 -11.48
CA GLN A 50 -9.41 -8.71 -12.17
C GLN A 50 -9.98 -10.01 -11.57
N LYS A 51 -9.09 -10.91 -11.17
CA LYS A 51 -9.50 -12.15 -10.55
C LYS A 51 -9.94 -11.93 -9.12
N LEU A 52 -9.38 -10.90 -8.49
CA LEU A 52 -9.77 -10.52 -7.13
C LEU A 52 -11.18 -9.92 -7.13
N ASP A 53 -12.05 -10.46 -6.30
CA ASP A 53 -13.46 -10.11 -6.33
C ASP A 53 -13.74 -8.82 -5.55
N SER A 54 -12.81 -8.45 -4.68
CA SER A 54 -13.01 -7.29 -3.82
C SER A 54 -11.94 -6.23 -4.08
N LEU A 55 -12.38 -4.97 -4.15
CA LEU A 55 -11.46 -3.85 -4.39
C LEU A 55 -10.39 -3.74 -3.31
N PRO A 56 -10.74 -3.81 -2.00
CA PRO A 56 -9.76 -3.82 -0.91
C PRO A 56 -8.75 -4.95 -1.07
N ALA A 57 -9.22 -6.10 -1.55
CA ALA A 57 -8.35 -7.25 -1.77
C ALA A 57 -7.33 -6.97 -2.87
N GLN A 58 -7.77 -6.22 -3.88
CA GLN A 58 -6.87 -5.81 -4.97
C GLN A 58 -5.74 -4.97 -4.42
N ALA A 59 -6.09 -3.95 -3.65
CA ALA A 59 -5.11 -3.06 -3.05
C ALA A 59 -4.25 -3.81 -2.03
N GLN A 60 -4.85 -4.77 -1.33
CA GLN A 60 -4.14 -5.55 -0.33
C GLN A 60 -3.10 -6.45 -0.99
N HIS A 61 -3.44 -6.99 -2.16
CA HIS A 61 -2.50 -7.84 -2.89
C HIS A 61 -1.36 -7.01 -3.48
N LEU A 62 -1.63 -5.74 -3.74
CA LEU A 62 -0.59 -4.81 -4.15
C LEU A 62 0.48 -4.73 -3.08
N ILE A 63 0.06 -4.42 -1.87
CA ILE A 63 0.95 -4.35 -0.72
C ILE A 63 1.56 -5.72 -0.43
N ASP A 64 0.74 -6.74 -0.63
CA ASP A 64 1.14 -8.13 -0.40
C ASP A 64 2.43 -8.47 -1.14
N THR A 65 2.50 -8.12 -2.41
CA THR A 65 3.73 -8.33 -3.17
C THR A 65 4.47 -7.02 -3.39
N SER A 66 3.89 -6.19 -4.28
CA SER A 66 4.41 -4.88 -4.72
C SER A 66 4.09 -4.69 -6.20
N CYS A 67 3.45 -3.59 -6.52
CA CYS A 67 3.17 -3.23 -7.90
C CYS A 67 3.01 -1.73 -7.98
N GLU A 68 3.81 -1.10 -8.82
CA GLU A 68 3.91 0.35 -8.81
C GLU A 68 2.93 0.94 -9.81
N LEU A 69 2.16 1.90 -9.32
CA LEU A 69 0.94 2.31 -10.02
C LEU A 69 1.03 3.77 -10.46
N ASP A 70 0.78 3.99 -11.75
CA ASP A 70 0.60 5.33 -12.27
C ASP A 70 -0.83 5.76 -11.98
N VAL A 71 -0.98 6.79 -11.18
CA VAL A 71 -2.30 7.16 -10.68
C VAL A 71 -2.81 8.44 -11.33
N GLY A 72 -2.35 8.70 -12.55
CA GLY A 72 -2.87 9.83 -13.30
C GLY A 72 -2.23 11.13 -12.91
N ALA A 73 -2.50 12.18 -13.70
CA ALA A 73 -1.99 13.54 -13.45
C ALA A 73 -0.46 13.59 -13.56
N GLY A 74 0.14 12.47 -13.96
CA GLY A 74 1.58 12.41 -14.06
C GLY A 74 2.25 12.08 -12.74
N LYS A 75 1.44 11.81 -11.71
CA LYS A 75 1.98 11.47 -10.41
C LYS A 75 2.01 9.96 -10.24
N TYR A 76 3.07 9.46 -9.64
CA TYR A 76 3.22 8.03 -9.41
C TYR A 76 3.02 7.71 -7.95
N LEU A 77 2.32 6.62 -7.68
CA LEU A 77 2.06 6.19 -6.32
C LEU A 77 3.12 5.20 -5.88
N GLN A 78 3.94 5.62 -4.93
CA GLN A 78 5.05 4.80 -4.46
C GLN A 78 4.97 4.62 -2.94
N TRP A 79 5.26 3.41 -2.48
CA TRP A 79 5.24 3.13 -1.06
C TRP A 79 6.34 2.13 -0.71
N TYR A 80 7.01 2.35 0.42
CA TYR A 80 8.01 1.43 0.90
C TYR A 80 7.58 0.86 2.24
N ALA A 81 7.73 -0.44 2.42
CA ALA A 81 7.51 -1.04 3.71
C ALA A 81 8.78 -0.90 4.53
N VAL A 82 8.73 -0.08 5.56
CA VAL A 82 9.89 0.18 6.40
C VAL A 82 9.50 0.07 7.86
N ARG A 83 10.00 -0.97 8.51
CA ARG A 83 9.56 -1.29 9.86
C ARG A 83 10.76 -1.51 10.77
N LEU A 84 10.53 -1.31 12.06
CA LEU A 84 11.54 -1.53 13.11
C LEU A 84 12.74 -0.60 12.94
N GLU A 85 12.67 0.56 13.57
CA GLU A 85 13.79 1.48 13.61
C GLU A 85 14.08 1.82 15.07
N LYS A 86 15.29 2.27 15.33
CA LYS A 86 15.73 2.55 16.69
C LYS A 86 14.89 3.65 17.34
N LEU A 87 13.98 3.25 18.22
CA LEU A 87 13.12 4.20 18.91
C LEU A 87 13.22 3.98 20.41
N GLU A 88 14.23 4.57 21.01
CA GLU A 88 14.45 4.47 22.44
C GLU A 88 14.34 5.85 23.09
N HIS A 89 13.28 6.05 23.86
CA HIS A 89 13.05 7.34 24.50
C HIS A 89 13.66 7.37 25.89
N HIS A 90 14.74 8.13 26.04
CA HIS A 90 15.41 8.30 27.31
C HIS A 90 14.77 9.48 28.06
N HIS A 91 15.52 10.05 29.01
CA HIS A 91 15.07 11.23 29.76
C HIS A 91 13.89 10.91 30.68
N HIS A 92 13.62 9.63 30.89
CA HIS A 92 12.56 9.22 31.80
C HIS A 92 13.01 9.52 33.22
N HIS A 93 14.25 9.16 33.50
CA HIS A 93 14.96 9.60 34.68
C HIS A 93 16.39 9.96 34.28
N HIS A 94 16.91 9.15 33.37
CA HIS A 94 18.18 9.42 32.73
C HIS A 94 18.20 8.75 31.35
N MET A 1 6.92 -7.81 12.29
CA MET A 1 6.58 -9.07 11.58
C MET A 1 5.14 -9.02 11.10
N PRO A 2 4.70 -9.98 10.27
CA PRO A 2 3.30 -10.07 9.83
C PRO A 2 2.33 -9.90 11.01
N ASP A 3 1.46 -8.92 10.90
CA ASP A 3 0.59 -8.49 11.99
C ASP A 3 -0.24 -9.64 12.55
N PRO A 4 -0.12 -9.91 13.86
CA PRO A 4 -0.93 -10.91 14.55
C PRO A 4 -2.31 -10.38 14.90
N LEU A 5 -2.49 -9.07 14.74
CA LEU A 5 -3.74 -8.41 15.08
C LEU A 5 -3.94 -7.17 14.22
N MET A 6 -5.18 -6.91 13.83
CA MET A 6 -5.50 -5.74 13.02
C MET A 6 -5.64 -4.50 13.91
N TYR A 7 -4.86 -4.49 14.98
CA TYR A 7 -4.88 -3.40 15.93
C TYR A 7 -3.50 -2.77 16.00
N GLN A 8 -2.56 -3.36 15.28
CA GLN A 8 -1.17 -2.90 15.28
C GLN A 8 -0.53 -3.25 13.94
N GLN A 9 -0.51 -2.28 13.05
CA GLN A 9 0.07 -2.47 11.73
C GLN A 9 1.32 -1.60 11.57
N ASP A 10 2.13 -1.94 10.58
CA ASP A 10 3.41 -1.26 10.37
C ASP A 10 3.18 0.12 9.76
N ASN A 11 4.27 0.83 9.48
CA ASN A 11 4.18 2.19 8.96
C ASN A 11 4.95 2.32 7.65
N PHE A 12 4.25 2.74 6.61
CA PHE A 12 4.83 2.85 5.29
C PHE A 12 5.19 4.29 4.97
N VAL A 13 6.30 4.47 4.25
CA VAL A 13 6.67 5.76 3.73
C VAL A 13 6.44 5.77 2.22
N VAL A 14 5.35 6.38 1.83
CA VAL A 14 4.94 6.39 0.43
C VAL A 14 5.60 7.54 -0.32
N LEU A 15 6.28 7.20 -1.40
CA LEU A 15 6.85 8.21 -2.27
C LEU A 15 5.95 8.39 -3.48
N GLU A 16 5.30 9.53 -3.55
CA GLU A 16 4.32 9.77 -4.59
C GLU A 16 4.45 11.20 -5.09
N THR A 17 3.56 11.61 -5.97
CA THR A 17 3.55 12.96 -6.49
C THR A 17 2.74 13.87 -5.57
N ASN A 18 1.66 13.33 -5.03
CA ASN A 18 0.85 14.03 -4.04
C ASN A 18 0.76 13.21 -2.76
N GLN A 19 1.66 13.47 -1.83
CA GLN A 19 1.72 12.72 -0.59
C GLN A 19 1.52 13.66 0.60
N PRO A 20 0.31 13.67 1.18
CA PRO A 20 -0.05 14.57 2.28
C PRO A 20 0.54 14.13 3.63
N GLU A 21 1.05 15.12 4.37
CA GLU A 21 1.57 14.94 5.72
C GLU A 21 2.94 14.26 5.72
N GLN A 22 3.02 12.96 5.99
CA GLN A 22 4.32 12.32 6.15
C GLN A 22 4.26 10.79 5.99
N PHE A 23 3.59 10.11 6.91
CA PHE A 23 3.61 8.64 6.93
C PHE A 23 2.21 8.09 7.11
N LEU A 24 1.96 6.91 6.56
CA LEU A 24 0.66 6.28 6.68
C LEU A 24 0.80 4.78 6.94
N THR A 25 -0.09 4.24 7.75
CA THR A 25 -0.06 2.83 8.09
C THR A 25 -0.69 1.97 7.01
N THR A 26 -0.65 0.66 7.19
CA THR A 26 -1.24 -0.29 6.25
C THR A 26 -2.71 0.03 5.98
N ILE A 27 -3.43 0.39 7.03
CA ILE A 27 -4.87 0.69 6.92
C ILE A 27 -5.09 1.93 6.07
N GLU A 28 -4.29 2.96 6.31
CA GLU A 28 -4.41 4.22 5.59
C GLU A 28 -3.96 4.04 4.14
N LEU A 29 -2.93 3.23 3.94
CA LEU A 29 -2.45 2.91 2.60
C LEU A 29 -3.52 2.17 1.81
N LEU A 30 -4.25 1.30 2.49
CA LEU A 30 -5.38 0.60 1.88
C LEU A 30 -6.36 1.60 1.28
N GLU A 31 -6.81 2.53 2.10
CA GLU A 31 -7.80 3.51 1.67
C GLU A 31 -7.26 4.37 0.53
N LYS A 32 -5.96 4.65 0.58
CA LYS A 32 -5.30 5.42 -0.48
C LYS A 32 -5.32 4.64 -1.78
N LEU A 33 -4.87 3.39 -1.73
CA LEU A 33 -4.86 2.51 -2.89
C LEU A 33 -6.27 2.31 -3.42
N LYS A 34 -7.17 1.96 -2.53
CA LYS A 34 -8.56 1.66 -2.88
C LYS A 34 -9.19 2.79 -3.70
N GLY A 35 -9.12 4.00 -3.19
CA GLY A 35 -9.76 5.12 -3.87
C GLY A 35 -9.17 5.38 -5.25
N GLU A 36 -7.85 5.40 -5.32
CA GLU A 36 -7.18 5.71 -6.57
C GLU A 36 -7.25 4.53 -7.54
N LEU A 37 -7.51 3.34 -6.99
CA LEU A 37 -7.73 2.15 -7.80
C LEU A 37 -9.18 2.09 -8.28
N GLU A 38 -10.10 2.61 -7.47
CA GLU A 38 -11.51 2.70 -7.84
C GLU A 38 -11.71 3.52 -9.09
N LYS A 39 -10.94 4.60 -9.22
CA LYS A 39 -11.03 5.46 -10.39
C LYS A 39 -10.28 4.85 -11.60
N ILE A 40 -9.68 3.69 -11.40
CA ILE A 40 -8.99 3.00 -12.48
C ILE A 40 -9.91 1.98 -13.15
N SER A 41 -9.82 1.90 -14.47
CA SER A 41 -10.61 0.95 -15.23
C SER A 41 -10.09 -0.46 -15.05
N PHE A 42 -10.97 -1.45 -15.10
CA PHE A 42 -10.55 -2.84 -15.01
C PHE A 42 -9.73 -3.23 -16.24
N SER A 43 -9.91 -2.49 -17.33
CA SER A 43 -9.13 -2.70 -18.53
C SER A 43 -7.83 -1.89 -18.48
N ASP A 44 -7.61 -1.21 -17.35
CA ASP A 44 -6.44 -0.38 -17.18
C ASP A 44 -5.54 -0.94 -16.07
N LEU A 45 -6.17 -1.59 -15.09
CA LEU A 45 -5.43 -2.24 -14.01
C LEU A 45 -5.01 -3.66 -14.41
N PRO A 46 -3.92 -4.17 -13.80
CA PRO A 46 -3.36 -5.50 -14.11
C PRO A 46 -4.38 -6.63 -14.02
N LEU A 47 -4.13 -7.69 -14.79
CA LEU A 47 -5.05 -8.83 -14.88
C LEU A 47 -5.22 -9.53 -13.54
N GLU A 48 -4.19 -9.46 -12.69
CA GLU A 48 -4.25 -10.05 -11.36
C GLU A 48 -5.39 -9.43 -10.56
N LEU A 49 -5.53 -8.12 -10.68
CA LEU A 49 -6.55 -7.39 -9.95
C LEU A 49 -7.93 -7.67 -10.55
N GLN A 50 -7.96 -8.10 -11.80
CA GLN A 50 -9.20 -8.43 -12.48
C GLN A 50 -9.74 -9.76 -11.95
N LYS A 51 -8.84 -10.65 -11.57
CA LYS A 51 -9.24 -11.92 -10.98
C LYS A 51 -9.66 -11.72 -9.52
N LEU A 52 -9.14 -10.67 -8.91
CA LEU A 52 -9.57 -10.28 -7.57
C LEU A 52 -10.89 -9.53 -7.64
N ASP A 53 -11.95 -10.20 -7.22
CA ASP A 53 -13.31 -9.72 -7.42
C ASP A 53 -13.60 -8.42 -6.70
N SER A 54 -12.93 -8.17 -5.58
CA SER A 54 -13.26 -7.02 -4.76
C SER A 54 -12.07 -6.06 -4.66
N LEU A 55 -12.38 -4.77 -4.63
CA LEU A 55 -11.38 -3.71 -4.54
C LEU A 55 -10.45 -3.88 -3.32
N PRO A 56 -10.99 -4.07 -2.09
CA PRO A 56 -10.16 -4.28 -0.89
C PRO A 56 -9.14 -5.40 -1.08
N ALA A 57 -9.55 -6.48 -1.73
CA ALA A 57 -8.68 -7.62 -1.98
C ALA A 57 -7.55 -7.24 -2.91
N GLN A 58 -7.87 -6.44 -3.93
CA GLN A 58 -6.89 -5.97 -4.89
C GLN A 58 -5.82 -5.14 -4.20
N ALA A 59 -6.25 -4.09 -3.51
CA ALA A 59 -5.33 -3.18 -2.83
C ALA A 59 -4.53 -3.89 -1.74
N GLN A 60 -5.18 -4.78 -1.02
CA GLN A 60 -4.52 -5.53 0.04
C GLN A 60 -3.43 -6.44 -0.51
N HIS A 61 -3.68 -7.04 -1.67
CA HIS A 61 -2.72 -7.95 -2.26
C HIS A 61 -1.54 -7.17 -2.85
N LEU A 62 -1.79 -5.92 -3.22
CA LEU A 62 -0.72 -5.03 -3.63
C LEU A 62 0.27 -4.87 -2.49
N ILE A 63 -0.27 -4.65 -1.29
CA ILE A 63 0.53 -4.51 -0.08
C ILE A 63 1.23 -5.83 0.28
N ASP A 64 0.66 -6.95 -0.17
CA ASP A 64 1.28 -8.25 0.03
C ASP A 64 2.62 -8.29 -0.68
N THR A 65 2.65 -7.81 -1.90
CA THR A 65 3.87 -7.79 -2.69
C THR A 65 4.47 -6.39 -2.78
N SER A 66 3.93 -5.59 -3.72
CA SER A 66 4.42 -4.26 -4.12
C SER A 66 4.19 -4.09 -5.62
N CYS A 67 3.75 -2.91 -6.02
CA CYS A 67 3.52 -2.63 -7.44
C CYS A 67 3.76 -1.16 -7.73
N GLU A 68 4.13 -0.86 -8.96
CA GLU A 68 4.28 0.52 -9.40
C GLU A 68 2.99 0.95 -10.11
N LEU A 69 2.31 1.92 -9.54
CA LEU A 69 0.98 2.27 -9.99
C LEU A 69 0.91 3.69 -10.53
N ASP A 70 0.46 3.82 -11.76
CA ASP A 70 0.16 5.13 -12.34
C ASP A 70 -1.19 5.59 -11.82
N VAL A 71 -1.17 6.57 -10.95
CA VAL A 71 -2.38 6.98 -10.26
C VAL A 71 -2.98 8.25 -10.83
N GLY A 72 -2.64 8.56 -12.07
CA GLY A 72 -3.31 9.64 -12.78
C GLY A 72 -2.53 10.94 -12.74
N ALA A 73 -2.70 11.74 -13.79
CA ALA A 73 -2.08 13.08 -13.89
C ALA A 73 -0.56 13.01 -13.94
N GLY A 74 -0.03 11.81 -14.12
CA GLY A 74 1.41 11.64 -14.14
C GLY A 74 1.96 11.37 -12.75
N LYS A 75 1.06 11.08 -11.82
CA LYS A 75 1.46 10.70 -10.48
C LYS A 75 1.89 9.25 -10.46
N TYR A 76 3.01 8.97 -9.81
CA TYR A 76 3.49 7.61 -9.68
C TYR A 76 3.44 7.18 -8.22
N LEU A 77 2.72 6.11 -7.96
CA LEU A 77 2.51 5.64 -6.60
C LEU A 77 3.35 4.42 -6.30
N GLN A 78 4.26 4.56 -5.34
CA GLN A 78 5.01 3.44 -4.81
C GLN A 78 5.10 3.54 -3.30
N TRP A 79 5.11 2.40 -2.63
CA TRP A 79 5.14 2.38 -1.18
C TRP A 79 6.19 1.40 -0.68
N TYR A 80 6.94 1.81 0.32
CA TYR A 80 7.83 0.91 1.02
C TYR A 80 7.81 1.24 2.51
N ALA A 81 7.96 0.22 3.33
CA ALA A 81 7.85 0.40 4.77
C ALA A 81 9.21 0.58 5.41
N VAL A 82 9.31 1.58 6.25
CA VAL A 82 10.51 1.78 7.05
C VAL A 82 10.41 0.90 8.30
N ARG A 83 11.13 -0.20 8.29
CA ARG A 83 10.93 -1.25 9.28
C ARG A 83 12.22 -1.58 10.00
N LEU A 84 12.07 -2.30 11.10
CA LEU A 84 13.22 -2.87 11.79
C LEU A 84 13.68 -4.13 11.05
N GLU A 85 14.43 -5.00 11.73
CA GLU A 85 15.03 -6.18 11.11
C GLU A 85 16.05 -5.74 10.07
N LYS A 86 16.58 -4.53 10.25
CA LYS A 86 17.54 -3.96 9.32
C LYS A 86 18.90 -4.62 9.51
N LEU A 87 19.33 -4.73 10.75
CA LEU A 87 20.55 -5.44 11.07
C LEU A 87 20.28 -6.95 11.00
N GLU A 88 21.13 -7.67 10.28
CA GLU A 88 20.92 -9.09 10.04
C GLU A 88 19.56 -9.31 9.39
N HIS A 89 19.33 -8.56 8.31
CA HIS A 89 18.02 -8.43 7.66
C HIS A 89 17.38 -9.78 7.36
N HIS A 90 16.45 -10.16 8.26
CA HIS A 90 15.61 -11.37 8.19
C HIS A 90 15.99 -12.33 7.06
N HIS A 91 16.86 -13.28 7.37
CA HIS A 91 17.28 -14.26 6.36
C HIS A 91 17.78 -15.55 7.01
N HIS A 92 17.07 -16.64 6.75
CA HIS A 92 17.55 -17.98 7.05
C HIS A 92 17.83 -18.66 5.72
N HIS A 93 16.93 -18.41 4.76
CA HIS A 93 17.06 -18.91 3.40
C HIS A 93 16.96 -20.44 3.34
N HIS A 94 15.78 -20.93 3.04
CA HIS A 94 15.59 -22.35 2.82
C HIS A 94 16.21 -22.74 1.49
N MET A 1 -6.82 -15.67 19.38
CA MET A 1 -6.91 -14.50 18.48
C MET A 1 -6.22 -14.82 17.14
N PRO A 2 -7.01 -15.11 16.10
CA PRO A 2 -6.49 -15.40 14.76
C PRO A 2 -5.77 -14.21 14.16
N ASP A 3 -6.29 -13.01 14.44
CA ASP A 3 -5.65 -11.77 14.05
C ASP A 3 -4.73 -11.30 15.17
N PRO A 4 -3.41 -11.45 15.01
CA PRO A 4 -2.46 -11.17 16.08
C PRO A 4 -2.15 -9.69 16.28
N LEU A 5 -2.31 -8.90 15.22
CA LEU A 5 -1.94 -7.50 15.29
C LEU A 5 -3.15 -6.60 15.08
N MET A 6 -3.69 -6.12 16.19
CA MET A 6 -4.79 -5.15 16.15
C MET A 6 -4.36 -3.86 16.85
N TYR A 7 -3.09 -3.81 17.21
CA TYR A 7 -2.56 -2.70 17.98
C TYR A 7 -2.06 -1.60 17.05
N GLN A 8 -0.96 -1.89 16.37
CA GLN A 8 -0.37 -0.94 15.43
C GLN A 8 0.36 -1.70 14.33
N GLN A 9 -0.08 -1.49 13.10
CA GLN A 9 0.46 -2.21 11.96
C GLN A 9 1.73 -1.55 11.46
N ASP A 10 2.43 -2.22 10.56
CA ASP A 10 3.64 -1.66 9.96
C ASP A 10 3.29 -0.43 9.14
N ASN A 11 4.21 0.52 9.07
CA ASN A 11 3.93 1.78 8.38
C ASN A 11 4.66 1.83 7.05
N PHE A 12 3.96 2.32 6.04
CA PHE A 12 4.52 2.39 4.71
C PHE A 12 4.76 3.84 4.33
N VAL A 13 5.86 4.09 3.64
CA VAL A 13 6.19 5.44 3.20
C VAL A 13 5.53 5.72 1.86
N VAL A 14 4.60 6.67 1.87
CA VAL A 14 3.84 7.01 0.68
C VAL A 14 4.34 8.31 0.10
N LEU A 15 5.06 8.23 -1.01
CA LEU A 15 5.65 9.39 -1.63
C LEU A 15 4.93 9.75 -2.91
N GLU A 16 4.25 10.90 -2.89
CA GLU A 16 3.62 11.43 -4.08
C GLU A 16 4.42 12.60 -4.63
N THR A 17 4.21 12.91 -5.89
CA THR A 17 4.95 13.96 -6.58
C THR A 17 4.74 15.34 -5.94
N ASN A 18 3.51 15.62 -5.54
CA ASN A 18 3.14 16.94 -5.07
C ASN A 18 3.10 17.02 -3.54
N GLN A 19 2.22 16.27 -2.91
CA GLN A 19 2.07 16.32 -1.47
C GLN A 19 2.04 14.92 -0.88
N PRO A 20 3.19 14.45 -0.37
CA PRO A 20 3.29 13.16 0.31
C PRO A 20 2.93 13.24 1.79
N GLU A 21 2.39 12.16 2.33
CA GLU A 21 2.01 12.10 3.75
C GLU A 21 3.11 11.42 4.56
N GLN A 22 4.30 11.35 3.97
CA GLN A 22 5.45 10.69 4.58
C GLN A 22 5.19 9.19 4.76
N PHE A 23 4.58 8.82 5.88
CA PHE A 23 4.31 7.42 6.14
C PHE A 23 2.98 7.26 6.89
N LEU A 24 2.23 6.25 6.52
CA LEU A 24 0.95 5.94 7.16
C LEU A 24 0.83 4.44 7.43
N THR A 25 -0.22 4.03 8.10
CA THR A 25 -0.39 2.64 8.47
C THR A 25 -0.95 1.82 7.31
N THR A 26 -0.83 0.50 7.41
CA THR A 26 -1.27 -0.42 6.35
C THR A 26 -2.72 -0.17 5.93
N ILE A 27 -3.58 0.10 6.90
CA ILE A 27 -5.00 0.26 6.64
C ILE A 27 -5.29 1.52 5.83
N GLU A 28 -4.66 2.63 6.22
CA GLU A 28 -4.82 3.88 5.49
C GLU A 28 -4.34 3.73 4.06
N LEU A 29 -3.25 2.99 3.88
CA LEU A 29 -2.73 2.71 2.54
C LEU A 29 -3.72 1.87 1.75
N LEU A 30 -4.34 0.92 2.43
CA LEU A 30 -5.34 0.05 1.82
C LEU A 30 -6.52 0.87 1.32
N GLU A 31 -7.02 1.75 2.18
CA GLU A 31 -8.15 2.60 1.83
C GLU A 31 -7.76 3.61 0.76
N LYS A 32 -6.51 4.05 0.80
CA LYS A 32 -6.00 4.99 -0.18
C LYS A 32 -5.93 4.34 -1.56
N LEU A 33 -5.29 3.18 -1.61
CA LEU A 33 -5.08 2.46 -2.87
C LEU A 33 -6.40 2.06 -3.53
N LYS A 34 -7.45 1.85 -2.73
CA LYS A 34 -8.75 1.53 -3.30
C LYS A 34 -9.26 2.67 -4.19
N GLY A 35 -9.03 3.91 -3.76
CA GLY A 35 -9.42 5.05 -4.56
C GLY A 35 -8.50 5.22 -5.76
N GLU A 36 -7.20 5.08 -5.50
CA GLU A 36 -6.19 5.12 -6.56
C GLU A 36 -6.47 4.05 -7.61
N LEU A 37 -7.04 2.94 -7.17
CA LEU A 37 -7.29 1.80 -8.05
C LEU A 37 -8.61 1.94 -8.79
N GLU A 38 -9.65 2.42 -8.11
CA GLU A 38 -10.97 2.53 -8.72
C GLU A 38 -10.99 3.58 -9.84
N LYS A 39 -10.08 4.53 -9.78
CA LYS A 39 -9.97 5.56 -10.81
C LYS A 39 -9.14 5.04 -11.99
N ILE A 40 -8.72 3.78 -11.88
CA ILE A 40 -8.02 3.10 -12.97
C ILE A 40 -8.94 2.03 -13.56
N SER A 41 -8.86 1.84 -14.87
CA SER A 41 -9.70 0.86 -15.57
C SER A 41 -9.47 -0.54 -15.02
N PHE A 42 -10.55 -1.25 -14.76
CA PHE A 42 -10.47 -2.60 -14.22
C PHE A 42 -9.98 -3.57 -15.30
N SER A 43 -9.91 -3.08 -16.53
CA SER A 43 -9.37 -3.87 -17.62
C SER A 43 -7.88 -3.57 -17.81
N ASP A 44 -7.44 -2.49 -17.17
CA ASP A 44 -6.05 -2.04 -17.30
C ASP A 44 -5.21 -2.48 -16.12
N LEU A 45 -5.81 -2.48 -14.93
CA LEU A 45 -5.10 -2.88 -13.71
C LEU A 45 -4.65 -4.35 -13.78
N PRO A 46 -3.67 -4.74 -12.94
CA PRO A 46 -3.10 -6.09 -12.93
C PRO A 46 -4.14 -7.20 -13.00
N LEU A 47 -3.81 -8.25 -13.75
CA LEU A 47 -4.71 -9.38 -13.99
C LEU A 47 -5.22 -9.95 -12.67
N GLU A 48 -4.34 -10.06 -11.69
CA GLU A 48 -4.71 -10.66 -10.41
C GLU A 48 -5.86 -9.88 -9.77
N LEU A 49 -5.88 -8.57 -10.01
CA LEU A 49 -6.90 -7.70 -9.44
C LEU A 49 -8.22 -7.84 -10.19
N GLN A 50 -8.12 -8.34 -11.42
CA GLN A 50 -9.30 -8.57 -12.24
C GLN A 50 -10.01 -9.83 -11.78
N LYS A 51 -9.24 -10.77 -11.24
CA LYS A 51 -9.79 -12.00 -10.70
C LYS A 51 -10.42 -11.75 -9.34
N LEU A 52 -9.84 -10.82 -8.58
CA LEU A 52 -10.41 -10.39 -7.32
C LEU A 52 -11.57 -9.43 -7.58
N ASP A 53 -12.65 -9.57 -6.84
CA ASP A 53 -13.83 -8.77 -7.12
C ASP A 53 -13.92 -7.56 -6.19
N SER A 54 -13.39 -7.71 -4.99
CA SER A 54 -13.49 -6.66 -4.00
C SER A 54 -12.24 -5.78 -3.98
N LEU A 55 -12.46 -4.46 -4.03
CA LEU A 55 -11.38 -3.48 -3.98
C LEU A 55 -10.39 -3.74 -2.82
N PRO A 56 -10.88 -3.97 -1.57
CA PRO A 56 -10.02 -4.26 -0.43
C PRO A 56 -9.07 -5.44 -0.68
N ALA A 57 -9.49 -6.38 -1.52
CA ALA A 57 -8.68 -7.54 -1.81
C ALA A 57 -7.62 -7.20 -2.84
N GLN A 58 -8.03 -6.43 -3.84
CA GLN A 58 -7.16 -5.99 -4.91
C GLN A 58 -6.05 -5.09 -4.35
N ALA A 59 -6.45 -4.13 -3.54
CA ALA A 59 -5.50 -3.18 -2.96
C ALA A 59 -4.58 -3.86 -1.96
N GLN A 60 -5.09 -4.85 -1.24
CA GLN A 60 -4.28 -5.61 -0.29
C GLN A 60 -3.19 -6.37 -1.04
N HIS A 61 -3.56 -6.97 -2.18
CA HIS A 61 -2.61 -7.66 -3.04
C HIS A 61 -1.45 -6.76 -3.40
N LEU A 62 -1.77 -5.50 -3.75
CA LEU A 62 -0.76 -4.51 -4.08
C LEU A 62 0.23 -4.35 -2.92
N ILE A 63 -0.33 -4.08 -1.74
CA ILE A 63 0.46 -3.83 -0.53
C ILE A 63 1.33 -5.02 -0.16
N ASP A 64 0.74 -6.21 -0.21
CA ASP A 64 1.42 -7.42 0.24
C ASP A 64 2.64 -7.73 -0.64
N THR A 65 2.55 -7.36 -1.91
CA THR A 65 3.65 -7.58 -2.83
C THR A 65 4.33 -6.27 -3.23
N SER A 66 3.72 -5.58 -4.20
CA SER A 66 4.25 -4.38 -4.88
C SER A 66 3.79 -4.42 -6.34
N CYS A 67 3.33 -3.29 -6.85
CA CYS A 67 2.88 -3.21 -8.23
C CYS A 67 3.08 -1.80 -8.77
N GLU A 68 2.94 -1.64 -10.09
CA GLU A 68 3.08 -0.33 -10.71
C GLU A 68 1.70 0.28 -10.90
N LEU A 69 1.58 1.58 -10.62
CA LEU A 69 0.28 2.23 -10.72
C LEU A 69 0.46 3.72 -11.05
N ASP A 70 0.02 4.11 -12.24
CA ASP A 70 -0.08 5.53 -12.58
C ASP A 70 -1.28 6.11 -11.87
N VAL A 71 -1.06 7.10 -11.03
CA VAL A 71 -2.09 7.59 -10.14
C VAL A 71 -2.72 8.90 -10.62
N GLY A 72 -2.56 9.18 -11.91
CA GLY A 72 -3.27 10.29 -12.51
C GLY A 72 -2.48 11.58 -12.49
N ALA A 73 -2.83 12.48 -13.42
CA ALA A 73 -2.24 13.83 -13.51
C ALA A 73 -0.77 13.79 -13.90
N GLY A 74 -0.20 12.60 -14.01
CA GLY A 74 1.19 12.47 -14.34
C GLY A 74 2.07 12.44 -13.10
N LYS A 75 1.43 12.36 -11.93
CA LYS A 75 2.17 12.27 -10.68
C LYS A 75 2.47 10.81 -10.38
N TYR A 76 3.50 10.57 -9.58
CA TYR A 76 3.92 9.21 -9.30
C TYR A 76 3.54 8.82 -7.88
N LEU A 77 3.41 7.52 -7.66
CA LEU A 77 3.12 6.98 -6.33
C LEU A 77 3.79 5.62 -6.16
N GLN A 78 4.57 5.49 -5.10
CA GLN A 78 5.13 4.21 -4.72
C GLN A 78 5.20 4.12 -3.21
N TRP A 79 5.14 2.90 -2.70
CA TRP A 79 5.14 2.68 -1.26
C TRP A 79 6.21 1.67 -0.89
N TYR A 80 6.88 1.89 0.22
CA TYR A 80 7.84 0.92 0.71
C TYR A 80 7.75 0.85 2.23
N ALA A 81 7.94 -0.36 2.76
CA ALA A 81 7.79 -0.59 4.19
C ALA A 81 9.09 -0.28 4.93
N VAL A 82 9.03 0.64 5.86
CA VAL A 82 10.19 0.95 6.69
C VAL A 82 10.20 0.04 7.91
N ARG A 83 11.07 -0.95 7.86
CA ARG A 83 11.19 -1.93 8.93
C ARG A 83 12.66 -2.15 9.23
N LEU A 84 13.03 -2.11 10.50
CA LEU A 84 14.42 -2.25 10.88
C LEU A 84 14.55 -3.30 11.99
N GLU A 85 14.89 -4.53 11.60
CA GLU A 85 15.01 -5.62 12.56
C GLU A 85 16.22 -5.41 13.46
N LYS A 86 17.19 -4.64 12.94
CA LYS A 86 18.41 -4.23 13.66
C LYS A 86 19.30 -5.41 14.06
N LEU A 87 20.55 -5.08 14.38
CA LEU A 87 21.56 -6.05 14.83
C LEU A 87 22.06 -6.91 13.68
N GLU A 88 21.14 -7.63 13.05
CA GLU A 88 21.48 -8.57 12.01
C GLU A 88 21.82 -7.87 10.71
N HIS A 89 22.71 -8.46 9.93
CA HIS A 89 23.16 -7.87 8.67
C HIS A 89 23.13 -8.89 7.55
N HIS A 90 23.12 -10.17 7.90
CA HIS A 90 23.17 -11.22 6.90
C HIS A 90 21.81 -11.36 6.21
N HIS A 91 21.63 -10.59 5.16
CA HIS A 91 20.40 -10.61 4.38
C HIS A 91 20.26 -11.95 3.67
N HIS A 92 19.14 -12.61 3.88
CA HIS A 92 18.93 -13.95 3.33
C HIS A 92 17.47 -14.14 2.94
N HIS A 93 16.84 -13.06 2.53
CA HIS A 93 15.45 -13.07 2.09
C HIS A 93 15.16 -11.76 1.37
N HIS A 94 15.44 -10.67 2.07
CA HIS A 94 15.38 -9.35 1.49
C HIS A 94 16.37 -8.46 2.20
N MET A 1 -4.20 -20.83 4.76
CA MET A 1 -3.11 -19.96 5.22
C MET A 1 -3.45 -19.34 6.57
N PRO A 2 -2.51 -19.40 7.53
CA PRO A 2 -2.68 -18.74 8.83
C PRO A 2 -2.57 -17.22 8.69
N ASP A 3 -3.13 -16.49 9.64
CA ASP A 3 -3.11 -15.03 9.58
C ASP A 3 -1.68 -14.50 9.58
N PRO A 4 -1.27 -13.87 8.47
CA PRO A 4 0.10 -13.37 8.29
C PRO A 4 0.31 -12.03 9.00
N LEU A 5 -0.79 -11.43 9.44
CA LEU A 5 -0.75 -10.08 9.97
C LEU A 5 -0.41 -10.07 11.46
N MET A 6 0.74 -10.65 11.78
CA MET A 6 1.22 -10.66 13.17
C MET A 6 1.89 -9.33 13.47
N TYR A 7 2.06 -8.52 12.44
CA TYR A 7 2.63 -7.19 12.58
C TYR A 7 1.52 -6.20 12.89
N GLN A 8 0.28 -6.67 12.76
CA GLN A 8 -0.93 -5.87 12.98
C GLN A 8 -1.06 -4.78 11.92
N GLN A 9 -0.24 -3.75 12.02
CA GLN A 9 -0.29 -2.63 11.11
C GLN A 9 1.11 -2.04 10.92
N ASP A 10 1.71 -2.32 9.77
CA ASP A 10 3.00 -1.74 9.43
C ASP A 10 2.79 -0.33 8.92
N ASN A 11 3.82 0.50 9.02
CA ASN A 11 3.73 1.87 8.54
C ASN A 11 4.51 2.03 7.25
N PHE A 12 3.88 2.64 6.27
CA PHE A 12 4.46 2.78 4.95
C PHE A 12 4.66 4.25 4.62
N VAL A 13 5.80 4.57 4.04
CA VAL A 13 6.05 5.92 3.57
C VAL A 13 5.62 6.05 2.12
N VAL A 14 4.56 6.81 1.90
CA VAL A 14 3.98 6.92 0.57
C VAL A 14 4.47 8.17 -0.13
N LEU A 15 5.13 7.98 -1.26
CA LEU A 15 5.64 9.08 -2.05
C LEU A 15 4.82 9.23 -3.33
N GLU A 16 3.93 10.21 -3.33
CA GLU A 16 3.12 10.48 -4.50
C GLU A 16 3.78 11.53 -5.37
N THR A 17 3.70 11.34 -6.68
CA THR A 17 4.23 12.29 -7.64
C THR A 17 3.59 13.66 -7.48
N ASN A 18 2.28 13.65 -7.25
CA ASN A 18 1.51 14.89 -7.14
C ASN A 18 1.86 15.63 -5.85
N GLN A 19 1.62 15.00 -4.71
CA GLN A 19 1.93 15.60 -3.42
C GLN A 19 2.18 14.48 -2.41
N PRO A 20 3.44 14.32 -1.98
CA PRO A 20 3.80 13.32 -0.97
C PRO A 20 3.33 13.73 0.42
N GLU A 21 2.60 12.85 1.08
CA GLU A 21 2.03 13.17 2.38
C GLU A 21 3.01 12.85 3.51
N GLN A 22 2.80 11.72 4.15
CA GLN A 22 3.57 11.31 5.32
C GLN A 22 3.69 9.80 5.34
N PHE A 23 4.04 9.25 6.48
CA PHE A 23 3.98 7.81 6.67
C PHE A 23 2.62 7.45 7.24
N LEU A 24 1.99 6.44 6.68
CA LEU A 24 0.68 6.02 7.14
C LEU A 24 0.64 4.52 7.34
N THR A 25 -0.27 4.06 8.16
CA THR A 25 -0.33 2.67 8.52
C THR A 25 -1.06 1.85 7.45
N THR A 26 -1.00 0.53 7.58
CA THR A 26 -1.54 -0.40 6.59
C THR A 26 -3.00 -0.10 6.24
N ILE A 27 -3.81 0.19 7.25
CA ILE A 27 -5.24 0.39 7.05
C ILE A 27 -5.50 1.65 6.22
N GLU A 28 -4.85 2.74 6.60
CA GLU A 28 -4.98 4.00 5.89
C GLU A 28 -4.45 3.89 4.47
N LEU A 29 -3.36 3.12 4.30
CA LEU A 29 -2.80 2.87 3.00
C LEU A 29 -3.78 2.10 2.13
N LEU A 30 -4.41 1.10 2.73
CA LEU A 30 -5.45 0.32 2.06
C LEU A 30 -6.54 1.24 1.52
N GLU A 31 -7.06 2.09 2.39
CA GLU A 31 -8.13 3.01 2.03
C GLU A 31 -7.69 3.98 0.92
N LYS A 32 -6.43 4.41 0.98
CA LYS A 32 -5.88 5.25 -0.09
C LYS A 32 -5.85 4.47 -1.40
N LEU A 33 -5.28 3.27 -1.35
CA LEU A 33 -5.15 2.44 -2.54
C LEU A 33 -6.51 2.07 -3.12
N LYS A 34 -7.48 1.81 -2.26
CA LYS A 34 -8.84 1.49 -2.72
C LYS A 34 -9.43 2.63 -3.53
N GLY A 35 -9.17 3.86 -3.11
CA GLY A 35 -9.66 5.02 -3.84
C GLY A 35 -8.83 5.30 -5.09
N GLU A 36 -7.53 5.19 -4.95
CA GLU A 36 -6.61 5.40 -6.05
C GLU A 36 -6.76 4.31 -7.10
N LEU A 37 -7.30 3.17 -6.69
CA LEU A 37 -7.51 2.05 -7.60
C LEU A 37 -8.84 2.19 -8.35
N GLU A 38 -9.87 2.67 -7.66
CA GLU A 38 -11.19 2.79 -8.26
C GLU A 38 -11.21 3.89 -9.31
N LYS A 39 -10.35 4.90 -9.17
CA LYS A 39 -10.28 5.98 -10.15
C LYS A 39 -9.57 5.50 -11.43
N ILE A 40 -8.93 4.34 -11.35
CA ILE A 40 -8.32 3.72 -12.51
C ILE A 40 -9.29 2.72 -13.13
N SER A 41 -9.37 2.72 -14.45
CA SER A 41 -10.30 1.86 -15.17
C SER A 41 -10.00 0.38 -14.91
N PHE A 42 -11.05 -0.43 -14.86
CA PHE A 42 -10.92 -1.85 -14.51
C PHE A 42 -10.06 -2.61 -15.52
N SER A 43 -10.16 -2.24 -16.79
CA SER A 43 -9.33 -2.86 -17.82
C SER A 43 -7.92 -2.30 -17.80
N ASP A 44 -7.74 -1.21 -17.06
CA ASP A 44 -6.47 -0.50 -17.03
C ASP A 44 -5.62 -0.94 -15.84
N LEU A 45 -6.25 -1.54 -14.85
CA LEU A 45 -5.55 -2.04 -13.69
C LEU A 45 -5.02 -3.46 -13.95
N PRO A 46 -3.98 -3.88 -13.22
CA PRO A 46 -3.34 -5.20 -13.38
C PRO A 46 -4.34 -6.36 -13.40
N LEU A 47 -4.06 -7.35 -14.23
CA LEU A 47 -4.93 -8.52 -14.39
C LEU A 47 -5.07 -9.27 -13.07
N GLU A 48 -4.02 -9.23 -12.25
CA GLU A 48 -4.04 -9.86 -10.93
C GLU A 48 -5.20 -9.32 -10.10
N LEU A 49 -5.45 -8.02 -10.23
CA LEU A 49 -6.51 -7.37 -9.48
C LEU A 49 -7.87 -7.74 -10.05
N GLN A 50 -7.89 -8.07 -11.34
CA GLN A 50 -9.12 -8.52 -11.99
C GLN A 50 -9.46 -9.94 -11.57
N LYS A 51 -8.43 -10.71 -11.21
CA LYS A 51 -8.61 -12.05 -10.69
C LYS A 51 -9.22 -11.98 -9.29
N LEU A 52 -8.81 -10.95 -8.55
CA LEU A 52 -9.36 -10.70 -7.22
C LEU A 52 -10.77 -10.17 -7.33
N ASP A 53 -11.63 -10.61 -6.44
CA ASP A 53 -13.05 -10.31 -6.52
C ASP A 53 -13.39 -9.03 -5.77
N SER A 54 -12.70 -8.81 -4.66
CA SER A 54 -12.96 -7.67 -3.80
C SER A 54 -11.96 -6.54 -4.05
N LEU A 55 -12.45 -5.30 -3.98
CA LEU A 55 -11.60 -4.12 -4.16
C LEU A 55 -10.51 -4.05 -3.09
N PRO A 56 -10.83 -4.21 -1.77
CA PRO A 56 -9.83 -4.23 -0.72
C PRO A 56 -8.76 -5.30 -0.95
N ALA A 57 -9.20 -6.45 -1.47
CA ALA A 57 -8.30 -7.56 -1.76
C ALA A 57 -7.29 -7.15 -2.82
N GLN A 58 -7.74 -6.38 -3.79
CA GLN A 58 -6.88 -5.89 -4.84
C GLN A 58 -5.81 -4.98 -4.27
N ALA A 59 -6.23 -3.99 -3.51
CA ALA A 59 -5.31 -3.03 -2.92
C ALA A 59 -4.33 -3.71 -1.97
N GLN A 60 -4.83 -4.67 -1.19
CA GLN A 60 -4.00 -5.40 -0.23
C GLN A 60 -2.95 -6.23 -0.96
N HIS A 61 -3.35 -6.87 -2.05
CA HIS A 61 -2.43 -7.69 -2.83
C HIS A 61 -1.40 -6.83 -3.54
N LEU A 62 -1.80 -5.61 -3.92
CA LEU A 62 -0.87 -4.65 -4.48
C LEU A 62 0.31 -4.47 -3.54
N ILE A 63 -0.01 -4.19 -2.28
CA ILE A 63 1.00 -3.97 -1.24
C ILE A 63 1.91 -5.18 -1.09
N ASP A 64 1.31 -6.37 -1.17
CA ASP A 64 2.02 -7.61 -0.88
C ASP A 64 3.04 -7.98 -1.96
N THR A 65 2.64 -7.91 -3.22
CA THR A 65 3.46 -8.46 -4.29
C THR A 65 4.25 -7.38 -5.04
N SER A 66 3.78 -6.14 -5.03
CA SER A 66 4.42 -5.09 -5.82
C SER A 66 4.35 -3.74 -5.11
N CYS A 67 4.89 -2.71 -5.76
CA CYS A 67 4.69 -1.34 -5.34
C CYS A 67 4.74 -0.43 -6.55
N GLU A 68 3.57 -0.06 -7.05
CA GLU A 68 3.43 0.89 -8.14
C GLU A 68 1.95 1.18 -8.38
N LEU A 69 1.66 2.33 -8.96
CA LEU A 69 0.31 2.64 -9.40
C LEU A 69 0.34 3.86 -10.30
N ASP A 70 0.06 3.67 -11.58
CA ASP A 70 0.00 4.77 -12.53
C ASP A 70 -1.22 5.62 -12.25
N VAL A 71 -0.99 6.87 -11.87
CA VAL A 71 -2.08 7.78 -11.54
C VAL A 71 -2.06 9.01 -12.43
N GLY A 72 -1.36 8.91 -13.54
CA GLY A 72 -1.31 10.02 -14.49
C GLY A 72 -0.05 10.00 -15.32
N ALA A 73 -0.04 10.84 -16.35
CA ALA A 73 1.12 10.97 -17.22
C ALA A 73 2.32 11.52 -16.45
N GLY A 74 3.19 10.61 -16.03
CA GLY A 74 4.36 11.01 -15.26
C GLY A 74 4.11 10.91 -13.77
N LYS A 75 2.88 10.60 -13.39
CA LYS A 75 2.51 10.50 -11.99
C LYS A 75 2.33 9.04 -11.60
N TYR A 76 3.01 8.63 -10.54
CA TYR A 76 2.87 7.28 -10.05
C TYR A 76 2.77 7.28 -8.53
N LEU A 77 2.13 6.25 -8.00
CA LEU A 77 1.99 6.06 -6.57
C LEU A 77 2.91 4.93 -6.12
N GLN A 78 3.86 5.25 -5.26
CA GLN A 78 4.78 4.25 -4.73
C GLN A 78 4.75 4.28 -3.21
N TRP A 79 5.07 3.14 -2.61
CA TRP A 79 5.08 3.02 -1.17
C TRP A 79 6.06 1.92 -0.75
N TYR A 80 6.78 2.13 0.33
CA TYR A 80 7.64 1.09 0.87
C TYR A 80 7.60 1.09 2.38
N ALA A 81 7.65 -0.10 2.97
CA ALA A 81 7.58 -0.24 4.42
C ALA A 81 8.95 -0.11 5.04
N VAL A 82 9.00 0.52 6.20
CA VAL A 82 10.24 0.64 6.95
C VAL A 82 10.16 -0.18 8.23
N ARG A 83 10.84 -1.32 8.22
CA ARG A 83 10.85 -2.21 9.37
C ARG A 83 12.24 -2.25 10.00
N LEU A 84 12.30 -2.09 11.32
CA LEU A 84 13.55 -2.14 12.07
C LEU A 84 14.53 -1.05 11.63
N GLU A 85 14.45 0.08 12.29
CA GLU A 85 15.36 1.18 12.01
C GLU A 85 15.97 1.71 13.31
N LYS A 86 16.61 2.86 13.22
CA LYS A 86 17.20 3.51 14.38
C LYS A 86 16.12 4.10 15.29
N LEU A 87 16.30 3.97 16.58
CA LEU A 87 15.36 4.51 17.56
C LEU A 87 15.51 6.02 17.66
N GLU A 88 14.39 6.73 17.52
CA GLU A 88 14.39 8.18 17.62
C GLU A 88 14.32 8.60 19.08
N HIS A 89 15.46 8.49 19.76
CA HIS A 89 15.59 8.85 21.18
C HIS A 89 14.63 8.03 22.04
N HIS A 90 14.56 8.37 23.32
CA HIS A 90 13.56 7.81 24.20
C HIS A 90 12.27 8.60 24.06
N HIS A 91 11.66 8.47 22.89
CA HIS A 91 10.42 9.16 22.58
C HIS A 91 9.26 8.41 23.22
N HIS A 92 8.81 8.87 24.37
CA HIS A 92 7.75 8.18 25.10
C HIS A 92 6.46 8.98 25.07
N HIS A 93 5.35 8.27 25.23
CA HIS A 93 4.02 8.89 25.25
C HIS A 93 3.03 7.91 25.88
N HIS A 94 1.93 8.43 26.43
CA HIS A 94 0.97 7.58 27.12
C HIS A 94 0.27 6.63 26.14
N MET A 1 4.14 -16.32 17.98
CA MET A 1 3.26 -15.90 16.85
C MET A 1 3.59 -16.73 15.61
N PRO A 2 2.66 -17.62 15.20
CA PRO A 2 2.82 -18.42 13.98
C PRO A 2 2.86 -17.53 12.75
N ASP A 3 1.99 -16.53 12.74
CA ASP A 3 1.98 -15.53 11.67
C ASP A 3 2.73 -14.29 12.13
N PRO A 4 3.64 -13.78 11.29
CA PRO A 4 4.53 -12.66 11.66
C PRO A 4 3.79 -11.33 11.80
N LEU A 5 2.81 -11.11 10.92
CA LEU A 5 2.13 -9.82 10.88
C LEU A 5 0.95 -9.80 11.84
N MET A 6 1.23 -10.08 13.10
CA MET A 6 0.21 -10.04 14.15
C MET A 6 -0.15 -8.58 14.46
N TYR A 7 0.83 -7.70 14.34
CA TYR A 7 0.62 -6.28 14.60
C TYR A 7 -0.25 -5.66 13.52
N GLN A 8 -0.20 -6.26 12.33
CA GLN A 8 -1.03 -5.86 11.18
C GLN A 8 -0.62 -4.50 10.60
N GLN A 9 -0.79 -3.44 11.38
CA GLN A 9 -0.47 -2.09 10.91
C GLN A 9 1.01 -1.78 11.07
N ASP A 10 1.72 -1.71 9.95
CA ASP A 10 3.11 -1.31 9.97
C ASP A 10 3.21 0.08 9.34
N ASN A 11 4.43 0.53 9.05
CA ASN A 11 4.64 1.87 8.52
C ASN A 11 5.01 1.82 7.05
N PHE A 12 4.18 2.39 6.21
CA PHE A 12 4.45 2.45 4.78
C PHE A 12 4.54 3.90 4.33
N VAL A 13 5.60 4.23 3.61
CA VAL A 13 5.78 5.58 3.11
C VAL A 13 5.32 5.67 1.67
N VAL A 14 4.38 6.55 1.40
CA VAL A 14 3.83 6.72 0.06
C VAL A 14 4.47 7.93 -0.61
N LEU A 15 5.16 7.67 -1.71
CA LEU A 15 5.83 8.71 -2.46
C LEU A 15 4.98 9.08 -3.66
N GLU A 16 4.76 10.37 -3.83
CA GLU A 16 4.11 10.90 -5.01
C GLU A 16 5.08 11.84 -5.72
N THR A 17 4.93 11.94 -7.03
CA THR A 17 5.91 12.61 -7.87
C THR A 17 6.24 14.05 -7.45
N ASN A 18 5.24 14.86 -7.11
CA ASN A 18 5.53 16.25 -6.75
C ASN A 18 5.67 16.42 -5.24
N GLN A 19 4.99 15.58 -4.47
CA GLN A 19 5.12 15.59 -3.01
C GLN A 19 4.80 14.23 -2.41
N PRO A 20 5.64 13.73 -1.50
CA PRO A 20 5.37 12.47 -0.80
C PRO A 20 4.34 12.67 0.30
N GLU A 21 3.58 11.62 0.59
CA GLU A 21 2.53 11.71 1.60
C GLU A 21 2.99 11.06 2.89
N GLN A 22 4.30 10.87 2.99
CA GLN A 22 4.93 10.35 4.21
C GLN A 22 4.42 8.96 4.57
N PHE A 23 4.50 8.62 5.85
CA PHE A 23 4.17 7.29 6.32
C PHE A 23 2.73 7.20 6.80
N LEU A 24 2.15 6.04 6.60
CA LEU A 24 0.81 5.72 7.10
C LEU A 24 0.71 4.21 7.31
N THR A 25 -0.25 3.78 8.09
CA THR A 25 -0.35 2.37 8.45
C THR A 25 -1.02 1.54 7.36
N THR A 26 -0.97 0.23 7.54
CA THR A 26 -1.56 -0.72 6.60
C THR A 26 -3.01 -0.40 6.27
N ILE A 27 -3.82 -0.13 7.30
CA ILE A 27 -5.24 0.14 7.11
C ILE A 27 -5.45 1.44 6.34
N GLU A 28 -4.68 2.46 6.69
CA GLU A 28 -4.78 3.75 6.03
C GLU A 28 -4.38 3.62 4.56
N LEU A 29 -3.31 2.88 4.31
CA LEU A 29 -2.82 2.66 2.97
C LEU A 29 -3.82 1.84 2.16
N LEU A 30 -4.46 0.88 2.81
CA LEU A 30 -5.45 0.04 2.16
C LEU A 30 -6.58 0.89 1.57
N GLU A 31 -7.21 1.68 2.44
CA GLU A 31 -8.32 2.54 2.01
C GLU A 31 -7.85 3.55 0.97
N LYS A 32 -6.62 4.01 1.13
CA LYS A 32 -6.04 4.97 0.19
C LYS A 32 -5.88 4.34 -1.19
N LEU A 33 -5.26 3.16 -1.23
CA LEU A 33 -5.06 2.44 -2.49
C LEU A 33 -6.40 2.07 -3.11
N LYS A 34 -7.37 1.74 -2.27
CA LYS A 34 -8.72 1.44 -2.76
C LYS A 34 -9.29 2.60 -3.55
N GLY A 35 -9.05 3.82 -3.09
CA GLY A 35 -9.51 5.00 -3.79
C GLY A 35 -8.76 5.20 -5.10
N GLU A 36 -7.44 5.22 -5.00
CA GLU A 36 -6.58 5.39 -6.18
C GLU A 36 -6.84 4.30 -7.21
N LEU A 37 -7.12 3.09 -6.74
CA LEU A 37 -7.33 1.95 -7.61
C LEU A 37 -8.67 2.04 -8.34
N GLU A 38 -9.73 2.41 -7.62
CA GLU A 38 -11.06 2.41 -8.20
C GLU A 38 -11.27 3.61 -9.13
N LYS A 39 -10.39 4.60 -9.03
CA LYS A 39 -10.46 5.73 -9.94
C LYS A 39 -9.63 5.45 -11.19
N ILE A 40 -8.93 4.31 -11.16
CA ILE A 40 -8.21 3.82 -12.32
C ILE A 40 -9.09 2.81 -13.07
N SER A 41 -9.01 2.81 -14.38
CA SER A 41 -9.77 1.89 -15.19
C SER A 41 -9.45 0.44 -14.84
N PHE A 42 -10.49 -0.36 -14.62
CA PHE A 42 -10.33 -1.74 -14.18
C PHE A 42 -9.77 -2.61 -15.30
N SER A 43 -9.73 -2.06 -16.50
CA SER A 43 -9.14 -2.73 -17.65
C SER A 43 -7.63 -2.54 -17.67
N ASP A 44 -7.17 -1.48 -17.01
CA ASP A 44 -5.78 -1.07 -17.09
C ASP A 44 -4.97 -1.57 -15.90
N LEU A 45 -5.66 -1.91 -14.82
CA LEU A 45 -5.00 -2.46 -13.64
C LEU A 45 -4.53 -3.90 -13.91
N PRO A 46 -3.51 -4.37 -13.16
CA PRO A 46 -2.94 -5.71 -13.33
C PRO A 46 -3.97 -6.84 -13.28
N LEU A 47 -3.66 -7.94 -13.98
CA LEU A 47 -4.56 -9.08 -14.07
C LEU A 47 -4.81 -9.69 -12.69
N GLU A 48 -3.84 -9.53 -11.80
CA GLU A 48 -3.97 -9.94 -10.40
C GLU A 48 -5.27 -9.42 -9.81
N LEU A 49 -5.53 -8.15 -10.06
CA LEU A 49 -6.67 -7.46 -9.47
C LEU A 49 -7.96 -7.80 -10.21
N GLN A 50 -7.82 -8.26 -11.44
CA GLN A 50 -8.98 -8.67 -12.24
C GLN A 50 -9.46 -10.04 -11.77
N LYS A 51 -8.58 -10.78 -11.12
CA LYS A 51 -8.92 -12.08 -10.57
C LYS A 51 -9.58 -11.90 -9.21
N LEU A 52 -9.12 -10.90 -8.47
CA LEU A 52 -9.70 -10.58 -7.18
C LEU A 52 -11.02 -9.82 -7.34
N ASP A 53 -12.09 -10.39 -6.83
CA ASP A 53 -13.43 -9.84 -6.99
C ASP A 53 -13.64 -8.60 -6.14
N SER A 54 -12.96 -8.53 -5.00
CA SER A 54 -13.14 -7.45 -4.06
C SER A 54 -12.05 -6.39 -4.22
N LEU A 55 -12.47 -5.13 -4.28
CA LEU A 55 -11.54 -4.00 -4.38
C LEU A 55 -10.56 -3.98 -3.20
N PRO A 56 -11.05 -4.18 -1.94
CA PRO A 56 -10.17 -4.30 -0.77
C PRO A 56 -9.08 -5.36 -0.97
N ALA A 57 -9.49 -6.52 -1.50
CA ALA A 57 -8.55 -7.61 -1.75
C ALA A 57 -7.52 -7.21 -2.81
N GLN A 58 -7.98 -6.49 -3.83
CA GLN A 58 -7.09 -6.00 -4.87
C GLN A 58 -6.00 -5.11 -4.27
N ALA A 59 -6.43 -4.08 -3.53
CA ALA A 59 -5.50 -3.15 -2.91
C ALA A 59 -4.60 -3.85 -1.90
N GLN A 60 -5.14 -4.85 -1.20
CA GLN A 60 -4.36 -5.62 -0.25
C GLN A 60 -3.23 -6.36 -0.96
N HIS A 61 -3.53 -6.91 -2.13
CA HIS A 61 -2.53 -7.67 -2.89
C HIS A 61 -1.45 -6.74 -3.44
N LEU A 62 -1.79 -5.46 -3.58
CA LEU A 62 -0.80 -4.45 -3.93
C LEU A 62 0.21 -4.30 -2.79
N ILE A 63 -0.31 -4.09 -1.59
CA ILE A 63 0.52 -4.03 -0.40
C ILE A 63 1.23 -5.36 -0.18
N ASP A 64 0.58 -6.41 -0.64
CA ASP A 64 1.04 -7.78 -0.49
C ASP A 64 2.36 -8.02 -1.24
N THR A 65 2.37 -7.81 -2.55
CA THR A 65 3.56 -8.08 -3.34
C THR A 65 3.51 -7.48 -4.75
N SER A 66 2.70 -6.46 -4.97
CA SER A 66 2.62 -5.84 -6.28
C SER A 66 2.59 -4.32 -6.17
N CYS A 67 3.51 -3.65 -6.84
CA CYS A 67 3.60 -2.20 -6.73
C CYS A 67 3.72 -1.54 -8.09
N GLU A 68 2.62 -0.95 -8.54
CA GLU A 68 2.59 -0.09 -9.71
C GLU A 68 1.21 0.55 -9.82
N LEU A 69 1.18 1.88 -9.82
CA LEU A 69 -0.08 2.60 -9.89
C LEU A 69 0.11 3.94 -10.58
N ASP A 70 -0.46 4.06 -11.77
CA ASP A 70 -0.40 5.30 -12.53
C ASP A 70 -1.63 6.13 -12.24
N VAL A 71 -1.46 7.20 -11.49
CA VAL A 71 -2.58 8.03 -11.07
C VAL A 71 -2.72 9.27 -11.95
N GLY A 72 -2.10 9.23 -13.13
CA GLY A 72 -2.28 10.27 -14.11
C GLY A 72 -1.52 11.55 -13.77
N ALA A 73 -1.51 12.49 -14.72
CA ALA A 73 -0.87 13.80 -14.56
C ALA A 73 0.65 13.69 -14.45
N GLY A 74 1.19 12.58 -14.93
CA GLY A 74 2.64 12.40 -14.97
C GLY A 74 3.21 11.97 -13.65
N LYS A 75 2.35 11.80 -12.66
CA LYS A 75 2.78 11.39 -11.34
C LYS A 75 2.45 9.92 -11.11
N TYR A 76 3.30 9.25 -10.34
CA TYR A 76 3.10 7.84 -10.04
C TYR A 76 3.06 7.64 -8.55
N LEU A 77 2.31 6.65 -8.10
CA LEU A 77 2.21 6.38 -6.68
C LEU A 77 3.09 5.19 -6.30
N GLN A 78 4.10 5.45 -5.49
CA GLN A 78 5.00 4.40 -5.04
C GLN A 78 4.97 4.30 -3.52
N TRP A 79 4.84 3.12 -2.99
CA TRP A 79 4.86 2.92 -1.55
C TRP A 79 5.91 1.88 -1.17
N TYR A 80 6.55 2.08 -0.05
CA TYR A 80 7.53 1.12 0.45
C TYR A 80 7.42 1.00 1.97
N ALA A 81 7.84 -0.14 2.48
CA ALA A 81 7.70 -0.43 3.90
C ALA A 81 8.91 0.04 4.68
N VAL A 82 8.67 0.76 5.77
CA VAL A 82 9.73 1.17 6.66
C VAL A 82 9.50 0.65 8.07
N ARG A 83 10.23 -0.40 8.42
CA ARG A 83 10.14 -0.98 9.74
C ARG A 83 11.54 -1.06 10.33
N LEU A 84 11.72 -0.47 11.49
CA LEU A 84 13.03 -0.40 12.10
C LEU A 84 13.08 -1.25 13.36
N GLU A 85 14.23 -1.85 13.59
CA GLU A 85 14.45 -2.68 14.76
C GLU A 85 15.48 -2.03 15.67
N LYS A 86 16.01 -0.89 15.21
CA LYS A 86 16.95 -0.11 16.00
C LYS A 86 16.20 0.99 16.73
N LEU A 87 15.75 0.70 17.94
CA LEU A 87 14.99 1.64 18.73
C LEU A 87 15.84 2.83 19.17
N GLU A 88 15.21 3.94 19.46
CA GLU A 88 15.91 5.14 19.86
C GLU A 88 16.06 5.20 21.38
N HIS A 89 17.16 4.67 21.88
CA HIS A 89 17.49 4.79 23.29
C HIS A 89 18.69 5.72 23.44
N HIS A 90 19.62 5.60 22.51
CA HIS A 90 20.74 6.52 22.40
C HIS A 90 20.97 6.84 20.93
N HIS A 91 20.47 7.98 20.49
CA HIS A 91 20.51 8.36 19.09
C HIS A 91 21.30 9.66 18.94
N HIS A 92 22.51 9.55 18.42
CA HIS A 92 23.42 10.70 18.34
C HIS A 92 23.02 11.65 17.22
N HIS A 93 22.38 11.12 16.19
CA HIS A 93 21.89 11.95 15.09
C HIS A 93 20.50 11.50 14.69
N HIS A 94 19.79 12.33 13.93
CA HIS A 94 18.46 11.96 13.46
C HIS A 94 18.54 11.28 12.11
N MET A 1 6.44 -17.14 11.60
CA MET A 1 5.57 -18.02 10.79
C MET A 1 4.10 -17.57 10.80
N PRO A 2 3.45 -17.43 11.99
CA PRO A 2 2.02 -17.07 12.07
C PRO A 2 1.70 -15.79 11.32
N ASP A 3 2.14 -14.66 11.85
CA ASP A 3 2.02 -13.39 11.15
C ASP A 3 3.31 -13.11 10.41
N PRO A 4 3.24 -12.47 9.23
CA PRO A 4 4.42 -12.19 8.40
C PRO A 4 5.56 -11.53 9.18
N LEU A 5 5.31 -10.32 9.67
CA LEU A 5 6.31 -9.63 10.49
C LEU A 5 6.21 -10.10 11.94
N MET A 6 5.15 -10.87 12.22
CA MET A 6 4.94 -11.52 13.52
C MET A 6 4.68 -10.49 14.63
N TYR A 7 4.40 -9.26 14.25
CA TYR A 7 4.11 -8.21 15.23
C TYR A 7 2.71 -7.65 15.07
N GLN A 8 2.53 -6.67 14.19
CA GLN A 8 1.27 -5.98 14.06
C GLN A 8 1.15 -5.29 12.71
N GLN A 9 0.11 -4.46 12.57
CA GLN A 9 0.01 -3.55 11.43
C GLN A 9 1.15 -2.54 11.52
N ASP A 10 2.08 -2.62 10.59
CA ASP A 10 3.27 -1.77 10.63
C ASP A 10 3.01 -0.47 9.87
N ASN A 11 4.06 0.20 9.42
CA ASN A 11 3.92 1.50 8.78
C ASN A 11 4.62 1.53 7.42
N PHE A 12 3.97 2.17 6.47
CA PHE A 12 4.50 2.30 5.13
C PHE A 12 4.63 3.78 4.78
N VAL A 13 5.74 4.15 4.15
CA VAL A 13 5.95 5.55 3.77
C VAL A 13 5.49 5.77 2.34
N VAL A 14 4.52 6.65 2.18
CA VAL A 14 3.96 6.93 0.86
C VAL A 14 4.44 8.28 0.32
N LEU A 15 5.03 8.23 -0.87
CA LEU A 15 5.47 9.43 -1.54
C LEU A 15 4.59 9.70 -2.74
N GLU A 16 3.85 10.80 -2.69
CA GLU A 16 2.93 11.14 -3.76
C GLU A 16 3.59 12.19 -4.66
N THR A 17 2.94 12.47 -5.78
CA THR A 17 3.46 13.39 -6.78
C THR A 17 3.22 14.84 -6.36
N ASN A 18 2.02 15.10 -5.86
CA ASN A 18 1.66 16.45 -5.41
C ASN A 18 2.47 16.84 -4.19
N GLN A 19 2.56 15.92 -3.24
CA GLN A 19 3.35 16.17 -2.03
C GLN A 19 3.82 14.85 -1.42
N PRO A 20 5.07 14.81 -0.92
CA PRO A 20 5.50 13.75 -0.05
C PRO A 20 4.99 13.99 1.37
N GLU A 21 4.31 13.01 1.95
CA GLU A 21 3.65 13.23 3.22
C GLU A 21 4.33 12.51 4.38
N GLN A 22 3.81 11.35 4.76
CA GLN A 22 4.26 10.69 5.98
C GLN A 22 4.05 9.18 5.89
N PHE A 23 4.55 8.46 6.88
CA PHE A 23 4.27 7.04 7.01
C PHE A 23 2.87 6.83 7.60
N LEU A 24 2.23 5.75 7.20
CA LEU A 24 0.89 5.43 7.67
C LEU A 24 0.70 3.93 7.80
N THR A 25 -0.39 3.53 8.43
CA THR A 25 -0.64 2.12 8.69
C THR A 25 -1.26 1.43 7.47
N THR A 26 -1.19 0.10 7.47
CA THR A 26 -1.73 -0.72 6.38
C THR A 26 -3.15 -0.31 5.99
N ILE A 27 -4.02 -0.13 6.99
CA ILE A 27 -5.41 0.23 6.74
C ILE A 27 -5.51 1.57 6.01
N GLU A 28 -4.68 2.52 6.44
CA GLU A 28 -4.67 3.85 5.84
C GLU A 28 -4.15 3.79 4.41
N LEU A 29 -3.16 2.93 4.19
CA LEU A 29 -2.60 2.73 2.85
C LEU A 29 -3.64 2.08 1.92
N LEU A 30 -4.46 1.20 2.49
CA LEU A 30 -5.58 0.62 1.76
C LEU A 30 -6.44 1.69 1.14
N GLU A 31 -6.90 2.63 1.97
CA GLU A 31 -7.77 3.71 1.51
C GLU A 31 -7.12 4.53 0.41
N LYS A 32 -5.80 4.77 0.52
CA LYS A 32 -5.07 5.48 -0.54
C LYS A 32 -5.14 4.71 -1.85
N LEU A 33 -4.66 3.46 -1.81
CA LEU A 33 -4.58 2.63 -3.01
C LEU A 33 -5.94 2.39 -3.63
N LYS A 34 -6.93 2.12 -2.80
CA LYS A 34 -8.28 1.82 -3.28
C LYS A 34 -8.83 2.92 -4.19
N GLY A 35 -8.73 4.16 -3.74
CA GLY A 35 -9.24 5.27 -4.54
C GLY A 35 -8.45 5.47 -5.82
N GLU A 36 -7.12 5.52 -5.67
CA GLU A 36 -6.25 5.73 -6.82
C GLU A 36 -6.43 4.60 -7.84
N LEU A 37 -6.49 3.37 -7.34
CA LEU A 37 -6.63 2.20 -8.19
C LEU A 37 -7.95 2.18 -8.94
N GLU A 38 -9.05 2.52 -8.27
CA GLU A 38 -10.37 2.45 -8.88
C GLU A 38 -10.54 3.51 -9.97
N LYS A 39 -9.72 4.57 -9.92
CA LYS A 39 -9.73 5.55 -11.02
C LYS A 39 -9.21 4.90 -12.30
N ILE A 40 -8.30 3.96 -12.15
CA ILE A 40 -7.76 3.23 -13.30
C ILE A 40 -8.81 2.21 -13.77
N SER A 41 -8.93 2.07 -15.09
CA SER A 41 -9.91 1.16 -15.67
C SER A 41 -9.68 -0.26 -15.17
N PHE A 42 -10.76 -0.92 -14.78
CA PHE A 42 -10.68 -2.27 -14.20
C PHE A 42 -10.23 -3.30 -15.22
N SER A 43 -10.22 -2.92 -16.49
CA SER A 43 -9.76 -3.82 -17.54
C SER A 43 -8.29 -3.55 -17.88
N ASP A 44 -7.72 -2.52 -17.25
CA ASP A 44 -6.32 -2.16 -17.48
C ASP A 44 -5.44 -2.68 -16.37
N LEU A 45 -5.91 -2.56 -15.14
CA LEU A 45 -5.15 -2.98 -13.96
C LEU A 45 -4.80 -4.47 -14.04
N PRO A 46 -3.76 -4.90 -13.30
CA PRO A 46 -3.25 -6.28 -13.34
C PRO A 46 -4.35 -7.34 -13.35
N LEU A 47 -4.16 -8.38 -14.16
CA LEU A 47 -5.13 -9.44 -14.31
C LEU A 47 -5.45 -10.12 -12.98
N GLU A 48 -4.46 -10.17 -12.10
CA GLU A 48 -4.68 -10.72 -10.77
C GLU A 48 -5.74 -9.91 -10.02
N LEU A 49 -5.68 -8.60 -10.19
CA LEU A 49 -6.63 -7.70 -9.55
C LEU A 49 -7.99 -7.83 -10.20
N GLN A 50 -8.00 -8.12 -11.50
CA GLN A 50 -9.25 -8.36 -12.22
C GLN A 50 -9.95 -9.61 -11.69
N LYS A 51 -9.16 -10.54 -11.17
CA LYS A 51 -9.70 -11.76 -10.59
C LYS A 51 -10.28 -11.46 -9.21
N LEU A 52 -9.66 -10.53 -8.51
CA LEU A 52 -10.13 -10.12 -7.20
C LEU A 52 -11.36 -9.23 -7.33
N ASP A 53 -12.50 -9.79 -6.92
CA ASP A 53 -13.78 -9.09 -7.04
C ASP A 53 -13.83 -7.85 -6.15
N SER A 54 -13.09 -7.89 -5.05
CA SER A 54 -13.11 -6.81 -4.08
C SER A 54 -11.96 -5.84 -4.33
N LEU A 55 -12.29 -4.56 -4.39
CA LEU A 55 -11.29 -3.50 -4.56
C LEU A 55 -10.31 -3.45 -3.38
N PRO A 56 -10.78 -3.50 -2.11
CA PRO A 56 -9.91 -3.56 -0.94
C PRO A 56 -8.93 -4.74 -1.01
N ALA A 57 -9.37 -5.84 -1.64
CA ALA A 57 -8.51 -7.01 -1.79
C ALA A 57 -7.40 -6.73 -2.79
N GLN A 58 -7.74 -6.03 -3.87
CA GLN A 58 -6.76 -5.63 -4.87
C GLN A 58 -5.68 -4.74 -4.24
N ALA A 59 -6.13 -3.70 -3.55
CA ALA A 59 -5.24 -2.76 -2.89
C ALA A 59 -4.32 -3.46 -1.90
N GLN A 60 -4.90 -4.38 -1.11
CA GLN A 60 -4.14 -5.13 -0.12
C GLN A 60 -3.08 -5.99 -0.82
N HIS A 61 -3.46 -6.56 -1.95
CA HIS A 61 -2.56 -7.41 -2.73
C HIS A 61 -1.27 -6.66 -3.08
N LEU A 62 -1.40 -5.40 -3.47
CA LEU A 62 -0.22 -4.56 -3.72
C LEU A 62 0.62 -4.43 -2.45
N ILE A 63 -0.02 -4.03 -1.37
CA ILE A 63 0.64 -3.85 -0.07
C ILE A 63 1.36 -5.11 0.36
N ASP A 64 0.68 -6.25 0.23
CA ASP A 64 1.19 -7.52 0.70
C ASP A 64 2.47 -7.90 -0.04
N THR A 65 2.52 -7.59 -1.33
CA THR A 65 3.68 -7.92 -2.14
C THR A 65 4.47 -6.65 -2.49
N SER A 66 3.97 -5.94 -3.50
CA SER A 66 4.63 -4.77 -4.10
C SER A 66 4.11 -4.59 -5.52
N CYS A 67 4.26 -3.40 -6.07
CA CYS A 67 3.78 -3.12 -7.42
C CYS A 67 4.17 -1.71 -7.84
N GLU A 68 4.19 -1.48 -9.14
CA GLU A 68 4.39 -0.15 -9.69
C GLU A 68 3.08 0.35 -10.26
N LEU A 69 2.59 1.47 -9.74
CA LEU A 69 1.25 1.93 -10.08
C LEU A 69 1.24 3.39 -10.53
N ASP A 70 0.74 3.62 -11.73
CA ASP A 70 0.38 4.96 -12.17
C ASP A 70 -1.00 5.29 -11.64
N VAL A 71 -1.08 6.26 -10.74
CA VAL A 71 -2.31 6.52 -10.03
C VAL A 71 -3.20 7.54 -10.74
N GLY A 72 -2.92 7.76 -12.01
CA GLY A 72 -3.79 8.58 -12.84
C GLY A 72 -3.42 10.04 -12.84
N ALA A 73 -3.83 10.74 -13.90
CA ALA A 73 -3.66 12.18 -14.02
C ALA A 73 -2.18 12.57 -14.15
N GLY A 74 -1.35 11.59 -14.46
CA GLY A 74 0.07 11.85 -14.59
C GLY A 74 0.81 11.68 -13.28
N LYS A 75 0.08 11.32 -12.24
CA LYS A 75 0.68 11.13 -10.92
C LYS A 75 1.36 9.78 -10.85
N TYR A 76 2.44 9.73 -10.10
CA TYR A 76 3.23 8.53 -9.93
C TYR A 76 3.34 8.23 -8.44
N LEU A 77 2.85 7.07 -8.03
CA LEU A 77 2.79 6.74 -6.61
C LEU A 77 3.86 5.74 -6.23
N GLN A 78 4.60 6.05 -5.18
CA GLN A 78 5.59 5.13 -4.65
C GLN A 78 5.39 4.98 -3.15
N TRP A 79 5.36 3.75 -2.68
CA TRP A 79 5.28 3.49 -1.25
C TRP A 79 6.31 2.42 -0.89
N TYR A 80 6.97 2.58 0.24
CA TYR A 80 7.96 1.60 0.65
C TYR A 80 7.78 1.26 2.12
N ALA A 81 7.93 -0.03 2.42
CA ALA A 81 7.79 -0.51 3.78
C ALA A 81 9.10 -0.42 4.52
N VAL A 82 9.13 0.37 5.58
CA VAL A 82 10.34 0.49 6.39
C VAL A 82 10.40 -0.66 7.39
N ARG A 83 11.24 -1.63 7.07
CA ARG A 83 11.40 -2.80 7.92
C ARG A 83 12.88 -3.07 8.16
N LEU A 84 13.24 -3.05 9.44
CA LEU A 84 14.63 -3.23 9.87
C LEU A 84 14.70 -3.12 11.38
N GLU A 85 13.96 -2.15 11.90
CA GLU A 85 13.87 -1.94 13.34
C GLU A 85 12.95 -2.98 13.95
N LYS A 86 13.50 -4.14 14.24
CA LYS A 86 12.74 -5.25 14.80
C LYS A 86 12.70 -5.15 16.33
N LEU A 87 13.31 -4.11 16.86
CA LEU A 87 13.30 -3.88 18.29
C LEU A 87 12.20 -2.91 18.65
N GLU A 88 11.09 -3.46 19.14
CA GLU A 88 9.93 -2.66 19.49
C GLU A 88 10.24 -1.75 20.68
N HIS A 89 10.38 -0.47 20.43
CA HIS A 89 10.50 0.50 21.50
C HIS A 89 9.12 0.87 22.01
N HIS A 90 9.05 1.32 23.25
CA HIS A 90 7.77 1.66 23.88
C HIS A 90 7.03 2.72 23.07
N HIS A 91 5.73 2.54 22.92
CA HIS A 91 4.93 3.43 22.09
C HIS A 91 4.19 4.47 22.95
N HIS A 92 2.97 4.13 23.35
CA HIS A 92 2.10 5.01 24.14
C HIS A 92 2.06 6.42 23.55
N HIS A 93 1.13 6.64 22.63
CA HIS A 93 1.01 7.94 21.98
C HIS A 93 0.32 8.95 22.90
N HIS A 94 1.14 9.71 23.62
CA HIS A 94 0.67 10.80 24.49
C HIS A 94 -0.25 10.31 25.61
N MET A 1 3.15 -15.45 10.77
CA MET A 1 2.50 -16.56 11.51
C MET A 1 2.74 -16.43 13.02
N PRO A 2 4.00 -16.28 13.48
CA PRO A 2 4.27 -15.96 14.90
C PRO A 2 3.62 -14.64 15.26
N ASP A 3 3.73 -13.71 14.33
CA ASP A 3 3.04 -12.42 14.40
C ASP A 3 1.54 -12.63 14.54
N PRO A 4 0.90 -11.95 15.50
CA PRO A 4 -0.54 -12.06 15.72
C PRO A 4 -1.33 -11.45 14.57
N LEU A 5 -0.84 -10.34 14.05
CA LEU A 5 -1.50 -9.69 12.93
C LEU A 5 -0.75 -9.99 11.64
N MET A 6 -1.45 -10.60 10.70
CA MET A 6 -0.87 -10.94 9.42
C MET A 6 -0.95 -9.73 8.50
N TYR A 7 -1.93 -8.89 8.74
CA TYR A 7 -2.04 -7.61 8.06
C TYR A 7 -1.24 -6.57 8.84
N GLN A 8 -1.58 -6.43 10.12
CA GLN A 8 -0.82 -5.58 11.05
C GLN A 8 -0.96 -4.10 10.68
N GLN A 9 -0.39 -3.24 11.49
CA GLN A 9 -0.37 -1.81 11.22
C GLN A 9 0.92 -1.18 11.71
N ASP A 10 1.85 -0.97 10.79
CA ASP A 10 3.05 -0.21 11.06
C ASP A 10 3.02 1.03 10.18
N ASN A 11 4.11 1.76 10.08
CA ASN A 11 4.14 2.96 9.25
C ASN A 11 4.97 2.71 7.99
N PHE A 12 4.32 2.77 6.85
CA PHE A 12 4.98 2.55 5.58
C PHE A 12 5.21 3.87 4.88
N VAL A 13 6.37 4.02 4.25
CA VAL A 13 6.70 5.24 3.56
C VAL A 13 6.18 5.21 2.12
N VAL A 14 5.20 6.06 1.86
CA VAL A 14 4.62 6.19 0.54
C VAL A 14 5.13 7.45 -0.13
N LEU A 15 5.60 7.30 -1.35
CA LEU A 15 6.13 8.41 -2.11
C LEU A 15 5.03 9.03 -2.95
N GLU A 16 4.50 10.15 -2.48
CA GLU A 16 3.43 10.84 -3.18
C GLU A 16 3.98 12.10 -3.83
N THR A 17 3.26 12.64 -4.80
CA THR A 17 3.74 13.74 -5.61
C THR A 17 3.46 15.09 -4.94
N ASN A 18 2.27 15.22 -4.37
CA ASN A 18 1.88 16.46 -3.71
C ASN A 18 2.63 16.59 -2.39
N GLN A 19 2.42 15.64 -1.50
CA GLN A 19 3.11 15.62 -0.22
C GLN A 19 4.03 14.40 -0.16
N PRO A 20 5.34 14.63 -0.11
CA PRO A 20 6.33 13.57 -0.16
C PRO A 20 6.64 12.95 1.21
N GLU A 21 7.18 11.73 1.17
CA GLU A 21 7.49 10.95 2.36
C GLU A 21 6.31 10.87 3.31
N GLN A 22 5.24 10.26 2.84
CA GLN A 22 4.05 10.07 3.66
C GLN A 22 4.11 8.71 4.34
N PHE A 23 4.26 8.71 5.65
CA PHE A 23 4.25 7.46 6.40
C PHE A 23 2.89 7.26 7.07
N LEU A 24 2.21 6.23 6.64
CA LEU A 24 0.87 5.94 7.11
C LEU A 24 0.73 4.47 7.44
N THR A 25 -0.40 4.10 8.03
CA THR A 25 -0.61 2.73 8.45
C THR A 25 -1.25 1.89 7.34
N THR A 26 -1.27 0.59 7.55
CA THR A 26 -1.84 -0.36 6.60
C THR A 26 -3.26 0.02 6.16
N ILE A 27 -4.13 0.24 7.14
CA ILE A 27 -5.53 0.58 6.87
C ILE A 27 -5.64 1.86 6.02
N GLU A 28 -4.76 2.80 6.30
CA GLU A 28 -4.71 4.05 5.55
C GLU A 28 -4.28 3.78 4.10
N LEU A 29 -3.19 3.05 3.94
CA LEU A 29 -2.65 2.75 2.62
C LEU A 29 -3.66 1.98 1.79
N LEU A 30 -4.45 1.14 2.46
CA LEU A 30 -5.52 0.41 1.81
C LEU A 30 -6.50 1.35 1.13
N GLU A 31 -7.15 2.19 1.92
CA GLU A 31 -8.18 3.10 1.39
C GLU A 31 -7.59 4.05 0.34
N LYS A 32 -6.34 4.43 0.54
CA LYS A 32 -5.62 5.25 -0.43
C LYS A 32 -5.55 4.55 -1.78
N LEU A 33 -4.98 3.34 -1.80
CA LEU A 33 -4.85 2.58 -3.03
C LEU A 33 -6.21 2.21 -3.60
N LYS A 34 -7.17 1.90 -2.74
CA LYS A 34 -8.51 1.55 -3.18
C LYS A 34 -9.12 2.68 -4.02
N GLY A 35 -8.84 3.91 -3.64
CA GLY A 35 -9.34 5.05 -4.39
C GLY A 35 -8.66 5.19 -5.73
N GLU A 36 -7.34 5.25 -5.71
CA GLU A 36 -6.58 5.38 -6.94
C GLU A 36 -6.82 4.19 -7.87
N LEU A 37 -7.06 3.03 -7.29
CA LEU A 37 -7.33 1.81 -8.05
C LEU A 37 -8.65 1.92 -8.79
N GLU A 38 -9.68 2.49 -8.15
CA GLU A 38 -10.98 2.61 -8.79
C GLU A 38 -10.98 3.73 -9.82
N LYS A 39 -9.96 4.57 -9.78
CA LYS A 39 -9.78 5.60 -10.80
C LYS A 39 -9.10 5.02 -12.04
N ILE A 40 -8.32 3.96 -11.82
CA ILE A 40 -7.65 3.27 -12.93
C ILE A 40 -8.62 2.32 -13.62
N SER A 41 -8.52 2.22 -14.94
CA SER A 41 -9.39 1.36 -15.73
C SER A 41 -9.26 -0.10 -15.30
N PHE A 42 -10.39 -0.80 -15.26
CA PHE A 42 -10.42 -2.18 -14.77
C PHE A 42 -9.73 -3.12 -15.75
N SER A 43 -9.62 -2.70 -17.00
CA SER A 43 -8.91 -3.46 -18.02
C SER A 43 -7.45 -3.03 -18.09
N ASP A 44 -7.08 -2.07 -17.25
CA ASP A 44 -5.72 -1.54 -17.22
C ASP A 44 -4.97 -2.03 -15.98
N LEU A 45 -5.71 -2.17 -14.89
CA LEU A 45 -5.13 -2.67 -13.64
C LEU A 45 -4.72 -4.14 -13.79
N PRO A 46 -3.73 -4.58 -13.00
CA PRO A 46 -3.20 -5.95 -13.04
C PRO A 46 -4.28 -7.03 -13.07
N LEU A 47 -4.02 -8.08 -13.84
CA LEU A 47 -4.95 -9.20 -14.03
C LEU A 47 -5.28 -9.83 -12.68
N GLU A 48 -4.29 -9.90 -11.81
CA GLU A 48 -4.45 -10.54 -10.52
C GLU A 48 -5.59 -9.87 -9.73
N LEU A 49 -5.74 -8.57 -9.93
CA LEU A 49 -6.77 -7.81 -9.24
C LEU A 49 -8.15 -8.15 -9.80
N GLN A 50 -8.17 -8.58 -11.05
CA GLN A 50 -9.42 -9.01 -11.69
C GLN A 50 -9.85 -10.37 -11.14
N LYS A 51 -8.87 -11.13 -10.64
CA LYS A 51 -9.17 -12.36 -9.92
C LYS A 51 -9.79 -12.04 -8.56
N LEU A 52 -9.32 -10.96 -7.97
CA LEU A 52 -9.79 -10.55 -6.66
C LEU A 52 -11.15 -9.86 -6.74
N ASP A 53 -12.16 -10.52 -6.19
CA ASP A 53 -13.53 -10.00 -6.21
C ASP A 53 -13.66 -8.72 -5.38
N SER A 54 -12.90 -8.64 -4.30
CA SER A 54 -13.01 -7.52 -3.39
C SER A 54 -12.01 -6.42 -3.76
N LEU A 55 -12.54 -5.22 -3.97
CA LEU A 55 -11.71 -4.05 -4.31
C LEU A 55 -10.61 -3.82 -3.24
N PRO A 56 -10.95 -3.79 -1.93
CA PRO A 56 -9.93 -3.66 -0.88
C PRO A 56 -8.87 -4.77 -0.95
N ALA A 57 -9.29 -5.99 -1.25
CA ALA A 57 -8.38 -7.12 -1.37
C ALA A 57 -7.39 -6.89 -2.50
N GLN A 58 -7.86 -6.25 -3.56
CA GLN A 58 -7.00 -5.89 -4.68
C GLN A 58 -5.89 -4.96 -4.24
N ALA A 59 -6.26 -3.90 -3.54
CA ALA A 59 -5.30 -2.93 -3.04
C ALA A 59 -4.34 -3.58 -2.05
N GLN A 60 -4.87 -4.48 -1.22
CA GLN A 60 -4.06 -5.20 -0.25
C GLN A 60 -3.02 -6.06 -0.95
N HIS A 61 -3.43 -6.70 -2.05
CA HIS A 61 -2.51 -7.54 -2.82
C HIS A 61 -1.40 -6.70 -3.44
N LEU A 62 -1.74 -5.48 -3.83
CA LEU A 62 -0.76 -4.53 -4.36
C LEU A 62 0.33 -4.29 -3.32
N ILE A 63 -0.10 -4.00 -2.09
CA ILE A 63 0.81 -3.77 -0.98
C ILE A 63 1.62 -5.02 -0.67
N ASP A 64 0.96 -6.17 -0.77
CA ASP A 64 1.60 -7.45 -0.48
C ASP A 64 2.67 -7.80 -1.50
N THR A 65 2.27 -7.95 -2.75
CA THR A 65 3.20 -8.32 -3.81
C THR A 65 2.79 -7.76 -5.17
N SER A 66 2.91 -6.45 -5.34
CA SER A 66 2.72 -5.83 -6.65
C SER A 66 3.63 -4.61 -6.79
N CYS A 67 3.48 -3.89 -7.89
CA CYS A 67 4.29 -2.72 -8.15
C CYS A 67 3.46 -1.44 -7.99
N GLU A 68 3.98 -0.33 -8.46
CA GLU A 68 3.34 0.97 -8.29
C GLU A 68 2.47 1.29 -9.49
N LEU A 69 1.76 2.42 -9.43
CA LEU A 69 0.81 2.74 -10.49
C LEU A 69 0.80 4.24 -10.80
N ASP A 70 0.44 4.58 -12.03
CA ASP A 70 0.24 5.98 -12.44
C ASP A 70 -1.18 6.39 -12.06
N VAL A 71 -1.31 7.49 -11.33
CA VAL A 71 -2.60 7.88 -10.78
C VAL A 71 -3.21 9.05 -11.55
N GLY A 72 -2.66 9.35 -12.71
CA GLY A 72 -3.22 10.40 -13.55
C GLY A 72 -2.55 11.74 -13.34
N ALA A 73 -2.52 12.55 -14.41
CA ALA A 73 -1.96 13.90 -14.37
C ALA A 73 -0.44 13.90 -14.26
N GLY A 74 0.17 12.76 -14.60
CA GLY A 74 1.63 12.68 -14.61
C GLY A 74 2.23 12.37 -13.26
N LYS A 75 1.39 12.39 -12.23
CA LYS A 75 1.85 12.10 -10.89
C LYS A 75 1.75 10.60 -10.61
N TYR A 76 2.71 10.08 -9.87
CA TYR A 76 2.76 8.65 -9.59
C TYR A 76 2.53 8.38 -8.11
N LEU A 77 2.37 7.12 -7.77
CA LEU A 77 2.22 6.71 -6.39
C LEU A 77 3.10 5.50 -6.12
N GLN A 78 4.13 5.68 -5.31
CA GLN A 78 5.03 4.59 -4.95
C GLN A 78 4.91 4.27 -3.49
N TRP A 79 5.00 3.00 -3.13
CA TRP A 79 4.97 2.60 -1.73
C TRP A 79 5.84 1.38 -1.52
N TYR A 80 6.60 1.37 -0.44
CA TYR A 80 7.37 0.21 -0.06
C TYR A 80 7.35 0.04 1.46
N ALA A 81 7.19 -1.20 1.90
CA ALA A 81 7.08 -1.47 3.32
C ALA A 81 8.46 -1.50 3.98
N VAL A 82 8.70 -0.53 4.85
CA VAL A 82 9.97 -0.44 5.54
C VAL A 82 9.86 -1.01 6.94
N ARG A 83 10.41 -2.19 7.14
CA ARG A 83 10.49 -2.77 8.46
C ARG A 83 11.95 -2.97 8.84
N LEU A 84 12.35 -2.33 9.91
CA LEU A 84 13.73 -2.36 10.36
C LEU A 84 13.79 -2.20 11.87
N GLU A 85 12.94 -2.96 12.55
CA GLU A 85 12.81 -2.84 13.99
C GLU A 85 13.95 -3.55 14.71
N LYS A 86 15.05 -2.85 14.88
CA LYS A 86 16.17 -3.38 15.63
C LYS A 86 16.20 -2.76 17.02
N LEU A 87 15.92 -1.48 17.08
CA LEU A 87 15.89 -0.75 18.34
C LEU A 87 14.49 -0.20 18.60
N GLU A 88 13.82 0.23 17.54
CA GLU A 88 12.50 0.86 17.66
C GLU A 88 11.40 -0.19 17.74
N HIS A 89 11.77 -1.43 18.01
CA HIS A 89 10.78 -2.50 18.13
C HIS A 89 10.18 -2.47 19.53
N HIS A 90 10.88 -1.82 20.45
CA HIS A 90 10.41 -1.66 21.81
C HIS A 90 9.06 -0.95 21.80
N HIS A 91 8.03 -1.63 22.32
CA HIS A 91 6.63 -1.15 22.31
C HIS A 91 6.18 -0.72 20.92
N HIS A 92 6.84 -1.25 19.89
CA HIS A 92 6.53 -0.94 18.49
C HIS A 92 6.77 0.53 18.16
N HIS A 93 6.52 0.89 16.92
CA HIS A 93 6.69 2.27 16.47
C HIS A 93 5.62 3.17 17.08
N HIS A 94 6.01 3.90 18.10
CA HIS A 94 5.13 4.83 18.76
C HIS A 94 5.89 6.10 19.14
N MET A 1 -5.86 -12.08 16.26
CA MET A 1 -6.39 -11.34 17.41
C MET A 1 -7.57 -10.47 16.99
N PRO A 2 -8.72 -10.61 17.67
CA PRO A 2 -9.87 -9.72 17.47
C PRO A 2 -9.53 -8.30 17.95
N ASP A 3 -8.66 -8.23 18.95
CA ASP A 3 -8.13 -6.97 19.43
C ASP A 3 -6.99 -6.53 18.50
N PRO A 4 -6.61 -5.25 18.53
CA PRO A 4 -5.46 -4.78 17.74
C PRO A 4 -4.16 -5.45 18.19
N LEU A 5 -3.16 -5.40 17.33
CA LEU A 5 -1.87 -6.05 17.59
C LEU A 5 -1.03 -5.29 18.61
N MET A 6 -1.66 -4.34 19.30
CA MET A 6 -1.05 -3.62 20.43
C MET A 6 -0.07 -2.55 19.96
N TYR A 7 0.78 -2.89 19.01
CA TYR A 7 1.71 -1.92 18.44
C TYR A 7 1.04 -1.14 17.32
N GLN A 8 -0.15 -1.60 16.92
CA GLN A 8 -0.88 -1.06 15.79
C GLN A 8 -0.19 -1.41 14.47
N GLN A 9 -0.87 -1.14 13.36
CA GLN A 9 -0.38 -1.51 12.04
C GLN A 9 0.94 -0.82 11.73
N ASP A 10 1.78 -1.49 10.96
CA ASP A 10 3.05 -0.93 10.52
C ASP A 10 2.81 0.17 9.50
N ASN A 11 3.75 1.10 9.41
CA ASN A 11 3.60 2.24 8.51
C ASN A 11 4.50 2.11 7.30
N PHE A 12 4.03 2.62 6.19
CA PHE A 12 4.79 2.62 4.94
C PHE A 12 5.09 4.05 4.53
N VAL A 13 6.25 4.27 3.96
CA VAL A 13 6.59 5.59 3.45
C VAL A 13 6.05 5.72 2.03
N VAL A 14 5.00 6.50 1.89
CA VAL A 14 4.33 6.65 0.61
C VAL A 14 4.53 8.05 0.07
N LEU A 15 5.41 8.18 -0.91
CA LEU A 15 5.67 9.48 -1.52
C LEU A 15 4.83 9.64 -2.78
N GLU A 16 3.75 10.40 -2.65
CA GLU A 16 2.81 10.60 -3.74
C GLU A 16 3.31 11.72 -4.65
N THR A 17 2.91 11.68 -5.91
CA THR A 17 3.40 12.64 -6.89
C THR A 17 2.75 14.02 -6.73
N ASN A 18 1.43 14.06 -6.71
CA ASN A 18 0.71 15.33 -6.70
C ASN A 18 0.84 16.01 -5.35
N GLN A 19 0.05 15.54 -4.38
CA GLN A 19 0.12 16.06 -3.03
C GLN A 19 0.36 14.91 -2.06
N PRO A 20 1.61 14.74 -1.63
CA PRO A 20 1.98 13.63 -0.74
C PRO A 20 1.47 13.84 0.68
N GLU A 21 0.78 12.84 1.21
CA GLU A 21 0.37 12.85 2.59
C GLU A 21 1.48 12.22 3.44
N GLN A 22 1.35 12.32 4.75
CA GLN A 22 2.35 11.77 5.63
C GLN A 22 2.32 10.24 5.56
N PHE A 23 3.47 9.62 5.76
CA PHE A 23 3.58 8.16 5.76
C PHE A 23 2.55 7.54 6.69
N LEU A 24 1.92 6.47 6.22
CA LEU A 24 0.71 5.97 6.85
C LEU A 24 0.73 4.45 6.99
N THR A 25 -0.17 3.93 7.81
CA THR A 25 -0.21 2.51 8.14
C THR A 25 -0.82 1.69 7.01
N THR A 26 -0.70 0.37 7.12
CA THR A 26 -1.25 -0.58 6.15
C THR A 26 -2.71 -0.27 5.84
N ILE A 27 -3.50 -0.06 6.88
CA ILE A 27 -4.94 0.18 6.73
C ILE A 27 -5.19 1.51 6.01
N GLU A 28 -4.45 2.53 6.42
CA GLU A 28 -4.57 3.83 5.78
C GLU A 28 -4.16 3.75 4.32
N LEU A 29 -3.09 3.00 4.07
CA LEU A 29 -2.59 2.77 2.72
C LEU A 29 -3.65 2.07 1.88
N LEU A 30 -4.32 1.09 2.47
CA LEU A 30 -5.43 0.40 1.82
C LEU A 30 -6.46 1.40 1.32
N GLU A 31 -6.91 2.26 2.22
CA GLU A 31 -7.93 3.25 1.91
C GLU A 31 -7.50 4.15 0.75
N LYS A 32 -6.22 4.53 0.75
CA LYS A 32 -5.67 5.35 -0.33
C LYS A 32 -5.59 4.52 -1.62
N LEU A 33 -4.96 3.35 -1.53
CA LEU A 33 -4.76 2.49 -2.70
C LEU A 33 -6.08 2.16 -3.38
N LYS A 34 -7.08 1.79 -2.60
CA LYS A 34 -8.38 1.41 -3.14
C LYS A 34 -8.98 2.55 -3.97
N GLY A 35 -8.84 3.78 -3.48
CA GLY A 35 -9.37 4.92 -4.18
C GLY A 35 -8.62 5.21 -5.47
N GLU A 36 -7.31 5.20 -5.38
CA GLU A 36 -6.45 5.47 -6.54
C GLU A 36 -6.55 4.34 -7.55
N LEU A 37 -7.01 3.19 -7.07
CA LEU A 37 -7.18 2.02 -7.93
C LEU A 37 -8.53 2.06 -8.64
N GLU A 38 -9.58 2.43 -7.92
CA GLU A 38 -10.93 2.43 -8.48
C GLU A 38 -11.10 3.54 -9.52
N LYS A 39 -10.25 4.56 -9.47
CA LYS A 39 -10.26 5.61 -10.47
C LYS A 39 -9.59 5.12 -11.76
N ILE A 40 -8.97 3.95 -11.70
CA ILE A 40 -8.35 3.33 -12.85
C ILE A 40 -9.32 2.35 -13.50
N SER A 41 -9.31 2.29 -14.82
CA SER A 41 -10.17 1.37 -15.54
C SER A 41 -9.75 -0.07 -15.26
N PHE A 42 -10.72 -0.94 -15.01
CA PHE A 42 -10.46 -2.34 -14.69
C PHE A 42 -9.89 -3.07 -15.90
N SER A 43 -9.94 -2.44 -17.06
CA SER A 43 -9.36 -3.00 -18.27
C SER A 43 -7.87 -2.72 -18.34
N ASP A 44 -7.40 -1.81 -17.50
CA ASP A 44 -6.03 -1.32 -17.59
C ASP A 44 -5.19 -1.79 -16.40
N LEU A 45 -5.80 -1.82 -15.22
CA LEU A 45 -5.10 -2.26 -14.02
C LEU A 45 -4.68 -3.74 -14.14
N PRO A 46 -3.61 -4.14 -13.43
CA PRO A 46 -3.06 -5.50 -13.48
C PRO A 46 -4.11 -6.60 -13.41
N LEU A 47 -3.85 -7.69 -14.13
CA LEU A 47 -4.78 -8.81 -14.23
C LEU A 47 -5.06 -9.41 -12.85
N GLU A 48 -4.07 -9.35 -11.96
CA GLU A 48 -4.25 -9.77 -10.57
C GLU A 48 -5.47 -9.11 -9.95
N LEU A 49 -5.62 -7.82 -10.22
CA LEU A 49 -6.69 -7.03 -9.64
C LEU A 49 -7.99 -7.29 -10.38
N GLN A 50 -7.87 -7.87 -11.57
CA GLN A 50 -9.03 -8.25 -12.36
C GLN A 50 -9.56 -9.60 -11.88
N LYS A 51 -8.72 -10.33 -11.17
CA LYS A 51 -9.09 -11.62 -10.60
C LYS A 51 -9.81 -11.41 -9.28
N LEU A 52 -9.39 -10.39 -8.56
CA LEU A 52 -10.01 -10.04 -7.28
C LEU A 52 -11.23 -9.15 -7.52
N ASP A 53 -12.32 -9.45 -6.85
CA ASP A 53 -13.57 -8.72 -7.03
C ASP A 53 -13.67 -7.56 -6.03
N SER A 54 -13.10 -7.74 -4.85
CA SER A 54 -13.21 -6.75 -3.80
C SER A 54 -12.05 -5.76 -3.86
N LEU A 55 -12.36 -4.48 -3.66
CA LEU A 55 -11.38 -3.40 -3.76
C LEU A 55 -10.27 -3.55 -2.70
N PRO A 56 -10.62 -3.79 -1.41
CA PRO A 56 -9.62 -4.03 -0.36
C PRO A 56 -8.68 -5.19 -0.70
N ALA A 57 -9.23 -6.22 -1.32
CA ALA A 57 -8.44 -7.38 -1.72
C ALA A 57 -7.42 -6.99 -2.77
N GLN A 58 -7.86 -6.23 -3.77
CA GLN A 58 -6.98 -5.77 -4.83
C GLN A 58 -5.84 -4.93 -4.27
N ALA A 59 -6.19 -3.95 -3.45
CA ALA A 59 -5.21 -3.04 -2.87
C ALA A 59 -4.22 -3.79 -1.98
N GLN A 60 -4.72 -4.74 -1.21
CA GLN A 60 -3.86 -5.52 -0.32
C GLN A 60 -2.90 -6.39 -1.14
N HIS A 61 -3.38 -6.91 -2.27
CA HIS A 61 -2.56 -7.76 -3.13
C HIS A 61 -1.41 -6.94 -3.71
N LEU A 62 -1.62 -5.64 -3.84
CA LEU A 62 -0.54 -4.74 -4.20
C LEU A 62 0.49 -4.72 -3.08
N ILE A 63 0.02 -4.50 -1.86
CA ILE A 63 0.87 -4.42 -0.69
C ILE A 63 1.65 -5.72 -0.47
N ASP A 64 1.02 -6.86 -0.76
CA ASP A 64 1.65 -8.13 -0.47
C ASP A 64 2.56 -8.64 -1.60
N THR A 65 2.22 -8.37 -2.86
CA THR A 65 3.00 -8.94 -3.95
C THR A 65 3.47 -7.93 -5.01
N SER A 66 2.65 -6.93 -5.34
CA SER A 66 2.97 -6.10 -6.49
C SER A 66 2.94 -4.61 -6.17
N CYS A 67 4.03 -3.92 -6.45
CA CYS A 67 4.10 -2.50 -6.19
C CYS A 67 4.29 -1.73 -7.48
N GLU A 68 3.20 -1.16 -7.97
CA GLU A 68 3.19 -0.37 -9.19
C GLU A 68 1.81 0.27 -9.33
N LEU A 69 1.74 1.59 -9.32
CA LEU A 69 0.46 2.27 -9.40
C LEU A 69 0.63 3.69 -9.91
N ASP A 70 0.12 3.93 -11.11
CA ASP A 70 0.03 5.28 -11.64
C ASP A 70 -1.37 5.79 -11.41
N VAL A 71 -1.48 6.85 -10.63
CA VAL A 71 -2.78 7.34 -10.17
C VAL A 71 -3.42 8.29 -11.19
N GLY A 72 -2.76 8.45 -12.33
CA GLY A 72 -3.33 9.27 -13.38
C GLY A 72 -2.33 10.22 -14.00
N ALA A 73 -1.99 9.96 -15.26
CA ALA A 73 -1.16 10.84 -16.06
C ALA A 73 0.21 11.12 -15.43
N GLY A 74 1.06 10.11 -15.42
CA GLY A 74 2.43 10.29 -15.01
C GLY A 74 2.60 10.58 -13.53
N LYS A 75 1.59 10.25 -12.75
CA LYS A 75 1.68 10.43 -11.31
C LYS A 75 1.63 9.08 -10.62
N TYR A 76 2.67 8.77 -9.87
CA TYR A 76 2.81 7.45 -9.29
C TYR A 76 2.57 7.46 -7.78
N LEU A 77 2.09 6.34 -7.28
CA LEU A 77 1.94 6.14 -5.86
C LEU A 77 2.80 4.95 -5.44
N GLN A 78 3.85 5.22 -4.67
CA GLN A 78 4.77 4.17 -4.26
C GLN A 78 4.91 4.12 -2.75
N TRP A 79 4.84 2.91 -2.21
CA TRP A 79 4.94 2.70 -0.78
C TRP A 79 6.13 1.82 -0.47
N TYR A 80 7.05 2.33 0.35
CA TYR A 80 8.20 1.54 0.75
C TYR A 80 7.95 0.92 2.11
N ALA A 81 8.03 -0.40 2.19
CA ALA A 81 7.94 -1.06 3.47
C ALA A 81 9.25 -0.87 4.21
N VAL A 82 9.19 -0.10 5.27
CA VAL A 82 10.35 0.19 6.07
C VAL A 82 10.12 -0.24 7.50
N ARG A 83 11.02 -1.04 8.01
CA ARG A 83 10.89 -1.56 9.36
C ARG A 83 11.85 -0.84 10.28
N LEU A 84 11.32 -0.20 11.30
CA LEU A 84 12.12 0.60 12.21
C LEU A 84 11.94 0.10 13.64
N GLU A 85 12.91 -0.66 14.10
CA GLU A 85 12.85 -1.25 15.44
C GLU A 85 14.22 -1.72 15.87
N LYS A 86 14.43 -1.80 17.18
CA LYS A 86 15.64 -2.35 17.73
C LYS A 86 15.38 -2.80 19.16
N LEU A 87 15.14 -1.83 20.04
CA LEU A 87 14.81 -2.13 21.43
C LEU A 87 13.40 -1.64 21.76
N GLU A 88 12.66 -2.46 22.48
CA GLU A 88 11.40 -2.05 23.05
C GLU A 88 11.40 -2.42 24.52
N HIS A 89 12.08 -1.60 25.30
CA HIS A 89 12.28 -1.87 26.71
C HIS A 89 12.20 -0.56 27.49
N HIS A 90 11.46 0.38 26.93
CA HIS A 90 11.31 1.69 27.54
C HIS A 90 9.91 2.21 27.29
N HIS A 91 8.93 1.31 27.30
CA HIS A 91 7.54 1.70 27.09
C HIS A 91 6.98 2.40 28.32
N HIS A 92 6.69 3.68 28.17
CA HIS A 92 6.09 4.46 29.25
C HIS A 92 4.59 4.61 29.01
N HIS A 93 3.98 3.54 28.48
CA HIS A 93 2.57 3.53 28.08
C HIS A 93 2.36 4.47 26.88
N HIS A 94 2.16 3.87 25.72
CA HIS A 94 1.90 4.65 24.51
C HIS A 94 0.61 4.20 23.85
N MET A 1 -18.43 -8.62 9.11
CA MET A 1 -17.33 -8.29 8.18
C MET A 1 -15.99 -8.43 8.87
N PRO A 2 -14.99 -9.01 8.19
CA PRO A 2 -13.61 -9.02 8.69
C PRO A 2 -13.02 -7.62 8.62
N ASP A 3 -13.01 -6.94 9.75
CA ASP A 3 -12.58 -5.55 9.80
C ASP A 3 -11.26 -5.43 10.55
N PRO A 4 -10.22 -4.93 9.86
CA PRO A 4 -8.88 -4.77 10.44
C PRO A 4 -8.87 -3.94 11.71
N LEU A 5 -7.98 -4.30 12.60
CA LEU A 5 -7.83 -3.61 13.87
C LEU A 5 -6.85 -2.45 13.74
N MET A 6 -7.15 -1.36 14.44
CA MET A 6 -6.32 -0.17 14.37
C MET A 6 -5.02 -0.34 15.16
N TYR A 7 -4.99 -1.37 16.01
CA TYR A 7 -3.80 -1.65 16.81
C TYR A 7 -2.67 -2.22 15.98
N GLN A 8 -2.93 -3.35 15.33
CA GLN A 8 -1.90 -4.03 14.57
C GLN A 8 -1.79 -3.44 13.16
N GLN A 9 -0.94 -2.45 13.04
CA GLN A 9 -0.66 -1.82 11.76
C GLN A 9 0.82 -1.55 11.62
N ASP A 10 1.26 -1.45 10.38
CA ASP A 10 2.64 -1.08 10.11
C ASP A 10 2.69 0.36 9.65
N ASN A 11 3.86 0.96 9.68
CA ASN A 11 4.02 2.31 9.20
C ASN A 11 4.76 2.29 7.87
N PHE A 12 4.07 2.73 6.83
CA PHE A 12 4.62 2.71 5.49
C PHE A 12 4.89 4.12 5.00
N VAL A 13 6.08 4.34 4.47
CA VAL A 13 6.41 5.64 3.93
C VAL A 13 5.95 5.72 2.46
N VAL A 14 4.89 6.49 2.25
CA VAL A 14 4.27 6.60 0.95
C VAL A 14 4.82 7.78 0.18
N LEU A 15 5.33 7.49 -1.01
CA LEU A 15 5.83 8.53 -1.90
C LEU A 15 4.70 8.97 -2.82
N GLU A 16 4.12 10.11 -2.51
CA GLU A 16 2.98 10.62 -3.25
C GLU A 16 3.36 11.95 -3.90
N THR A 17 2.59 12.36 -4.88
CA THR A 17 2.82 13.61 -5.57
C THR A 17 2.01 14.73 -4.91
N ASN A 18 0.84 14.37 -4.38
CA ASN A 18 -0.02 15.34 -3.72
C ASN A 18 0.21 15.33 -2.22
N GLN A 19 0.94 14.33 -1.75
CA GLN A 19 1.26 14.21 -0.33
C GLN A 19 2.74 13.98 -0.14
N PRO A 20 3.36 14.71 0.80
CA PRO A 20 4.77 14.53 1.13
C PRO A 20 5.05 13.12 1.66
N GLU A 21 6.27 12.65 1.46
CA GLU A 21 6.65 11.31 1.91
C GLU A 21 6.52 11.17 3.42
N GLN A 22 5.55 10.40 3.85
CA GLN A 22 5.28 10.22 5.26
C GLN A 22 5.02 8.77 5.57
N PHE A 23 5.28 8.37 6.81
CA PHE A 23 5.03 7.01 7.24
C PHE A 23 3.66 6.94 7.91
N LEU A 24 2.74 6.26 7.26
CA LEU A 24 1.35 6.23 7.70
C LEU A 24 0.90 4.80 7.96
N THR A 25 -0.32 4.65 8.47
CA THR A 25 -0.82 3.35 8.86
C THR A 25 -1.34 2.55 7.66
N THR A 26 -1.47 1.24 7.86
CA THR A 26 -1.94 0.34 6.83
C THR A 26 -3.31 0.77 6.27
N ILE A 27 -4.18 1.23 7.15
CA ILE A 27 -5.51 1.69 6.75
C ILE A 27 -5.41 2.86 5.76
N GLU A 28 -4.53 3.81 6.08
CA GLU A 28 -4.35 4.98 5.23
C GLU A 28 -3.84 4.58 3.86
N LEU A 29 -2.93 3.61 3.84
CA LEU A 29 -2.37 3.11 2.59
C LEU A 29 -3.44 2.38 1.78
N LEU A 30 -4.23 1.57 2.47
CA LEU A 30 -5.32 0.84 1.82
C LEU A 30 -6.30 1.78 1.14
N GLU A 31 -6.83 2.73 1.90
CA GLU A 31 -7.83 3.66 1.37
C GLU A 31 -7.31 4.42 0.16
N LYS A 32 -6.04 4.82 0.22
CA LYS A 32 -5.40 5.51 -0.89
C LYS A 32 -5.33 4.62 -2.12
N LEU A 33 -4.77 3.42 -1.96
CA LEU A 33 -4.66 2.47 -3.05
C LEU A 33 -6.04 2.15 -3.62
N LYS A 34 -7.00 1.92 -2.75
CA LYS A 34 -8.36 1.55 -3.16
C LYS A 34 -8.97 2.61 -4.07
N GLY A 35 -9.00 3.86 -3.61
CA GLY A 35 -9.58 4.92 -4.40
C GLY A 35 -8.79 5.18 -5.68
N GLU A 36 -7.49 5.27 -5.53
CA GLU A 36 -6.59 5.51 -6.65
C GLU A 36 -6.69 4.40 -7.69
N LEU A 37 -6.92 3.18 -7.22
CA LEU A 37 -7.03 2.02 -8.10
C LEU A 37 -8.40 1.92 -8.78
N GLU A 38 -9.46 2.27 -8.04
CA GLU A 38 -10.81 2.14 -8.58
C GLU A 38 -11.06 3.12 -9.71
N LYS A 39 -10.33 4.23 -9.72
CA LYS A 39 -10.48 5.20 -10.81
C LYS A 39 -9.66 4.78 -12.03
N ILE A 40 -8.88 3.71 -11.89
CA ILE A 40 -8.21 3.10 -13.03
C ILE A 40 -9.17 2.11 -13.69
N SER A 41 -9.16 2.08 -15.02
CA SER A 41 -10.07 1.23 -15.77
C SER A 41 -9.86 -0.24 -15.44
N PHE A 42 -10.95 -0.99 -15.31
CA PHE A 42 -10.90 -2.39 -14.93
C PHE A 42 -10.16 -3.22 -15.98
N SER A 43 -10.32 -2.85 -17.23
CA SER A 43 -9.65 -3.55 -18.32
C SER A 43 -8.24 -2.98 -18.56
N ASP A 44 -7.80 -2.15 -17.64
CA ASP A 44 -6.49 -1.52 -17.73
C ASP A 44 -5.56 -2.03 -16.63
N LEU A 45 -6.13 -2.26 -15.45
CA LEU A 45 -5.36 -2.75 -14.31
C LEU A 45 -4.98 -4.22 -14.49
N PRO A 46 -3.94 -4.68 -13.78
CA PRO A 46 -3.42 -6.06 -13.89
C PRO A 46 -4.52 -7.13 -13.85
N LEU A 47 -4.31 -8.19 -14.61
CA LEU A 47 -5.28 -9.28 -14.71
C LEU A 47 -5.50 -9.95 -13.35
N GLU A 48 -4.46 -9.91 -12.52
CA GLU A 48 -4.54 -10.46 -11.17
C GLU A 48 -5.62 -9.73 -10.38
N LEU A 49 -5.66 -8.41 -10.56
CA LEU A 49 -6.64 -7.58 -9.88
C LEU A 49 -8.01 -7.76 -10.53
N GLN A 50 -8.02 -8.11 -11.81
CA GLN A 50 -9.26 -8.42 -12.52
C GLN A 50 -9.88 -9.70 -11.98
N LYS A 51 -9.05 -10.54 -11.38
CA LYS A 51 -9.54 -11.78 -10.76
C LYS A 51 -10.02 -11.50 -9.33
N LEU A 52 -9.41 -10.50 -8.71
CA LEU A 52 -9.82 -10.09 -7.36
C LEU A 52 -11.05 -9.20 -7.42
N ASP A 53 -12.18 -9.76 -7.01
CA ASP A 53 -13.46 -9.05 -7.07
C ASP A 53 -13.52 -7.92 -6.05
N SER A 54 -12.74 -8.03 -4.99
CA SER A 54 -12.78 -7.05 -3.93
C SER A 54 -11.73 -5.97 -4.14
N LEU A 55 -12.17 -4.72 -4.16
CA LEU A 55 -11.28 -3.58 -4.29
C LEU A 55 -10.24 -3.55 -3.16
N PRO A 56 -10.65 -3.75 -1.88
CA PRO A 56 -9.69 -3.85 -0.77
C PRO A 56 -8.66 -4.96 -0.99
N ALA A 57 -9.10 -6.07 -1.57
CA ALA A 57 -8.22 -7.21 -1.83
C ALA A 57 -7.18 -6.86 -2.87
N GLN A 58 -7.62 -6.19 -3.94
CA GLN A 58 -6.72 -5.73 -4.98
C GLN A 58 -5.61 -4.86 -4.39
N ALA A 59 -6.02 -3.86 -3.62
CA ALA A 59 -5.08 -2.92 -3.00
C ALA A 59 -4.18 -3.63 -2.00
N GLN A 60 -4.76 -4.51 -1.19
CA GLN A 60 -4.01 -5.22 -0.17
C GLN A 60 -2.96 -6.12 -0.83
N HIS A 61 -3.34 -6.79 -1.91
CA HIS A 61 -2.45 -7.70 -2.60
C HIS A 61 -1.27 -6.95 -3.21
N LEU A 62 -1.50 -5.69 -3.59
CA LEU A 62 -0.43 -4.84 -4.08
C LEU A 62 0.63 -4.67 -2.99
N ILE A 63 0.16 -4.31 -1.79
CA ILE A 63 0.99 -4.16 -0.62
C ILE A 63 1.71 -5.47 -0.29
N ASP A 64 0.95 -6.56 -0.34
CA ASP A 64 1.46 -7.88 0.01
C ASP A 64 2.53 -8.33 -0.98
N THR A 65 2.13 -8.53 -2.23
CA THR A 65 3.03 -9.04 -3.23
C THR A 65 2.71 -8.48 -4.62
N SER A 66 2.98 -7.20 -4.81
CA SER A 66 2.92 -6.61 -6.14
C SER A 66 3.97 -5.52 -6.29
N CYS A 67 3.89 -4.77 -7.37
CA CYS A 67 4.85 -3.71 -7.66
C CYS A 67 4.26 -2.34 -7.34
N GLU A 68 4.67 -1.32 -8.06
CA GLU A 68 4.19 0.04 -7.84
C GLU A 68 3.03 0.34 -8.76
N LEU A 69 2.30 1.41 -8.46
CA LEU A 69 1.09 1.74 -9.19
C LEU A 69 1.08 3.21 -9.62
N ASP A 70 0.95 3.44 -10.91
CA ASP A 70 0.70 4.78 -11.40
C ASP A 70 -0.80 5.03 -11.31
N VAL A 71 -1.17 6.17 -10.77
CA VAL A 71 -2.56 6.42 -10.41
C VAL A 71 -3.20 7.48 -11.28
N GLY A 72 -2.68 7.63 -12.50
CA GLY A 72 -3.26 8.56 -13.45
C GLY A 72 -2.79 9.98 -13.23
N ALA A 73 -3.23 10.88 -14.10
CA ALA A 73 -2.90 12.31 -13.99
C ALA A 73 -1.39 12.57 -14.03
N GLY A 74 -0.63 11.57 -14.46
CA GLY A 74 0.81 11.67 -14.51
C GLY A 74 1.46 11.58 -13.14
N LYS A 75 0.69 11.27 -12.12
CA LYS A 75 1.22 11.13 -10.77
C LYS A 75 1.43 9.67 -10.42
N TYR A 76 2.52 9.39 -9.73
CA TYR A 76 2.87 8.01 -9.39
C TYR A 76 2.75 7.78 -7.89
N LEU A 77 2.28 6.59 -7.53
CA LEU A 77 2.13 6.23 -6.14
C LEU A 77 3.08 5.09 -5.80
N GLN A 78 4.07 5.37 -4.98
CA GLN A 78 5.06 4.37 -4.60
C GLN A 78 5.09 4.19 -3.10
N TRP A 79 5.04 2.95 -2.65
CA TRP A 79 5.03 2.66 -1.23
C TRP A 79 5.98 1.51 -0.92
N TYR A 80 6.74 1.63 0.15
CA TYR A 80 7.60 0.55 0.60
C TYR A 80 7.61 0.48 2.12
N ALA A 81 7.72 -0.73 2.63
CA ALA A 81 7.73 -0.96 4.06
C ALA A 81 9.11 -0.66 4.63
N VAL A 82 9.14 0.03 5.76
CA VAL A 82 10.40 0.31 6.42
C VAL A 82 10.80 -0.88 7.28
N ARG A 83 12.06 -1.27 7.16
CA ARG A 83 12.53 -2.49 7.82
C ARG A 83 13.79 -2.19 8.61
N LEU A 84 13.91 -2.81 9.78
CA LEU A 84 15.08 -2.64 10.62
C LEU A 84 16.32 -3.17 9.90
N GLU A 85 16.16 -4.31 9.24
CA GLU A 85 17.21 -4.84 8.38
C GLU A 85 16.71 -4.94 6.95
N LYS A 86 17.53 -4.48 6.02
CA LYS A 86 17.14 -4.45 4.63
C LYS A 86 17.88 -5.53 3.84
N LEU A 87 17.21 -6.67 3.68
CA LEU A 87 17.79 -7.78 2.96
C LEU A 87 17.48 -7.68 1.47
N GLU A 88 16.67 -6.68 1.13
CA GLU A 88 16.33 -6.37 -0.25
C GLU A 88 17.57 -6.02 -1.07
N HIS A 89 18.61 -5.54 -0.39
CA HIS A 89 19.84 -5.14 -1.06
C HIS A 89 20.65 -6.37 -1.46
N HIS A 90 20.21 -7.04 -2.52
CA HIS A 90 20.95 -8.15 -3.08
C HIS A 90 21.05 -8.01 -4.59
N HIS A 91 20.66 -6.85 -5.08
CA HIS A 91 20.80 -6.55 -6.50
C HIS A 91 21.84 -5.45 -6.70
N HIS A 92 22.33 -5.31 -7.92
CA HIS A 92 23.39 -4.35 -8.19
C HIS A 92 22.81 -3.00 -8.59
N HIS A 93 23.36 -1.94 -8.02
CA HIS A 93 22.93 -0.59 -8.33
C HIS A 93 24.12 0.25 -8.76
N HIS A 94 24.19 0.56 -10.04
CA HIS A 94 25.27 1.37 -10.58
C HIS A 94 24.71 2.64 -11.20
N MET A 1 -11.99 -7.20 24.69
CA MET A 1 -10.75 -7.01 23.89
C MET A 1 -9.54 -7.13 24.79
N PRO A 2 -8.80 -8.25 24.68
CA PRO A 2 -7.63 -8.51 25.51
C PRO A 2 -6.36 -7.87 24.95
N ASP A 3 -5.79 -8.48 23.93
CA ASP A 3 -4.54 -8.01 23.33
C ASP A 3 -4.83 -7.10 22.14
N PRO A 4 -3.86 -6.28 21.75
CA PRO A 4 -3.98 -5.45 20.54
C PRO A 4 -4.16 -6.31 19.30
N LEU A 5 -4.54 -5.66 18.20
CA LEU A 5 -4.82 -6.37 16.95
C LEU A 5 -3.67 -7.29 16.56
N MET A 6 -4.01 -8.53 16.22
CA MET A 6 -3.02 -9.54 15.87
C MET A 6 -2.33 -9.18 14.56
N TYR A 7 -3.12 -8.67 13.64
CA TYR A 7 -2.61 -8.26 12.34
C TYR A 7 -2.16 -6.81 12.42
N GLN A 8 -0.95 -6.62 12.94
CA GLN A 8 -0.39 -5.30 13.16
C GLN A 8 -0.43 -4.45 11.90
N GLN A 9 -0.85 -3.21 12.05
CA GLN A 9 -0.85 -2.26 10.97
C GLN A 9 0.54 -1.69 10.78
N ASP A 10 1.25 -2.18 9.77
CA ASP A 10 2.61 -1.76 9.50
C ASP A 10 2.65 -0.30 9.06
N ASN A 11 3.83 0.28 9.06
CA ASN A 11 3.98 1.66 8.64
C ASN A 11 4.65 1.72 7.27
N PHE A 12 4.01 2.41 6.35
CA PHE A 12 4.52 2.56 5.00
C PHE A 12 4.63 4.04 4.66
N VAL A 13 5.69 4.42 3.98
CA VAL A 13 5.85 5.79 3.54
C VAL A 13 5.33 5.93 2.11
N VAL A 14 4.46 6.91 1.90
CA VAL A 14 3.87 7.15 0.60
C VAL A 14 4.54 8.34 -0.08
N LEU A 15 5.17 8.07 -1.21
CA LEU A 15 5.85 9.10 -1.97
C LEU A 15 5.24 9.21 -3.35
N GLU A 16 4.41 10.21 -3.50
CA GLU A 16 3.74 10.46 -4.76
C GLU A 16 4.53 11.45 -5.61
N THR A 17 4.27 11.44 -6.91
CA THR A 17 4.89 12.37 -7.85
C THR A 17 4.66 13.82 -7.43
N ASN A 18 3.44 14.14 -7.02
CA ASN A 18 3.09 15.50 -6.63
C ASN A 18 3.57 15.78 -5.21
N GLN A 19 2.88 15.23 -4.22
CA GLN A 19 3.22 15.49 -2.82
C GLN A 19 3.38 14.20 -2.03
N PRO A 20 4.62 13.84 -1.70
CA PRO A 20 4.91 12.71 -0.81
C PRO A 20 4.66 13.08 0.65
N GLU A 21 3.87 12.26 1.33
CA GLU A 21 3.52 12.53 2.71
C GLU A 21 4.36 11.68 3.65
N GLN A 22 3.99 11.66 4.93
CA GLN A 22 4.73 10.91 5.92
C GLN A 22 4.32 9.44 5.90
N PHE A 23 4.67 8.72 6.96
CA PHE A 23 4.38 7.30 7.05
C PHE A 23 2.97 7.07 7.61
N LEU A 24 2.33 6.02 7.13
CA LEU A 24 0.97 5.71 7.54
C LEU A 24 0.78 4.20 7.64
N THR A 25 -0.37 3.79 8.16
CA THR A 25 -0.61 2.38 8.45
C THR A 25 -1.12 1.62 7.23
N THR A 26 -1.18 0.29 7.36
CA THR A 26 -1.73 -0.58 6.34
C THR A 26 -3.13 -0.12 5.93
N ILE A 27 -3.95 0.17 6.93
CA ILE A 27 -5.33 0.61 6.69
C ILE A 27 -5.35 1.92 5.90
N GLU A 28 -4.54 2.87 6.34
CA GLU A 28 -4.40 4.15 5.64
C GLU A 28 -4.01 3.93 4.17
N LEU A 29 -3.03 3.06 3.96
CA LEU A 29 -2.56 2.76 2.62
C LEU A 29 -3.66 2.07 1.81
N LEU A 30 -4.34 1.10 2.43
CA LEU A 30 -5.45 0.39 1.80
C LEU A 30 -6.50 1.34 1.24
N GLU A 31 -6.95 2.27 2.08
CA GLU A 31 -8.05 3.16 1.71
C GLU A 31 -7.66 4.08 0.57
N LYS A 32 -6.42 4.57 0.56
CA LYS A 32 -5.99 5.46 -0.51
C LYS A 32 -5.63 4.67 -1.77
N LEU A 33 -5.09 3.46 -1.59
CA LEU A 33 -4.87 2.56 -2.72
C LEU A 33 -6.19 2.23 -3.37
N LYS A 34 -7.19 1.92 -2.57
CA LYS A 34 -8.52 1.62 -3.05
C LYS A 34 -9.09 2.78 -3.86
N GLY A 35 -8.95 3.99 -3.34
CA GLY A 35 -9.44 5.16 -4.05
C GLY A 35 -8.75 5.38 -5.38
N GLU A 36 -7.43 5.32 -5.36
CA GLU A 36 -6.63 5.54 -6.57
C GLU A 36 -6.72 4.36 -7.52
N LEU A 37 -7.13 3.21 -6.99
CA LEU A 37 -7.30 2.02 -7.81
C LEU A 37 -8.66 2.03 -8.50
N GLU A 38 -9.68 2.52 -7.81
CA GLU A 38 -11.03 2.55 -8.37
C GLU A 38 -11.19 3.70 -9.36
N LYS A 39 -10.28 4.66 -9.31
CA LYS A 39 -10.25 5.72 -10.32
C LYS A 39 -9.51 5.23 -11.56
N ILE A 40 -8.93 4.03 -11.45
CA ILE A 40 -8.28 3.37 -12.57
C ILE A 40 -9.26 2.42 -13.25
N SER A 41 -9.24 2.40 -14.57
CA SER A 41 -10.11 1.51 -15.32
C SER A 41 -9.66 0.05 -15.16
N PHE A 42 -10.61 -0.87 -15.24
CA PHE A 42 -10.31 -2.29 -15.05
C PHE A 42 -9.47 -2.83 -16.20
N SER A 43 -9.42 -2.07 -17.29
CA SER A 43 -8.60 -2.43 -18.42
C SER A 43 -7.16 -1.93 -18.22
N ASP A 44 -6.96 -1.06 -17.23
CA ASP A 44 -5.63 -0.53 -16.94
C ASP A 44 -4.97 -1.34 -15.83
N LEU A 45 -5.77 -1.73 -14.83
CA LEU A 45 -5.25 -2.54 -13.74
C LEU A 45 -4.97 -3.97 -14.21
N PRO A 46 -3.93 -4.62 -13.64
CA PRO A 46 -3.50 -5.96 -14.06
C PRO A 46 -4.57 -7.03 -13.86
N LEU A 47 -4.44 -8.14 -14.60
CA LEU A 47 -5.38 -9.25 -14.56
C LEU A 47 -5.62 -9.73 -13.13
N GLU A 48 -4.58 -9.67 -12.31
CA GLU A 48 -4.69 -10.04 -10.90
C GLU A 48 -5.87 -9.34 -10.23
N LEU A 49 -5.96 -8.04 -10.45
CA LEU A 49 -6.95 -7.22 -9.78
C LEU A 49 -8.32 -7.39 -10.45
N GLN A 50 -8.32 -7.95 -11.65
CA GLN A 50 -9.56 -8.20 -12.36
C GLN A 50 -10.26 -9.42 -11.75
N LYS A 51 -9.46 -10.37 -11.28
CA LYS A 51 -10.00 -11.61 -10.74
C LYS A 51 -10.31 -11.45 -9.25
N LEU A 52 -9.65 -10.50 -8.60
CA LEU A 52 -9.95 -10.20 -7.21
C LEU A 52 -11.23 -9.38 -7.11
N ASP A 53 -12.29 -10.04 -6.66
CA ASP A 53 -13.62 -9.44 -6.64
C ASP A 53 -13.71 -8.31 -5.61
N SER A 54 -12.85 -8.36 -4.61
CA SER A 54 -12.86 -7.37 -3.55
C SER A 54 -11.78 -6.32 -3.78
N LEU A 55 -12.17 -5.06 -3.71
CA LEU A 55 -11.24 -3.95 -3.94
C LEU A 55 -10.11 -3.93 -2.90
N PRO A 56 -10.42 -4.08 -1.59
CA PRO A 56 -9.38 -4.18 -0.55
C PRO A 56 -8.38 -5.30 -0.84
N ALA A 57 -8.87 -6.43 -1.34
CA ALA A 57 -8.02 -7.57 -1.67
C ALA A 57 -7.02 -7.19 -2.76
N GLN A 58 -7.49 -6.39 -3.71
CA GLN A 58 -6.63 -5.91 -4.80
C GLN A 58 -5.50 -5.05 -4.23
N ALA A 59 -5.87 -4.04 -3.45
CA ALA A 59 -4.91 -3.12 -2.87
C ALA A 59 -3.96 -3.83 -1.92
N GLN A 60 -4.49 -4.76 -1.14
CA GLN A 60 -3.69 -5.52 -0.19
C GLN A 60 -2.66 -6.38 -0.92
N HIS A 61 -3.06 -6.92 -2.08
CA HIS A 61 -2.14 -7.71 -2.89
C HIS A 61 -0.96 -6.86 -3.34
N LEU A 62 -1.23 -5.60 -3.67
CA LEU A 62 -0.19 -4.66 -4.05
C LEU A 62 0.82 -4.50 -2.92
N ILE A 63 0.30 -4.22 -1.73
CA ILE A 63 1.12 -4.06 -0.54
C ILE A 63 1.89 -5.34 -0.24
N ASP A 64 1.18 -6.45 -0.25
CA ASP A 64 1.73 -7.75 0.10
C ASP A 64 2.85 -8.16 -0.84
N THR A 65 2.60 -8.08 -2.15
CA THR A 65 3.60 -8.45 -3.12
C THR A 65 3.23 -7.95 -4.52
N SER A 66 3.47 -6.66 -4.75
CA SER A 66 3.39 -6.09 -6.09
C SER A 66 4.34 -4.91 -6.20
N CYS A 67 4.30 -4.22 -7.33
CA CYS A 67 5.17 -3.08 -7.55
C CYS A 67 4.39 -1.78 -7.34
N GLU A 68 4.73 -0.74 -8.08
CA GLU A 68 4.13 0.56 -7.88
C GLU A 68 2.93 0.75 -8.80
N LEU A 69 2.10 1.74 -8.50
CA LEU A 69 0.84 1.91 -9.19
C LEU A 69 0.77 3.29 -9.85
N ASP A 70 0.67 3.31 -11.18
CA ASP A 70 0.40 4.56 -11.89
C ASP A 70 -1.06 4.93 -11.67
N VAL A 71 -1.30 6.03 -10.99
CA VAL A 71 -2.64 6.39 -10.59
C VAL A 71 -3.15 7.61 -11.33
N GLY A 72 -2.56 7.85 -12.50
CA GLY A 72 -3.04 8.92 -13.35
C GLY A 72 -2.48 10.27 -12.99
N ALA A 73 -2.79 11.27 -13.81
CA ALA A 73 -2.38 12.66 -13.58
C ALA A 73 -0.87 12.82 -13.65
N GLY A 74 -0.20 11.83 -14.24
CA GLY A 74 1.25 11.86 -14.31
C GLY A 74 1.89 11.57 -12.97
N LYS A 75 1.08 11.07 -12.05
CA LYS A 75 1.52 10.79 -10.70
C LYS A 75 1.62 9.30 -10.48
N TYR A 76 2.80 8.85 -10.09
CA TYR A 76 3.01 7.47 -9.72
C TYR A 76 2.83 7.31 -8.23
N LEU A 77 2.15 6.27 -7.81
CA LEU A 77 1.97 5.99 -6.40
C LEU A 77 3.01 4.99 -5.95
N GLN A 78 3.93 5.45 -5.12
CA GLN A 78 5.00 4.62 -4.60
C GLN A 78 4.87 4.49 -3.10
N TRP A 79 4.95 3.26 -2.60
CA TRP A 79 4.95 3.05 -1.17
C TRP A 79 6.12 2.16 -0.77
N TYR A 80 6.86 2.62 0.22
CA TYR A 80 8.00 1.88 0.72
C TYR A 80 7.69 1.25 2.06
N ALA A 81 7.84 -0.06 2.15
CA ALA A 81 7.74 -0.72 3.43
C ALA A 81 9.04 -0.51 4.18
N VAL A 82 8.97 0.26 5.25
CA VAL A 82 10.15 0.60 6.01
C VAL A 82 9.84 0.61 7.50
N ARG A 83 10.24 -0.45 8.18
CA ARG A 83 9.95 -0.60 9.59
C ARG A 83 11.09 -0.04 10.43
N LEU A 84 10.81 0.25 11.69
CA LEU A 84 11.80 0.80 12.60
C LEU A 84 12.78 -0.27 13.09
N GLU A 85 12.62 -1.48 12.56
CA GLU A 85 13.50 -2.61 12.86
C GLU A 85 13.43 -2.97 14.34
N LYS A 86 12.48 -3.84 14.68
CA LYS A 86 12.21 -4.18 16.08
C LYS A 86 12.79 -5.54 16.44
N LEU A 87 12.86 -6.43 15.46
CA LEU A 87 13.32 -7.79 15.72
C LEU A 87 14.58 -8.09 14.93
N GLU A 88 15.47 -8.87 15.53
CA GLU A 88 16.65 -9.36 14.85
C GLU A 88 16.26 -10.46 13.86
N HIS A 89 16.79 -10.37 12.64
CA HIS A 89 16.48 -11.36 11.61
C HIS A 89 17.78 -11.93 11.05
N HIS A 90 18.87 -11.71 11.79
CA HIS A 90 20.23 -11.97 11.30
C HIS A 90 20.63 -10.88 10.31
N HIS A 91 19.80 -10.69 9.30
CA HIS A 91 19.95 -9.58 8.37
C HIS A 91 18.73 -8.68 8.44
N HIS A 92 18.95 -7.42 8.77
CA HIS A 92 17.84 -6.48 8.90
C HIS A 92 17.75 -5.60 7.66
N HIS A 93 16.70 -4.79 7.54
CA HIS A 93 16.43 -4.10 6.29
C HIS A 93 16.94 -2.66 6.32
N HIS A 94 17.03 -2.09 7.51
CA HIS A 94 17.58 -0.74 7.65
C HIS A 94 18.78 -0.74 8.58
N MET A 1 11.72 -20.75 15.63
CA MET A 1 11.02 -19.50 15.23
C MET A 1 9.71 -19.37 15.99
N PRO A 2 9.57 -18.30 16.78
CA PRO A 2 8.35 -18.05 17.57
C PRO A 2 7.25 -17.43 16.72
N ASP A 3 6.15 -17.11 17.37
CA ASP A 3 5.01 -16.46 16.71
C ASP A 3 5.33 -15.01 16.41
N PRO A 4 4.75 -14.46 15.32
CA PRO A 4 4.96 -13.07 14.95
C PRO A 4 4.24 -12.11 15.89
N LEU A 5 4.23 -10.84 15.52
CA LEU A 5 3.60 -9.82 16.35
C LEU A 5 2.07 -9.93 16.23
N MET A 6 1.35 -9.28 17.14
CA MET A 6 -0.11 -9.36 17.22
C MET A 6 -0.79 -8.59 16.09
N TYR A 7 -0.25 -8.71 14.88
CA TYR A 7 -0.70 -7.93 13.73
C TYR A 7 -0.75 -6.46 14.07
N GLN A 8 0.42 -5.95 14.42
CA GLN A 8 0.61 -4.55 14.73
C GLN A 8 0.74 -3.76 13.43
N GLN A 9 0.25 -2.54 13.45
CA GLN A 9 0.38 -1.66 12.31
C GLN A 9 1.68 -0.88 12.38
N ASP A 10 2.48 -0.95 11.33
CA ASP A 10 3.71 -0.19 11.26
C ASP A 10 3.56 0.90 10.21
N ASN A 11 4.67 1.41 9.71
CA ASN A 11 4.64 2.58 8.85
C ASN A 11 5.03 2.25 7.41
N PHE A 12 4.29 2.81 6.48
CA PHE A 12 4.60 2.69 5.07
C PHE A 12 4.90 4.06 4.50
N VAL A 13 6.06 4.23 3.89
CA VAL A 13 6.43 5.51 3.31
C VAL A 13 5.89 5.58 1.89
N VAL A 14 4.94 6.48 1.67
CA VAL A 14 4.27 6.59 0.39
C VAL A 14 4.69 7.86 -0.33
N LEU A 15 5.17 7.70 -1.55
CA LEU A 15 5.60 8.82 -2.36
C LEU A 15 4.48 9.24 -3.30
N GLU A 16 3.97 10.43 -3.08
CA GLU A 16 2.83 10.93 -3.84
C GLU A 16 3.10 12.31 -4.38
N THR A 17 2.41 12.64 -5.45
CA THR A 17 2.58 13.93 -6.10
C THR A 17 1.46 14.90 -5.75
N ASN A 18 0.22 14.54 -6.09
CA ASN A 18 -0.90 15.47 -5.93
C ASN A 18 -1.75 15.16 -4.70
N GLN A 19 -1.47 14.04 -4.03
CA GLN A 19 -2.14 13.73 -2.78
C GLN A 19 -1.10 13.71 -1.66
N PRO A 20 -0.98 14.83 -0.94
CA PRO A 20 0.13 15.06 0.00
C PRO A 20 0.12 14.15 1.22
N GLU A 21 1.26 13.51 1.45
CA GLU A 21 1.51 12.70 2.64
C GLU A 21 2.93 12.15 2.58
N GLN A 22 3.49 11.82 3.74
CA GLN A 22 4.84 11.30 3.80
C GLN A 22 4.82 9.79 4.11
N PHE A 23 4.16 9.42 5.19
CA PHE A 23 4.03 8.02 5.57
C PHE A 23 2.74 7.80 6.33
N LEU A 24 2.17 6.62 6.19
CA LEU A 24 0.92 6.29 6.85
C LEU A 24 0.89 4.81 7.22
N THR A 25 -0.09 4.42 8.04
CA THR A 25 -0.18 3.05 8.52
C THR A 25 -0.85 2.13 7.51
N THR A 26 -0.76 0.82 7.76
CA THR A 26 -1.28 -0.22 6.88
C THR A 26 -2.71 0.06 6.43
N ILE A 27 -3.58 0.31 7.40
CA ILE A 27 -5.01 0.51 7.12
C ILE A 27 -5.23 1.72 6.21
N GLU A 28 -4.53 2.81 6.49
CA GLU A 28 -4.68 4.05 5.75
C GLU A 28 -4.21 3.86 4.31
N LEU A 29 -3.09 3.15 4.15
CA LEU A 29 -2.54 2.86 2.85
C LEU A 29 -3.50 2.01 2.03
N LEU A 30 -4.13 1.04 2.70
CA LEU A 30 -5.08 0.15 2.05
C LEU A 30 -6.20 0.96 1.41
N GLU A 31 -6.82 1.83 2.20
CA GLU A 31 -7.93 2.64 1.73
C GLU A 31 -7.49 3.63 0.66
N LYS A 32 -6.24 4.09 0.74
CA LYS A 32 -5.69 4.99 -0.27
C LYS A 32 -5.53 4.25 -1.60
N LEU A 33 -4.90 3.07 -1.54
CA LEU A 33 -4.65 2.27 -2.73
C LEU A 33 -5.94 1.93 -3.46
N LYS A 34 -6.92 1.44 -2.72
CA LYS A 34 -8.19 1.02 -3.33
C LYS A 34 -8.93 2.21 -3.94
N GLY A 35 -8.64 3.41 -3.48
CA GLY A 35 -9.28 4.59 -4.04
C GLY A 35 -8.56 5.06 -5.29
N GLU A 36 -7.25 5.10 -5.20
CA GLU A 36 -6.42 5.47 -6.33
C GLU A 36 -6.57 4.44 -7.45
N LEU A 37 -6.85 3.21 -7.04
CA LEU A 37 -7.03 2.09 -7.97
C LEU A 37 -8.39 2.17 -8.66
N GLU A 38 -9.44 2.54 -7.94
CA GLU A 38 -10.78 2.63 -8.53
C GLU A 38 -10.89 3.85 -9.45
N LYS A 39 -9.92 4.75 -9.35
CA LYS A 39 -9.78 5.84 -10.32
C LYS A 39 -9.42 5.27 -11.68
N ILE A 40 -8.74 4.13 -11.65
CA ILE A 40 -8.36 3.43 -12.86
C ILE A 40 -9.51 2.55 -13.34
N SER A 41 -9.65 2.42 -14.66
CA SER A 41 -10.68 1.59 -15.24
C SER A 41 -10.43 0.11 -14.93
N PHE A 42 -11.50 -0.65 -14.78
CA PHE A 42 -11.42 -2.04 -14.32
C PHE A 42 -10.66 -2.92 -15.29
N SER A 43 -10.67 -2.57 -16.57
CA SER A 43 -9.93 -3.34 -17.56
C SER A 43 -8.56 -2.74 -17.83
N ASP A 44 -8.27 -1.60 -17.20
CA ASP A 44 -7.01 -0.91 -17.42
C ASP A 44 -5.99 -1.33 -16.38
N LEU A 45 -6.47 -1.63 -15.18
CA LEU A 45 -5.62 -2.09 -14.10
C LEU A 45 -5.15 -3.53 -14.34
N PRO A 46 -4.12 -4.00 -13.60
CA PRO A 46 -3.54 -5.35 -13.76
C PRO A 46 -4.58 -6.45 -13.84
N LEU A 47 -4.26 -7.48 -14.62
CA LEU A 47 -5.18 -8.59 -14.87
C LEU A 47 -5.55 -9.29 -13.58
N GLU A 48 -4.55 -9.51 -12.73
CA GLU A 48 -4.76 -10.21 -11.47
C GLU A 48 -5.80 -9.48 -10.63
N LEU A 49 -5.75 -8.15 -10.67
CA LEU A 49 -6.68 -7.33 -9.90
C LEU A 49 -8.08 -7.42 -10.49
N GLN A 50 -8.15 -7.64 -11.79
CA GLN A 50 -9.43 -7.81 -12.48
C GLN A 50 -10.13 -9.06 -11.98
N LYS A 51 -9.34 -10.09 -11.67
CA LYS A 51 -9.90 -11.36 -11.22
C LYS A 51 -10.23 -11.31 -9.74
N LEU A 52 -9.61 -10.38 -9.03
CA LEU A 52 -9.96 -10.11 -7.65
C LEU A 52 -11.25 -9.31 -7.61
N ASP A 53 -12.33 -9.99 -7.25
CA ASP A 53 -13.66 -9.40 -7.30
C ASP A 53 -13.83 -8.33 -6.24
N SER A 54 -13.00 -8.38 -5.22
CA SER A 54 -13.05 -7.40 -4.14
C SER A 54 -11.94 -6.38 -4.28
N LEU A 55 -12.31 -5.11 -4.20
CA LEU A 55 -11.35 -4.00 -4.34
C LEU A 55 -10.28 -4.04 -3.23
N PRO A 56 -10.67 -4.22 -1.94
CA PRO A 56 -9.70 -4.32 -0.84
C PRO A 56 -8.62 -5.39 -1.09
N ALA A 57 -9.01 -6.49 -1.72
CA ALA A 57 -8.08 -7.58 -1.98
C ALA A 57 -7.02 -7.18 -3.00
N GLN A 58 -7.45 -6.39 -3.98
CA GLN A 58 -6.53 -5.89 -5.00
C GLN A 58 -5.44 -5.05 -4.37
N ALA A 59 -5.86 -4.11 -3.53
CA ALA A 59 -4.94 -3.22 -2.84
C ALA A 59 -4.10 -4.00 -1.83
N GLN A 60 -4.71 -5.01 -1.21
CA GLN A 60 -4.01 -5.83 -0.23
C GLN A 60 -2.89 -6.63 -0.90
N HIS A 61 -3.15 -7.15 -2.10
CA HIS A 61 -2.13 -7.90 -2.82
C HIS A 61 -0.94 -7.00 -3.15
N LEU A 62 -1.24 -5.75 -3.46
CA LEU A 62 -0.21 -4.74 -3.69
C LEU A 62 0.68 -4.58 -2.47
N ILE A 63 0.06 -4.37 -1.32
CA ILE A 63 0.78 -4.18 -0.06
C ILE A 63 1.54 -5.44 0.34
N ASP A 64 0.91 -6.60 0.12
CA ASP A 64 1.46 -7.88 0.52
C ASP A 64 2.84 -8.13 -0.08
N THR A 65 2.89 -8.30 -1.41
CA THR A 65 4.15 -8.61 -2.07
C THR A 65 4.18 -8.11 -3.52
N SER A 66 3.78 -6.88 -3.72
CA SER A 66 3.80 -6.30 -5.05
C SER A 66 4.75 -5.10 -5.11
N CYS A 67 4.81 -4.46 -6.27
CA CYS A 67 5.66 -3.31 -6.48
C CYS A 67 4.85 -2.01 -6.46
N GLU A 68 5.26 -1.02 -7.23
CA GLU A 68 4.65 0.29 -7.19
C GLU A 68 3.55 0.43 -8.25
N LEU A 69 2.68 1.41 -8.07
CA LEU A 69 1.47 1.52 -8.86
C LEU A 69 1.46 2.82 -9.67
N ASP A 70 1.51 2.69 -10.98
CA ASP A 70 1.37 3.84 -11.86
C ASP A 70 -0.10 4.16 -12.02
N VAL A 71 -0.47 5.42 -11.81
CA VAL A 71 -1.88 5.79 -11.77
C VAL A 71 -2.18 7.01 -12.66
N GLY A 72 -1.26 7.32 -13.55
CA GLY A 72 -1.47 8.40 -14.48
C GLY A 72 -1.43 9.76 -13.81
N ALA A 73 -2.09 10.74 -14.43
CA ALA A 73 -2.13 12.12 -13.92
C ALA A 73 -0.73 12.72 -13.80
N GLY A 74 0.23 12.09 -14.45
CA GLY A 74 1.60 12.55 -14.37
C GLY A 74 2.25 12.20 -13.04
N LYS A 75 1.66 11.26 -12.32
CA LYS A 75 2.21 10.86 -11.04
C LYS A 75 2.33 9.34 -10.95
N TYR A 76 3.33 8.89 -10.22
CA TYR A 76 3.51 7.48 -9.94
C TYR A 76 3.34 7.25 -8.45
N LEU A 77 2.52 6.27 -8.10
CA LEU A 77 2.30 5.96 -6.69
C LEU A 77 3.30 4.91 -6.24
N GLN A 78 4.21 5.33 -5.38
CA GLN A 78 5.24 4.43 -4.88
C GLN A 78 5.14 4.36 -3.36
N TRP A 79 5.35 3.19 -2.81
CA TRP A 79 5.35 3.03 -1.37
C TRP A 79 6.32 1.93 -0.97
N TYR A 80 7.04 2.16 0.11
CA TYR A 80 7.94 1.14 0.64
C TYR A 80 7.77 1.00 2.14
N ALA A 81 7.60 -0.23 2.57
CA ALA A 81 7.36 -0.53 3.96
C ALA A 81 8.63 -0.37 4.78
N VAL A 82 8.52 0.29 5.92
CA VAL A 82 9.63 0.42 6.83
C VAL A 82 9.27 -0.13 8.20
N ARG A 83 9.77 -1.31 8.51
CA ARG A 83 9.54 -1.92 9.80
C ARG A 83 10.49 -1.32 10.83
N LEU A 84 9.92 -0.74 11.87
CA LEU A 84 10.73 -0.18 12.95
C LEU A 84 11.08 -1.27 13.95
N GLU A 85 10.61 -2.49 13.66
CA GLU A 85 10.82 -3.65 14.53
C GLU A 85 10.31 -3.34 15.93
N LYS A 86 9.07 -2.88 16.01
CA LYS A 86 8.51 -2.44 17.28
C LYS A 86 7.96 -3.63 18.06
N LEU A 87 8.83 -4.27 18.85
CA LEU A 87 8.41 -5.34 19.74
C LEU A 87 7.32 -4.82 20.68
N GLU A 88 6.22 -5.54 20.73
CA GLU A 88 5.04 -5.07 21.44
C GLU A 88 5.26 -5.01 22.95
N HIS A 89 4.99 -3.85 23.52
CA HIS A 89 4.98 -3.69 24.97
C HIS A 89 3.61 -4.05 25.49
N HIS A 90 3.54 -5.10 26.28
CA HIS A 90 2.26 -5.55 26.84
C HIS A 90 1.63 -4.46 27.70
N HIS A 91 0.65 -3.80 27.11
CA HIS A 91 -0.07 -2.72 27.73
C HIS A 91 -1.38 -2.57 26.98
N HIS A 92 -2.23 -1.62 27.37
CA HIS A 92 -3.51 -1.39 26.68
C HIS A 92 -4.48 -2.54 26.99
N HIS A 93 -5.24 -2.37 28.05
CA HIS A 93 -6.15 -3.41 28.50
C HIS A 93 -7.60 -2.96 28.37
N HIS A 94 -8.49 -3.81 28.83
CA HIS A 94 -9.92 -3.51 28.83
C HIS A 94 -10.48 -3.81 30.20
N MET A 1 -11.57 2.25 27.56
CA MET A 1 -11.34 3.23 26.46
C MET A 1 -11.35 2.52 25.12
N PRO A 2 -11.67 3.26 24.04
CA PRO A 2 -11.64 2.71 22.68
C PRO A 2 -10.20 2.52 22.19
N ASP A 3 -9.56 1.49 22.70
CA ASP A 3 -8.15 1.21 22.39
C ASP A 3 -8.02 0.60 20.98
N PRO A 4 -6.79 0.62 20.44
CA PRO A 4 -6.49 0.08 19.10
C PRO A 4 -6.70 -1.44 19.00
N LEU A 5 -6.42 -1.96 17.81
CA LEU A 5 -6.56 -3.38 17.51
C LEU A 5 -5.64 -4.25 18.36
N MET A 6 -5.93 -5.55 18.39
CA MET A 6 -5.10 -6.52 19.10
C MET A 6 -3.95 -6.96 18.19
N TYR A 7 -3.42 -6.00 17.47
CA TYR A 7 -2.38 -6.21 16.51
C TYR A 7 -1.66 -4.87 16.34
N GLN A 8 -0.85 -4.75 15.31
CA GLN A 8 -0.13 -3.53 15.07
C GLN A 8 0.13 -3.37 13.58
N GLN A 9 -0.45 -2.32 13.02
CA GLN A 9 -0.33 -2.06 11.59
C GLN A 9 1.05 -1.50 11.28
N ASP A 10 1.59 -1.89 10.15
CA ASP A 10 2.89 -1.42 9.72
C ASP A 10 2.76 0.03 9.25
N ASN A 11 3.84 0.77 9.37
CA ASN A 11 3.84 2.15 8.88
C ASN A 11 4.65 2.23 7.60
N PHE A 12 3.98 2.59 6.52
CA PHE A 12 4.60 2.59 5.22
C PHE A 12 4.99 4.00 4.82
N VAL A 13 6.21 4.15 4.37
CA VAL A 13 6.71 5.44 3.93
C VAL A 13 6.32 5.67 2.48
N VAL A 14 5.32 6.50 2.27
CA VAL A 14 4.80 6.77 0.94
C VAL A 14 5.13 8.19 0.51
N LEU A 15 5.60 8.35 -0.72
CA LEU A 15 5.95 9.65 -1.25
C LEU A 15 5.07 9.98 -2.43
N GLU A 16 4.45 11.16 -2.39
CA GLU A 16 3.60 11.60 -3.49
C GLU A 16 4.15 12.84 -4.17
N THR A 17 3.70 13.05 -5.39
CA THR A 17 4.08 14.20 -6.21
C THR A 17 3.47 15.50 -5.68
N ASN A 18 2.18 15.48 -5.44
CA ASN A 18 1.42 16.70 -5.16
C ASN A 18 1.81 17.30 -3.81
N GLN A 19 1.85 16.47 -2.78
CA GLN A 19 2.26 16.92 -1.46
C GLN A 19 3.23 15.92 -0.85
N PRO A 20 4.20 16.41 -0.05
CA PRO A 20 5.16 15.55 0.64
C PRO A 20 4.49 14.80 1.80
N GLU A 21 4.65 13.50 1.81
CA GLU A 21 4.07 12.66 2.84
C GLU A 21 5.17 11.89 3.55
N GLN A 22 4.92 11.45 4.77
CA GLN A 22 5.94 10.76 5.54
C GLN A 22 5.59 9.28 5.70
N PHE A 23 4.53 9.00 6.42
CA PHE A 23 4.14 7.63 6.70
C PHE A 23 2.66 7.55 7.05
N LEU A 24 2.08 6.38 6.80
CA LEU A 24 0.69 6.11 7.16
C LEU A 24 0.51 4.62 7.41
N THR A 25 -0.58 4.25 8.07
CA THR A 25 -0.80 2.85 8.45
C THR A 25 -1.31 2.02 7.28
N THR A 26 -1.29 0.71 7.48
CA THR A 26 -1.82 -0.26 6.53
C THR A 26 -3.23 0.11 6.07
N ILE A 27 -4.07 0.52 7.01
CA ILE A 27 -5.47 0.83 6.72
C ILE A 27 -5.58 2.07 5.84
N GLU A 28 -4.75 3.06 6.12
CA GLU A 28 -4.76 4.31 5.39
C GLU A 28 -4.21 4.12 3.98
N LEU A 29 -3.14 3.33 3.86
CA LEU A 29 -2.58 3.02 2.56
C LEU A 29 -3.59 2.27 1.71
N LEU A 30 -4.38 1.40 2.35
CA LEU A 30 -5.48 0.73 1.69
C LEU A 30 -6.42 1.74 1.05
N GLU A 31 -6.94 2.65 1.86
CA GLU A 31 -7.89 3.67 1.39
C GLU A 31 -7.31 4.51 0.27
N LYS A 32 -6.03 4.86 0.37
CA LYS A 32 -5.36 5.63 -0.66
C LYS A 32 -5.28 4.82 -1.96
N LEU A 33 -4.84 3.58 -1.85
CA LEU A 33 -4.67 2.73 -3.01
C LEU A 33 -6.00 2.39 -3.66
N LYS A 34 -6.98 1.95 -2.87
CA LYS A 34 -8.27 1.53 -3.41
C LYS A 34 -9.00 2.69 -4.08
N GLY A 35 -8.72 3.91 -3.64
CA GLY A 35 -9.33 5.08 -4.26
C GLY A 35 -8.78 5.35 -5.64
N GLU A 36 -7.46 5.27 -5.77
CA GLU A 36 -6.83 5.50 -7.06
C GLU A 36 -6.93 4.24 -7.92
N LEU A 37 -7.18 3.11 -7.28
CA LEU A 37 -7.41 1.86 -7.98
C LEU A 37 -8.82 1.83 -8.57
N GLU A 38 -9.79 2.37 -7.84
CA GLU A 38 -11.18 2.38 -8.32
C GLU A 38 -11.35 3.36 -9.49
N LYS A 39 -10.56 4.43 -9.51
CA LYS A 39 -10.58 5.35 -10.65
C LYS A 39 -9.77 4.79 -11.81
N ILE A 40 -8.98 3.76 -11.56
CA ILE A 40 -8.21 3.10 -12.60
C ILE A 40 -9.10 2.11 -13.35
N SER A 41 -8.89 2.00 -14.66
CA SER A 41 -9.69 1.11 -15.49
C SER A 41 -9.41 -0.36 -15.16
N PHE A 42 -10.45 -1.17 -15.24
CA PHE A 42 -10.38 -2.59 -14.89
C PHE A 42 -9.53 -3.35 -15.92
N SER A 43 -9.33 -2.71 -17.07
CA SER A 43 -8.55 -3.31 -18.15
C SER A 43 -7.08 -2.93 -18.03
N ASP A 44 -6.76 -2.08 -17.08
CA ASP A 44 -5.40 -1.55 -16.95
C ASP A 44 -4.72 -2.07 -15.69
N LEU A 45 -5.50 -2.38 -14.68
CA LEU A 45 -4.96 -2.95 -13.46
C LEU A 45 -4.55 -4.41 -13.69
N PRO A 46 -3.58 -4.92 -12.90
CA PRO A 46 -3.09 -6.30 -13.02
C PRO A 46 -4.19 -7.35 -13.04
N LEU A 47 -3.95 -8.44 -13.77
CA LEU A 47 -4.93 -9.51 -13.94
C LEU A 47 -5.31 -10.15 -12.60
N GLU A 48 -4.34 -10.21 -11.68
CA GLU A 48 -4.60 -10.73 -10.35
C GLU A 48 -5.71 -9.96 -9.66
N LEU A 49 -5.73 -8.65 -9.88
CA LEU A 49 -6.73 -7.79 -9.27
C LEU A 49 -8.09 -8.00 -9.94
N GLN A 50 -8.06 -8.32 -11.24
CA GLN A 50 -9.28 -8.61 -11.98
C GLN A 50 -9.96 -9.86 -11.43
N LYS A 51 -9.16 -10.75 -10.87
CA LYS A 51 -9.69 -11.98 -10.27
C LYS A 51 -10.17 -11.73 -8.85
N LEU A 52 -9.56 -10.75 -8.19
CA LEU A 52 -9.94 -10.37 -6.84
C LEU A 52 -11.26 -9.60 -6.84
N ASP A 53 -12.30 -10.25 -6.35
CA ASP A 53 -13.64 -9.67 -6.34
C ASP A 53 -13.72 -8.49 -5.37
N SER A 54 -12.90 -8.53 -4.32
CA SER A 54 -12.93 -7.50 -3.31
C SER A 54 -11.90 -6.41 -3.58
N LEU A 55 -12.34 -5.16 -3.54
CA LEU A 55 -11.46 -4.01 -3.79
C LEU A 55 -10.33 -3.92 -2.75
N PRO A 56 -10.61 -4.05 -1.43
CA PRO A 56 -9.56 -4.04 -0.40
C PRO A 56 -8.49 -5.11 -0.63
N ALA A 57 -8.91 -6.28 -1.08
CA ALA A 57 -7.98 -7.37 -1.36
C ALA A 57 -7.00 -6.99 -2.44
N GLN A 58 -7.49 -6.30 -3.46
CA GLN A 58 -6.66 -5.82 -4.56
C GLN A 58 -5.58 -4.86 -4.05
N ALA A 59 -6.00 -3.88 -3.26
CA ALA A 59 -5.08 -2.89 -2.70
C ALA A 59 -4.07 -3.55 -1.77
N GLN A 60 -4.54 -4.55 -1.01
CA GLN A 60 -3.67 -5.28 -0.10
C GLN A 60 -2.62 -6.06 -0.89
N HIS A 61 -3.06 -6.68 -1.99
CA HIS A 61 -2.15 -7.45 -2.85
C HIS A 61 -0.98 -6.57 -3.30
N LEU A 62 -1.28 -5.31 -3.58
CA LEU A 62 -0.25 -4.33 -3.91
C LEU A 62 0.69 -4.14 -2.73
N ILE A 63 0.13 -3.73 -1.60
CA ILE A 63 0.90 -3.49 -0.37
C ILE A 63 1.80 -4.67 -0.04
N ASP A 64 1.30 -5.87 -0.30
CA ASP A 64 1.99 -7.09 0.11
C ASP A 64 3.19 -7.40 -0.77
N THR A 65 2.99 -7.48 -2.09
CA THR A 65 4.06 -7.98 -2.95
C THR A 65 4.12 -7.28 -4.32
N SER A 66 3.24 -6.31 -4.58
CA SER A 66 3.22 -5.69 -5.90
C SER A 66 3.34 -4.16 -5.81
N CYS A 67 4.33 -3.60 -6.50
CA CYS A 67 4.49 -2.16 -6.52
C CYS A 67 4.65 -1.65 -7.95
N GLU A 68 3.56 -1.13 -8.49
CA GLU A 68 3.50 -0.49 -9.80
C GLU A 68 2.11 0.09 -9.98
N LEU A 69 2.01 1.40 -10.14
CA LEU A 69 0.71 2.04 -10.25
C LEU A 69 0.78 3.31 -11.06
N ASP A 70 0.19 3.27 -12.25
CA ASP A 70 0.07 4.44 -13.09
C ASP A 70 -1.23 5.17 -12.73
N VAL A 71 -1.10 6.17 -11.86
CA VAL A 71 -2.26 6.89 -11.35
C VAL A 71 -2.65 8.05 -12.25
N GLY A 72 -1.71 8.47 -13.09
CA GLY A 72 -1.97 9.56 -13.99
C GLY A 72 -2.01 10.90 -13.29
N ALA A 73 -2.77 11.83 -13.85
CA ALA A 73 -2.93 13.18 -13.28
C ALA A 73 -1.60 13.92 -13.21
N GLY A 74 -0.58 13.39 -13.89
CA GLY A 74 0.72 14.01 -13.89
C GLY A 74 1.56 13.62 -12.68
N LYS A 75 1.04 12.72 -11.85
CA LYS A 75 1.76 12.26 -10.67
C LYS A 75 1.99 10.76 -10.73
N TYR A 76 2.82 10.27 -9.82
CA TYR A 76 3.03 8.84 -9.69
C TYR A 76 3.07 8.45 -8.22
N LEU A 77 2.46 7.32 -7.90
CA LEU A 77 2.36 6.86 -6.53
C LEU A 77 3.12 5.55 -6.36
N GLN A 78 3.99 5.51 -5.36
CA GLN A 78 4.70 4.28 -5.03
C GLN A 78 5.08 4.30 -3.56
N TRP A 79 5.33 3.12 -3.01
CA TRP A 79 5.62 2.97 -1.61
C TRP A 79 6.65 1.86 -1.39
N TYR A 80 7.62 2.10 -0.53
CA TYR A 80 8.55 1.05 -0.16
C TYR A 80 8.19 0.50 1.20
N ALA A 81 7.48 -0.62 1.17
CA ALA A 81 6.95 -1.24 2.38
C ALA A 81 8.07 -1.82 3.24
N VAL A 82 8.20 -1.29 4.44
CA VAL A 82 9.18 -1.79 5.39
C VAL A 82 8.49 -2.52 6.55
N ARG A 83 8.55 -3.84 6.52
CA ARG A 83 7.98 -4.66 7.58
C ARG A 83 9.03 -4.90 8.66
N LEU A 84 8.67 -4.58 9.91
CA LEU A 84 9.56 -4.72 11.05
C LEU A 84 10.66 -3.66 11.04
N GLU A 85 11.53 -3.71 10.02
CA GLU A 85 12.66 -2.79 9.85
C GLU A 85 13.73 -3.02 10.92
N LYS A 86 13.37 -2.77 12.17
CA LYS A 86 14.30 -2.80 13.28
C LYS A 86 14.53 -4.24 13.75
N LEU A 87 15.71 -4.48 14.33
CA LEU A 87 16.07 -5.79 14.83
C LEU A 87 15.27 -6.14 16.08
N GLU A 88 14.65 -7.32 16.08
CA GLU A 88 13.90 -7.80 17.22
C GLU A 88 14.79 -7.89 18.45
N HIS A 89 14.46 -7.13 19.48
CA HIS A 89 15.27 -7.13 20.70
C HIS A 89 14.86 -8.28 21.59
N HIS A 90 13.60 -8.70 21.47
CA HIS A 90 13.02 -9.76 22.30
C HIS A 90 12.84 -9.30 23.74
N HIS A 91 12.06 -10.08 24.51
CA HIS A 91 11.90 -9.87 25.94
C HIS A 91 11.04 -8.64 26.24
N HIS A 92 10.42 -8.08 25.19
CA HIS A 92 9.63 -6.86 25.30
C HIS A 92 10.51 -5.67 25.72
N HIS A 93 9.87 -4.53 25.96
CA HIS A 93 10.57 -3.33 26.38
C HIS A 93 9.65 -2.48 27.25
N HIS A 94 10.21 -1.81 28.24
CA HIS A 94 9.44 -0.91 29.07
C HIS A 94 9.54 0.52 28.54
N MET A 1 7.83 -19.91 17.01
CA MET A 1 6.42 -19.56 17.26
C MET A 1 6.27 -18.06 17.45
N PRO A 2 5.94 -17.32 16.38
CA PRO A 2 5.72 -15.89 16.44
C PRO A 2 4.30 -15.54 16.88
N ASP A 3 4.19 -14.82 17.98
CA ASP A 3 2.88 -14.43 18.51
C ASP A 3 2.55 -13.01 18.11
N PRO A 4 1.59 -12.82 17.18
CA PRO A 4 1.23 -11.51 16.66
C PRO A 4 0.22 -10.79 17.54
N LEU A 5 0.19 -9.47 17.40
CA LEU A 5 -0.71 -8.64 18.22
C LEU A 5 -2.03 -8.41 17.50
N MET A 6 -2.03 -8.58 16.18
CA MET A 6 -3.22 -8.40 15.33
C MET A 6 -3.63 -6.94 15.20
N TYR A 7 -3.81 -6.27 16.33
CA TYR A 7 -4.34 -4.91 16.37
C TYR A 7 -3.38 -3.93 15.71
N GLN A 8 -2.12 -4.00 16.09
CA GLN A 8 -1.11 -3.08 15.58
C GLN A 8 -0.76 -3.43 14.14
N GLN A 9 -1.16 -2.58 13.22
CA GLN A 9 -0.85 -2.77 11.82
C GLN A 9 0.50 -2.13 11.48
N ASP A 10 1.01 -2.41 10.30
CA ASP A 10 2.31 -1.89 9.88
C ASP A 10 2.16 -0.54 9.20
N ASN A 11 3.27 0.02 8.76
CA ASN A 11 3.26 1.34 8.12
C ASN A 11 4.25 1.38 6.97
N PHE A 12 3.97 2.23 6.00
CA PHE A 12 4.79 2.33 4.80
C PHE A 12 5.12 3.79 4.52
N VAL A 13 6.24 4.01 3.84
CA VAL A 13 6.60 5.34 3.39
C VAL A 13 6.01 5.59 2.01
N VAL A 14 5.13 6.57 1.92
CA VAL A 14 4.40 6.84 0.70
C VAL A 14 5.02 7.99 -0.05
N LEU A 15 5.45 7.72 -1.27
CA LEU A 15 6.05 8.73 -2.13
C LEU A 15 5.07 9.10 -3.24
N GLU A 16 4.63 10.34 -3.24
CA GLU A 16 3.71 10.80 -4.26
C GLU A 16 4.22 12.11 -4.87
N THR A 17 3.77 12.40 -6.07
CA THR A 17 4.20 13.59 -6.81
C THR A 17 3.70 14.88 -6.15
N ASN A 18 2.55 14.82 -5.49
CA ASN A 18 1.96 16.02 -4.91
C ASN A 18 2.30 16.14 -3.43
N GLN A 19 2.08 15.08 -2.68
CA GLN A 19 2.32 15.10 -1.24
C GLN A 19 3.78 14.79 -0.92
N PRO A 20 4.30 15.42 0.15
CA PRO A 20 5.64 15.15 0.63
C PRO A 20 5.79 13.72 1.13
N GLU A 21 7.02 13.23 1.15
CA GLU A 21 7.32 11.89 1.62
C GLU A 21 6.91 11.69 3.08
N GLN A 22 5.79 11.00 3.27
CA GLN A 22 5.25 10.75 4.61
C GLN A 22 5.09 9.25 4.83
N PHE A 23 4.91 8.85 6.08
CA PHE A 23 4.68 7.46 6.41
C PHE A 23 3.31 7.30 7.06
N LEU A 24 2.54 6.33 6.57
CA LEU A 24 1.22 6.07 7.11
C LEU A 24 0.98 4.57 7.22
N THR A 25 -0.03 4.19 7.99
CA THR A 25 -0.28 2.79 8.32
C THR A 25 -1.03 2.05 7.20
N THR A 26 -1.09 0.74 7.33
CA THR A 26 -1.68 -0.15 6.33
C THR A 26 -3.09 0.29 5.90
N ILE A 27 -3.98 0.47 6.88
CA ILE A 27 -5.36 0.79 6.61
C ILE A 27 -5.48 2.11 5.84
N GLU A 28 -4.67 3.07 6.24
CA GLU A 28 -4.63 4.38 5.59
C GLU A 28 -4.22 4.23 4.13
N LEU A 29 -3.21 3.40 3.89
CA LEU A 29 -2.75 3.15 2.52
C LEU A 29 -3.81 2.38 1.74
N LEU A 30 -4.50 1.46 2.43
CA LEU A 30 -5.58 0.69 1.85
C LEU A 30 -6.65 1.60 1.26
N GLU A 31 -7.20 2.47 2.09
CA GLU A 31 -8.26 3.37 1.64
C GLU A 31 -7.77 4.35 0.58
N LYS A 32 -6.49 4.68 0.65
CA LYS A 32 -5.87 5.53 -0.36
C LYS A 32 -5.81 4.79 -1.70
N LEU A 33 -5.28 3.57 -1.65
CA LEU A 33 -5.16 2.72 -2.83
C LEU A 33 -6.52 2.40 -3.42
N LYS A 34 -7.47 2.02 -2.56
CA LYS A 34 -8.80 1.60 -3.01
C LYS A 34 -9.44 2.62 -3.94
N GLY A 35 -9.38 3.90 -3.58
CA GLY A 35 -10.00 4.93 -4.40
C GLY A 35 -9.24 5.17 -5.70
N GLU A 36 -7.93 5.23 -5.63
CA GLU A 36 -7.10 5.51 -6.79
C GLU A 36 -7.00 4.28 -7.69
N LEU A 37 -7.29 3.11 -7.12
CA LEU A 37 -7.32 1.87 -7.89
C LEU A 37 -8.64 1.71 -8.64
N GLU A 38 -9.74 2.05 -7.99
CA GLU A 38 -11.06 1.91 -8.60
C GLU A 38 -11.24 2.91 -9.75
N LYS A 39 -10.50 4.02 -9.69
CA LYS A 39 -10.55 4.98 -10.79
C LYS A 39 -9.60 4.57 -11.92
N ILE A 40 -8.76 3.57 -11.66
CA ILE A 40 -7.91 3.01 -12.70
C ILE A 40 -8.72 1.99 -13.52
N SER A 41 -8.48 1.96 -14.82
CA SER A 41 -9.23 1.09 -15.70
C SER A 41 -8.85 -0.37 -15.47
N PHE A 42 -9.83 -1.26 -15.56
CA PHE A 42 -9.60 -2.69 -15.35
C PHE A 42 -8.69 -3.25 -16.43
N SER A 43 -8.63 -2.54 -17.55
CA SER A 43 -7.75 -2.92 -18.64
C SER A 43 -6.29 -2.58 -18.32
N ASP A 44 -6.09 -1.72 -17.33
CA ASP A 44 -4.77 -1.22 -17.00
C ASP A 44 -4.22 -1.91 -15.75
N LEU A 45 -5.12 -2.26 -14.83
CA LEU A 45 -4.72 -2.97 -13.63
C LEU A 45 -4.50 -4.46 -13.93
N PRO A 46 -3.55 -5.10 -13.22
CA PRO A 46 -3.18 -6.51 -13.48
C PRO A 46 -4.36 -7.49 -13.34
N LEU A 47 -4.23 -8.63 -14.01
CA LEU A 47 -5.28 -9.65 -14.05
C LEU A 47 -5.58 -10.18 -12.65
N GLU A 48 -4.57 -10.13 -11.78
CA GLU A 48 -4.71 -10.58 -10.40
C GLU A 48 -5.83 -9.80 -9.71
N LEU A 49 -5.88 -8.50 -9.95
CA LEU A 49 -6.87 -7.65 -9.33
C LEU A 49 -8.23 -7.85 -9.99
N GLN A 50 -8.20 -8.25 -11.26
CA GLN A 50 -9.42 -8.50 -12.02
C GLN A 50 -10.15 -9.73 -11.47
N LYS A 51 -9.37 -10.67 -10.92
CA LYS A 51 -9.94 -11.88 -10.34
C LYS A 51 -10.43 -11.62 -8.92
N LEU A 52 -9.76 -10.74 -8.21
CA LEU A 52 -10.16 -10.35 -6.86
C LEU A 52 -11.49 -9.61 -6.90
N ASP A 53 -12.53 -10.25 -6.39
CA ASP A 53 -13.88 -9.71 -6.44
C ASP A 53 -14.05 -8.54 -5.47
N SER A 54 -13.11 -8.40 -4.55
CA SER A 54 -13.19 -7.36 -3.54
C SER A 54 -12.10 -6.30 -3.75
N LEU A 55 -12.53 -5.05 -3.77
CA LEU A 55 -11.62 -3.91 -3.92
C LEU A 55 -10.54 -3.89 -2.81
N PRO A 56 -10.93 -4.07 -1.52
CA PRO A 56 -9.96 -4.12 -0.41
C PRO A 56 -8.86 -5.16 -0.65
N ALA A 57 -9.23 -6.33 -1.16
CA ALA A 57 -8.26 -7.39 -1.39
C ALA A 57 -7.28 -7.01 -2.49
N GLN A 58 -7.78 -6.29 -3.50
CA GLN A 58 -6.94 -5.80 -4.58
C GLN A 58 -5.85 -4.90 -4.04
N ALA A 59 -6.26 -3.87 -3.29
CA ALA A 59 -5.34 -2.91 -2.70
C ALA A 59 -4.41 -3.60 -1.72
N GLN A 60 -4.94 -4.55 -0.96
CA GLN A 60 -4.17 -5.27 0.03
C GLN A 60 -3.06 -6.09 -0.63
N HIS A 61 -3.38 -6.75 -1.74
CA HIS A 61 -2.40 -7.57 -2.44
C HIS A 61 -1.32 -6.69 -3.06
N LEU A 62 -1.71 -5.48 -3.46
CA LEU A 62 -0.74 -4.50 -3.93
C LEU A 62 0.27 -4.21 -2.82
N ILE A 63 -0.26 -3.99 -1.62
CA ILE A 63 0.55 -3.76 -0.44
C ILE A 63 1.45 -4.97 -0.14
N ASP A 64 0.91 -6.15 -0.37
CA ASP A 64 1.64 -7.39 -0.10
C ASP A 64 2.94 -7.46 -0.89
N THR A 65 2.89 -7.00 -2.13
CA THR A 65 4.08 -6.99 -2.96
C THR A 65 4.64 -5.57 -3.14
N SER A 66 4.02 -4.80 -4.03
CA SER A 66 4.50 -3.48 -4.48
C SER A 66 3.78 -3.13 -5.78
N CYS A 67 3.99 -1.91 -6.27
CA CYS A 67 3.48 -1.50 -7.57
C CYS A 67 3.88 -0.05 -7.86
N GLU A 68 3.97 0.30 -9.12
CA GLU A 68 4.14 1.68 -9.51
C GLU A 68 2.86 2.13 -10.19
N LEU A 69 2.19 3.11 -9.60
CA LEU A 69 0.85 3.47 -10.05
C LEU A 69 0.79 4.91 -10.55
N ASP A 70 0.49 5.06 -11.84
CA ASP A 70 0.19 6.37 -12.39
C ASP A 70 -1.25 6.70 -12.07
N VAL A 71 -1.45 7.73 -11.28
CA VAL A 71 -2.78 8.05 -10.76
C VAL A 71 -3.58 8.91 -11.75
N GLY A 72 -3.03 9.10 -12.94
CA GLY A 72 -3.75 9.82 -13.98
C GLY A 72 -3.39 11.29 -14.05
N ALA A 73 -3.17 11.90 -12.89
CA ALA A 73 -2.86 13.32 -12.81
C ALA A 73 -1.35 13.57 -12.93
N GLY A 74 -0.65 12.61 -13.52
CA GLY A 74 0.79 12.75 -13.69
C GLY A 74 1.56 12.38 -12.44
N LYS A 75 0.83 12.08 -11.38
CA LYS A 75 1.45 11.68 -10.13
C LYS A 75 1.66 10.18 -10.11
N TYR A 76 2.81 9.76 -9.62
CA TYR A 76 3.11 8.34 -9.51
C TYR A 76 3.17 7.93 -8.06
N LEU A 77 2.32 7.01 -7.69
CA LEU A 77 2.25 6.53 -6.32
C LEU A 77 3.21 5.37 -6.10
N GLN A 78 4.18 5.58 -5.23
CA GLN A 78 5.15 4.54 -4.90
C GLN A 78 5.25 4.38 -3.39
N TRP A 79 5.38 3.14 -2.93
CA TRP A 79 5.50 2.88 -1.50
C TRP A 79 6.35 1.62 -1.28
N TYR A 80 7.07 1.59 -0.17
CA TYR A 80 7.75 0.38 0.24
C TYR A 80 7.70 0.24 1.75
N ALA A 81 7.76 -1.00 2.23
CA ALA A 81 7.71 -1.28 3.66
C ALA A 81 9.03 -0.94 4.33
N VAL A 82 8.96 -0.27 5.46
CA VAL A 82 10.15 0.07 6.22
C VAL A 82 10.30 -0.85 7.42
N ARG A 83 11.22 -1.80 7.31
CA ARG A 83 11.52 -2.72 8.39
C ARG A 83 13.02 -2.80 8.61
N LEU A 84 13.44 -2.50 9.82
CA LEU A 84 14.86 -2.52 10.15
C LEU A 84 15.19 -3.79 10.91
N GLU A 85 14.26 -4.22 11.77
CA GLU A 85 14.43 -5.41 12.62
C GLU A 85 15.60 -5.21 13.59
N LYS A 86 16.81 -5.47 13.11
CA LYS A 86 18.03 -5.24 13.88
C LYS A 86 18.79 -4.05 13.30
N LEU A 87 18.04 -3.13 12.69
CA LEU A 87 18.61 -2.09 11.81
C LEU A 87 19.07 -2.76 10.52
N GLU A 88 19.96 -3.74 10.67
CA GLU A 88 20.32 -4.62 9.58
C GLU A 88 19.15 -5.56 9.28
N HIS A 89 18.56 -5.39 8.12
CA HIS A 89 17.40 -6.19 7.72
C HIS A 89 17.82 -7.16 6.63
N HIS A 90 19.08 -7.54 6.68
CA HIS A 90 19.69 -8.43 5.69
C HIS A 90 19.09 -9.83 5.72
N HIS A 91 18.72 -10.31 6.91
CA HIS A 91 18.24 -11.69 7.05
C HIS A 91 17.00 -11.95 6.20
N HIS A 92 16.10 -10.95 6.11
CA HIS A 92 14.83 -11.08 5.40
C HIS A 92 14.08 -12.37 5.79
N HIS A 93 14.30 -13.43 4.99
CA HIS A 93 13.63 -14.72 5.22
C HIS A 93 12.11 -14.60 5.15
N HIS A 94 11.44 -15.67 5.53
CA HIS A 94 9.99 -15.69 5.68
C HIS A 94 9.58 -16.90 6.51
N MET A 1 -14.94 -11.27 13.09
CA MET A 1 -13.80 -11.55 12.19
C MET A 1 -12.55 -11.86 13.00
N PRO A 2 -12.05 -13.10 12.92
CA PRO A 2 -10.86 -13.51 13.64
C PRO A 2 -9.57 -12.99 12.99
N ASP A 3 -9.13 -11.84 13.43
CA ASP A 3 -7.88 -11.26 12.95
C ASP A 3 -6.68 -11.91 13.64
N PRO A 4 -5.75 -12.46 12.85
CA PRO A 4 -4.61 -13.23 13.36
C PRO A 4 -3.45 -12.36 13.84
N LEU A 5 -3.72 -11.10 14.13
CA LEU A 5 -2.70 -10.19 14.64
C LEU A 5 -3.35 -9.12 15.50
N MET A 6 -2.68 -8.72 16.57
CA MET A 6 -3.25 -7.75 17.51
C MET A 6 -3.01 -6.33 17.02
N TYR A 7 -1.87 -6.12 16.38
CA TYR A 7 -1.56 -4.84 15.77
C TYR A 7 -1.76 -4.94 14.27
N GLN A 8 -2.92 -4.49 13.83
CA GLN A 8 -3.34 -4.62 12.44
C GLN A 8 -2.46 -3.80 11.50
N GLN A 9 -2.03 -2.65 11.95
CA GLN A 9 -1.37 -1.71 11.08
C GLN A 9 0.13 -1.63 11.34
N ASP A 10 0.88 -1.52 10.27
CA ASP A 10 2.31 -1.22 10.33
C ASP A 10 2.50 0.15 9.67
N ASN A 11 3.74 0.58 9.49
CA ASN A 11 3.98 1.87 8.85
C ASN A 11 4.67 1.70 7.50
N PHE A 12 4.09 2.35 6.49
CA PHE A 12 4.64 2.31 5.14
C PHE A 12 4.79 3.71 4.60
N VAL A 13 5.92 4.00 3.99
CA VAL A 13 6.17 5.32 3.42
C VAL A 13 5.62 5.37 2.00
N VAL A 14 4.68 6.26 1.78
CA VAL A 14 4.00 6.35 0.50
C VAL A 14 4.46 7.59 -0.26
N LEU A 15 5.10 7.35 -1.38
CA LEU A 15 5.57 8.45 -2.21
C LEU A 15 4.52 8.79 -3.25
N GLU A 16 3.80 9.87 -2.99
CA GLU A 16 2.75 10.34 -3.86
C GLU A 16 3.26 11.55 -4.64
N THR A 17 2.65 11.83 -5.77
CA THR A 17 3.12 12.88 -6.66
C THR A 17 2.54 14.24 -6.26
N ASN A 18 1.23 14.27 -6.00
CA ASN A 18 0.55 15.51 -5.66
C ASN A 18 0.79 15.88 -4.21
N GLN A 19 0.54 14.92 -3.31
CA GLN A 19 0.74 15.14 -1.90
C GLN A 19 1.93 14.34 -1.37
N PRO A 20 3.07 15.02 -1.16
CA PRO A 20 4.25 14.37 -0.57
C PRO A 20 3.96 13.99 0.88
N GLU A 21 4.19 12.73 1.22
CA GLU A 21 3.82 12.23 2.53
C GLU A 21 4.93 11.35 3.09
N GLN A 22 4.89 11.12 4.39
CA GLN A 22 5.85 10.25 5.05
C GLN A 22 5.28 8.84 5.20
N PHE A 23 5.56 8.21 6.33
CA PHE A 23 5.06 6.86 6.57
C PHE A 23 3.71 6.89 7.29
N LEU A 24 2.74 6.20 6.71
CA LEU A 24 1.42 6.10 7.29
C LEU A 24 1.07 4.64 7.55
N THR A 25 -0.05 4.41 8.23
CA THR A 25 -0.41 3.07 8.64
C THR A 25 -1.09 2.28 7.51
N THR A 26 -1.11 0.96 7.67
CA THR A 26 -1.61 0.03 6.65
C THR A 26 -3.02 0.37 6.18
N ILE A 27 -3.92 0.67 7.11
CA ILE A 27 -5.32 0.94 6.75
C ILE A 27 -5.43 2.24 5.94
N GLU A 28 -4.64 3.24 6.34
CA GLU A 28 -4.61 4.50 5.64
C GLU A 28 -4.06 4.32 4.22
N LEU A 29 -3.03 3.49 4.12
CA LEU A 29 -2.46 3.13 2.82
C LEU A 29 -3.48 2.37 1.98
N LEU A 30 -4.22 1.46 2.64
CA LEU A 30 -5.23 0.65 1.98
C LEU A 30 -6.25 1.54 1.29
N GLU A 31 -6.81 2.49 2.03
CA GLU A 31 -7.83 3.39 1.49
C GLU A 31 -7.27 4.28 0.39
N LYS A 32 -6.01 4.66 0.51
CA LYS A 32 -5.36 5.40 -0.56
C LYS A 32 -5.29 4.55 -1.81
N LEU A 33 -4.81 3.32 -1.64
CA LEU A 33 -4.73 2.38 -2.75
C LEU A 33 -6.10 2.10 -3.34
N LYS A 34 -7.10 1.92 -2.49
CA LYS A 34 -8.47 1.72 -2.94
C LYS A 34 -8.91 2.87 -3.84
N GLY A 35 -8.77 4.09 -3.34
CA GLY A 35 -9.18 5.26 -4.08
C GLY A 35 -8.38 5.45 -5.35
N GLU A 36 -7.07 5.27 -5.24
CA GLU A 36 -6.17 5.43 -6.38
C GLU A 36 -6.35 4.30 -7.38
N LEU A 37 -6.91 3.19 -6.93
CA LEU A 37 -7.16 2.06 -7.81
C LEU A 37 -8.50 2.20 -8.53
N GLU A 38 -9.51 2.70 -7.82
CA GLU A 38 -10.84 2.86 -8.41
C GLU A 38 -10.88 4.02 -9.40
N LYS A 39 -9.92 4.94 -9.30
CA LYS A 39 -9.83 6.02 -10.29
C LYS A 39 -9.13 5.52 -11.55
N ILE A 40 -8.66 4.28 -11.51
CA ILE A 40 -8.12 3.61 -12.68
C ILE A 40 -9.19 2.69 -13.27
N SER A 41 -9.22 2.56 -14.59
CA SER A 41 -10.20 1.71 -15.26
C SER A 41 -10.13 0.28 -14.74
N PHE A 42 -11.29 -0.29 -14.45
CA PHE A 42 -11.37 -1.61 -13.85
C PHE A 42 -10.95 -2.69 -14.84
N SER A 43 -10.96 -2.35 -16.11
CA SER A 43 -10.57 -3.29 -17.15
C SER A 43 -9.09 -3.13 -17.50
N ASP A 44 -8.47 -2.09 -16.96
CA ASP A 44 -7.11 -1.74 -17.34
C ASP A 44 -6.14 -1.89 -16.18
N LEU A 45 -6.68 -2.11 -14.98
CA LEU A 45 -5.85 -2.36 -13.81
C LEU A 45 -5.13 -3.72 -13.94
N PRO A 46 -4.01 -3.90 -13.20
CA PRO A 46 -3.17 -5.11 -13.28
C PRO A 46 -3.96 -6.42 -13.31
N LEU A 47 -3.46 -7.37 -14.09
CA LEU A 47 -4.10 -8.66 -14.31
C LEU A 47 -4.31 -9.43 -13.00
N GLU A 48 -3.43 -9.22 -12.04
CA GLU A 48 -3.57 -9.87 -10.74
C GLU A 48 -4.80 -9.34 -10.02
N LEU A 49 -5.09 -8.07 -10.21
CA LEU A 49 -6.24 -7.43 -9.60
C LEU A 49 -7.50 -7.86 -10.33
N GLN A 50 -7.33 -8.32 -11.55
CA GLN A 50 -8.45 -8.84 -12.33
C GLN A 50 -8.80 -10.25 -11.86
N LYS A 51 -7.82 -10.94 -11.28
CA LYS A 51 -8.05 -12.24 -10.66
C LYS A 51 -8.83 -12.07 -9.36
N LEU A 52 -8.56 -10.98 -8.66
CA LEU A 52 -9.29 -10.65 -7.45
C LEU A 52 -10.63 -10.01 -7.81
N ASP A 53 -11.67 -10.40 -7.09
CA ASP A 53 -13.02 -9.98 -7.43
C ASP A 53 -13.34 -8.63 -6.80
N SER A 54 -12.86 -8.42 -5.59
CA SER A 54 -13.21 -7.22 -4.83
C SER A 54 -12.06 -6.21 -4.86
N LEU A 55 -12.44 -4.94 -4.90
CA LEU A 55 -11.48 -3.84 -4.99
C LEU A 55 -10.55 -3.77 -3.76
N PRO A 56 -11.10 -3.79 -2.51
CA PRO A 56 -10.27 -3.79 -1.30
C PRO A 56 -9.25 -4.93 -1.28
N ALA A 57 -9.67 -6.10 -1.75
CA ALA A 57 -8.80 -7.25 -1.82
C ALA A 57 -7.65 -7.00 -2.79
N GLN A 58 -7.95 -6.29 -3.88
CA GLN A 58 -6.94 -5.93 -4.87
C GLN A 58 -5.87 -5.05 -4.26
N ALA A 59 -6.29 -3.98 -3.59
CA ALA A 59 -5.37 -3.06 -2.95
C ALA A 59 -4.54 -3.76 -1.87
N GLN A 60 -5.19 -4.66 -1.14
CA GLN A 60 -4.52 -5.40 -0.08
C GLN A 60 -3.43 -6.30 -0.68
N HIS A 61 -3.77 -7.00 -1.75
CA HIS A 61 -2.83 -7.91 -2.40
C HIS A 61 -1.63 -7.15 -2.94
N LEU A 62 -1.82 -5.86 -3.25
CA LEU A 62 -0.71 -5.01 -3.64
C LEU A 62 0.26 -4.88 -2.47
N ILE A 63 -0.28 -4.54 -1.31
CA ILE A 63 0.51 -4.43 -0.08
C ILE A 63 1.23 -5.75 0.20
N ASP A 64 0.61 -6.85 -0.19
CA ASP A 64 1.22 -8.17 -0.03
C ASP A 64 2.41 -8.36 -0.97
N THR A 65 2.14 -8.47 -2.26
CA THR A 65 3.16 -8.92 -3.20
C THR A 65 3.77 -7.80 -4.03
N SER A 66 2.95 -6.86 -4.51
CA SER A 66 3.39 -5.97 -5.56
C SER A 66 3.19 -4.49 -5.22
N CYS A 67 4.26 -3.72 -5.29
CA CYS A 67 4.15 -2.29 -5.06
C CYS A 67 4.49 -1.54 -6.35
N GLU A 68 3.44 -1.08 -7.04
CA GLU A 68 3.58 -0.36 -8.29
C GLU A 68 2.23 0.16 -8.75
N LEU A 69 2.14 1.46 -8.99
CA LEU A 69 0.89 2.05 -9.45
C LEU A 69 1.11 3.48 -9.94
N ASP A 70 0.58 3.79 -11.11
CA ASP A 70 0.50 5.18 -11.56
C ASP A 70 -0.95 5.61 -11.54
N VAL A 71 -1.21 6.88 -11.28
CA VAL A 71 -2.56 7.35 -11.07
C VAL A 71 -2.95 8.41 -12.09
N GLY A 72 -2.23 8.47 -13.18
CA GLY A 72 -2.53 9.43 -14.23
C GLY A 72 -1.32 9.79 -15.05
N ALA A 73 -1.49 10.77 -15.91
CA ALA A 73 -0.41 11.22 -16.79
C ALA A 73 0.59 12.09 -16.03
N GLY A 74 1.68 11.47 -15.61
CA GLY A 74 2.74 12.20 -14.96
C GLY A 74 2.70 12.10 -13.45
N LYS A 75 1.76 11.32 -12.93
CA LYS A 75 1.67 11.12 -11.49
C LYS A 75 1.53 9.64 -11.16
N TYR A 76 2.19 9.24 -10.09
CA TYR A 76 2.25 7.84 -9.69
C TYR A 76 2.09 7.70 -8.19
N LEU A 77 1.92 6.46 -7.73
CA LEU A 77 1.81 6.16 -6.31
C LEU A 77 2.65 4.93 -5.99
N GLN A 78 3.72 5.12 -5.22
CA GLN A 78 4.59 4.02 -4.87
C GLN A 78 4.89 4.01 -3.38
N TRP A 79 4.91 2.82 -2.80
CA TRP A 79 5.14 2.66 -1.38
C TRP A 79 6.12 1.52 -1.15
N TYR A 80 6.92 1.63 -0.10
CA TYR A 80 7.81 0.55 0.27
C TYR A 80 7.88 0.41 1.78
N ALA A 81 8.13 -0.81 2.24
CA ALA A 81 8.11 -1.13 3.65
C ALA A 81 9.31 -0.55 4.39
N VAL A 82 9.03 0.33 5.33
CA VAL A 82 10.07 0.89 6.18
C VAL A 82 10.00 0.28 7.57
N ARG A 83 10.94 -0.62 7.84
CA ARG A 83 11.01 -1.25 9.14
C ARG A 83 12.27 -0.80 9.85
N LEU A 84 12.09 -0.19 11.02
CA LEU A 84 13.19 0.41 11.76
C LEU A 84 13.94 -0.65 12.57
N GLU A 85 14.42 -1.68 11.87
CA GLU A 85 15.18 -2.74 12.49
C GLU A 85 15.83 -3.61 11.43
N LYS A 86 17.04 -4.07 11.73
CA LYS A 86 17.74 -4.99 10.85
C LYS A 86 18.42 -6.07 11.69
N LEU A 87 17.69 -7.15 11.95
CA LEU A 87 18.21 -8.25 12.76
C LEU A 87 19.41 -8.90 12.09
N GLU A 88 19.18 -9.96 11.34
CA GLU A 88 20.24 -10.65 10.60
C GLU A 88 21.40 -11.03 11.51
N HIS A 89 22.51 -11.41 10.88
CA HIS A 89 23.81 -11.55 11.56
C HIS A 89 23.77 -12.61 12.67
N HIS A 90 22.77 -13.50 12.62
CA HIS A 90 22.64 -14.53 13.65
C HIS A 90 23.55 -15.71 13.34
N HIS A 91 24.84 -15.42 13.32
CA HIS A 91 25.89 -16.39 13.06
C HIS A 91 27.20 -15.80 13.56
N HIS A 92 28.31 -16.50 13.35
CA HIS A 92 29.60 -15.87 13.61
C HIS A 92 29.94 -14.95 12.43
N HIS A 93 29.50 -13.70 12.56
CA HIS A 93 29.65 -12.72 11.48
C HIS A 93 31.11 -12.55 11.09
N HIS A 94 31.99 -12.60 12.08
CA HIS A 94 33.43 -12.48 11.86
C HIS A 94 34.16 -12.69 13.17
N MET A 1 7.90 -8.57 29.78
CA MET A 1 7.56 -8.53 28.35
C MET A 1 6.96 -7.17 27.99
N PRO A 2 7.51 -6.50 26.96
CA PRO A 2 6.97 -5.24 26.46
C PRO A 2 5.62 -5.45 25.79
N ASP A 3 4.70 -4.52 26.02
CA ASP A 3 3.36 -4.60 25.46
C ASP A 3 3.36 -4.17 23.99
N PRO A 4 2.28 -4.47 23.25
CA PRO A 4 2.14 -4.12 21.84
C PRO A 4 2.45 -2.65 21.55
N LEU A 5 2.67 -2.35 20.28
CA LEU A 5 3.11 -1.02 19.84
C LEU A 5 1.97 -0.01 19.82
N MET A 6 0.90 -0.29 20.57
CA MET A 6 -0.29 0.58 20.62
C MET A 6 -1.13 0.43 19.35
N TYR A 7 -0.45 0.41 18.22
CA TYR A 7 -1.08 0.15 16.94
C TYR A 7 -1.05 -1.35 16.67
N GLN A 8 -0.87 -1.71 15.42
CA GLN A 8 -0.83 -3.11 15.01
C GLN A 8 -0.33 -3.20 13.57
N GLN A 9 -0.94 -2.41 12.72
CA GLN A 9 -0.48 -2.25 11.35
C GLN A 9 0.80 -1.44 11.33
N ASP A 10 1.66 -1.71 10.37
CA ASP A 10 2.93 -1.03 10.25
C ASP A 10 2.72 0.32 9.55
N ASN A 11 3.80 1.05 9.32
CA ASN A 11 3.72 2.33 8.65
C ASN A 11 4.56 2.34 7.38
N PHE A 12 3.96 2.85 6.32
CA PHE A 12 4.60 2.91 5.02
C PHE A 12 4.96 4.34 4.68
N VAL A 13 6.14 4.55 4.12
CA VAL A 13 6.50 5.86 3.61
C VAL A 13 6.07 5.96 2.15
N VAL A 14 4.93 6.62 1.95
CA VAL A 14 4.33 6.69 0.63
C VAL A 14 4.80 7.94 -0.10
N LEU A 15 5.54 7.72 -1.17
CA LEU A 15 6.04 8.80 -1.99
C LEU A 15 5.13 8.97 -3.19
N GLU A 16 4.41 10.08 -3.22
CA GLU A 16 3.53 10.39 -4.32
C GLU A 16 4.00 11.66 -5.01
N THR A 17 3.66 11.80 -6.29
CA THR A 17 4.02 12.99 -7.06
C THR A 17 3.55 14.28 -6.37
N ASN A 18 2.45 14.20 -5.63
CA ASN A 18 1.90 15.37 -4.97
C ASN A 18 2.08 15.29 -3.45
N GLN A 19 2.75 14.24 -2.99
CA GLN A 19 2.90 14.01 -1.55
C GLN A 19 4.15 13.19 -1.24
N PRO A 20 5.32 13.84 -1.16
CA PRO A 20 6.55 13.20 -0.73
C PRO A 20 6.73 13.23 0.78
N GLU A 21 7.64 12.38 1.29
CA GLU A 21 8.12 12.47 2.68
C GLU A 21 7.01 12.20 3.70
N GLN A 22 5.95 11.52 3.28
CA GLN A 22 4.84 11.27 4.18
C GLN A 22 4.69 9.78 4.48
N PHE A 23 4.51 9.46 5.76
CA PHE A 23 4.30 8.09 6.18
C PHE A 23 2.88 7.92 6.72
N LEU A 24 2.30 6.77 6.45
CA LEU A 24 0.95 6.45 6.94
C LEU A 24 0.85 4.95 7.22
N THR A 25 -0.12 4.57 8.02
CA THR A 25 -0.26 3.18 8.43
C THR A 25 -0.87 2.32 7.32
N THR A 26 -0.70 1.01 7.44
CA THR A 26 -1.21 0.05 6.46
C THR A 26 -2.70 0.28 6.15
N ILE A 27 -3.48 0.56 7.18
CA ILE A 27 -4.92 0.77 7.00
C ILE A 27 -5.18 2.00 6.15
N GLU A 28 -4.45 3.08 6.42
CA GLU A 28 -4.58 4.31 5.67
C GLU A 28 -4.17 4.09 4.22
N LEU A 29 -3.08 3.36 4.02
CA LEU A 29 -2.60 3.03 2.69
C LEU A 29 -3.60 2.16 1.94
N LEU A 30 -4.22 1.23 2.67
CA LEU A 30 -5.21 0.33 2.09
C LEU A 30 -6.37 1.12 1.48
N GLU A 31 -6.92 2.04 2.25
CA GLU A 31 -8.06 2.83 1.80
C GLU A 31 -7.63 3.82 0.71
N LYS A 32 -6.40 4.31 0.81
CA LYS A 32 -5.84 5.20 -0.19
C LYS A 32 -5.72 4.47 -1.53
N LEU A 33 -5.07 3.31 -1.49
CA LEU A 33 -4.88 2.49 -2.67
C LEU A 33 -6.20 2.15 -3.33
N LYS A 34 -7.19 1.77 -2.53
CA LYS A 34 -8.50 1.39 -3.06
C LYS A 34 -9.08 2.51 -3.92
N GLY A 35 -9.10 3.72 -3.39
CA GLY A 35 -9.69 4.84 -4.11
C GLY A 35 -8.96 5.14 -5.40
N GLU A 36 -7.64 5.14 -5.35
CA GLU A 36 -6.82 5.45 -6.51
C GLU A 36 -6.88 4.30 -7.51
N LEU A 37 -7.01 3.08 -7.01
CA LEU A 37 -7.11 1.90 -7.86
C LEU A 37 -8.47 1.83 -8.55
N GLU A 38 -9.54 2.13 -7.81
CA GLU A 38 -10.88 2.04 -8.35
C GLU A 38 -11.16 3.15 -9.36
N LYS A 39 -10.37 4.23 -9.30
CA LYS A 39 -10.50 5.30 -10.27
C LYS A 39 -9.58 5.05 -11.46
N ILE A 40 -8.90 3.90 -11.44
CA ILE A 40 -8.14 3.43 -12.60
C ILE A 40 -9.04 2.51 -13.42
N SER A 41 -8.88 2.54 -14.74
CA SER A 41 -9.66 1.69 -15.62
C SER A 41 -9.27 0.23 -15.43
N PHE A 42 -10.27 -0.64 -15.39
CA PHE A 42 -10.05 -2.07 -15.17
C PHE A 42 -9.12 -2.66 -16.22
N SER A 43 -9.13 -2.07 -17.40
CA SER A 43 -8.27 -2.52 -18.49
C SER A 43 -6.80 -2.28 -18.18
N ASP A 44 -6.52 -1.28 -17.36
CA ASP A 44 -5.15 -0.89 -17.06
C ASP A 44 -4.55 -1.70 -15.91
N LEU A 45 -5.39 -2.04 -14.94
CA LEU A 45 -4.91 -2.75 -13.76
C LEU A 45 -4.67 -4.24 -14.07
N PRO A 46 -3.72 -4.86 -13.34
CA PRO A 46 -3.33 -6.28 -13.53
C PRO A 46 -4.52 -7.23 -13.67
N LEU A 47 -4.31 -8.30 -14.44
CA LEU A 47 -5.34 -9.27 -14.74
C LEU A 47 -5.84 -9.97 -13.47
N GLU A 48 -4.93 -10.26 -12.54
CA GLU A 48 -5.30 -10.93 -11.31
C GLU A 48 -6.20 -10.03 -10.46
N LEU A 49 -6.01 -8.71 -10.58
CA LEU A 49 -6.86 -7.77 -9.87
C LEU A 49 -8.24 -7.72 -10.52
N GLN A 50 -8.28 -8.01 -11.82
CA GLN A 50 -9.54 -8.09 -12.55
C GLN A 50 -10.33 -9.30 -12.07
N LYS A 51 -9.61 -10.32 -11.62
CA LYS A 51 -10.25 -11.52 -11.09
C LYS A 51 -10.77 -11.27 -9.67
N LEU A 52 -10.07 -10.41 -8.94
CA LEU A 52 -10.45 -10.06 -7.58
C LEU A 52 -11.64 -9.11 -7.58
N ASP A 53 -12.78 -9.61 -7.17
CA ASP A 53 -14.01 -8.82 -7.14
C ASP A 53 -14.00 -7.86 -5.96
N SER A 54 -13.18 -8.16 -4.96
CA SER A 54 -13.08 -7.32 -3.78
C SER A 54 -11.99 -6.27 -3.97
N LEU A 55 -12.35 -5.00 -3.78
CA LEU A 55 -11.40 -3.90 -3.92
C LEU A 55 -10.28 -3.97 -2.87
N PRO A 56 -10.60 -4.19 -1.58
CA PRO A 56 -9.58 -4.35 -0.53
C PRO A 56 -8.60 -5.47 -0.84
N ALA A 57 -9.10 -6.53 -1.48
CA ALA A 57 -8.26 -7.67 -1.83
C ALA A 57 -7.21 -7.26 -2.86
N GLN A 58 -7.61 -6.42 -3.80
CA GLN A 58 -6.71 -5.92 -4.83
C GLN A 58 -5.62 -5.07 -4.20
N ALA A 59 -6.03 -4.11 -3.37
CA ALA A 59 -5.10 -3.21 -2.72
C ALA A 59 -4.17 -3.96 -1.77
N GLN A 60 -4.74 -4.90 -1.02
CA GLN A 60 -3.95 -5.73 -0.12
C GLN A 60 -2.92 -6.54 -0.90
N HIS A 61 -3.34 -7.10 -2.03
CA HIS A 61 -2.45 -7.86 -2.89
C HIS A 61 -1.26 -7.01 -3.30
N LEU A 62 -1.53 -5.76 -3.70
CA LEU A 62 -0.48 -4.83 -4.09
C LEU A 62 0.55 -4.67 -2.97
N ILE A 63 0.05 -4.34 -1.78
CA ILE A 63 0.90 -4.10 -0.61
C ILE A 63 1.81 -5.30 -0.33
N ASP A 64 1.27 -6.50 -0.49
CA ASP A 64 1.99 -7.72 -0.14
C ASP A 64 2.91 -8.21 -1.25
N THR A 65 2.73 -7.73 -2.47
CA THR A 65 3.50 -8.25 -3.59
C THR A 65 4.58 -7.28 -4.05
N SER A 66 4.20 -6.11 -4.53
CA SER A 66 5.15 -5.21 -5.14
C SER A 66 4.69 -3.77 -5.07
N CYS A 67 5.63 -2.85 -5.21
CA CYS A 67 5.32 -1.44 -5.26
C CYS A 67 5.40 -0.94 -6.70
N GLU A 68 4.23 -0.74 -7.29
CA GLU A 68 4.13 -0.24 -8.65
C GLU A 68 2.67 0.08 -8.97
N LEU A 69 2.38 1.34 -9.23
CA LEU A 69 1.04 1.77 -9.58
C LEU A 69 1.05 3.19 -10.14
N ASP A 70 0.32 3.38 -11.22
CA ASP A 70 0.10 4.71 -11.76
C ASP A 70 -1.23 5.22 -11.27
N VAL A 71 -1.21 6.25 -10.44
CA VAL A 71 -2.42 6.71 -9.78
C VAL A 71 -3.12 7.79 -10.60
N GLY A 72 -2.79 7.86 -11.87
CA GLY A 72 -3.47 8.77 -12.77
C GLY A 72 -3.08 10.22 -12.57
N ALA A 73 -3.61 11.09 -13.44
CA ALA A 73 -3.39 12.54 -13.35
C ALA A 73 -1.93 12.90 -13.53
N GLY A 74 -1.14 11.96 -14.03
CA GLY A 74 0.28 12.19 -14.23
C GLY A 74 1.07 11.99 -12.96
N LYS A 75 0.47 11.29 -12.00
CA LYS A 75 1.15 11.03 -10.73
C LYS A 75 1.53 9.56 -10.63
N TYR A 76 2.68 9.32 -10.02
CA TYR A 76 3.14 7.96 -9.76
C TYR A 76 3.04 7.69 -8.26
N LEU A 77 2.97 6.43 -7.89
CA LEU A 77 2.84 6.09 -6.48
C LEU A 77 3.88 5.05 -6.06
N GLN A 78 4.74 5.43 -5.13
CA GLN A 78 5.66 4.50 -4.52
C GLN A 78 5.30 4.33 -3.05
N TRP A 79 5.21 3.10 -2.59
CA TRP A 79 4.90 2.82 -1.21
C TRP A 79 5.77 1.68 -0.70
N TYR A 80 6.54 1.94 0.34
CA TYR A 80 7.33 0.90 0.97
C TYR A 80 7.33 1.07 2.48
N ALA A 81 7.06 -0.01 3.18
CA ALA A 81 7.05 0.01 4.63
C ALA A 81 8.47 0.05 5.15
N VAL A 82 8.71 0.90 6.13
CA VAL A 82 10.03 0.96 6.71
C VAL A 82 10.18 -0.12 7.78
N ARG A 83 10.86 -1.18 7.38
CA ARG A 83 11.09 -2.32 8.25
C ARG A 83 12.57 -2.65 8.20
N LEU A 84 13.23 -2.56 9.33
CA LEU A 84 14.67 -2.77 9.39
C LEU A 84 15.03 -3.28 10.76
N GLU A 85 15.22 -2.34 11.70
CA GLU A 85 15.45 -2.61 13.12
C GLU A 85 16.42 -3.78 13.35
N LYS A 86 15.86 -4.98 13.37
CA LYS A 86 16.61 -6.22 13.63
C LYS A 86 17.78 -6.40 12.67
N LEU A 87 17.58 -6.07 11.39
CA LEU A 87 18.61 -6.30 10.40
C LEU A 87 18.29 -5.59 9.08
N GLU A 88 19.32 -5.38 8.27
CA GLU A 88 19.17 -4.87 6.91
C GLU A 88 18.59 -5.97 6.01
N HIS A 89 18.10 -5.59 4.83
CA HIS A 89 17.60 -6.55 3.86
C HIS A 89 18.62 -7.65 3.65
N HIS A 90 18.20 -8.89 3.92
CA HIS A 90 19.12 -10.02 3.91
C HIS A 90 19.33 -10.54 2.49
N HIS A 91 20.08 -9.78 1.70
CA HIS A 91 20.38 -10.17 0.33
C HIS A 91 21.88 -10.19 0.10
N HIS A 92 22.36 -11.20 -0.61
CA HIS A 92 23.78 -11.31 -0.92
C HIS A 92 24.00 -11.72 -2.36
N HIS A 93 22.98 -11.51 -3.19
CA HIS A 93 23.11 -11.76 -4.62
C HIS A 93 23.98 -10.68 -5.23
N HIS A 94 23.89 -9.49 -4.65
CA HIS A 94 24.78 -8.40 -4.98
C HIS A 94 25.98 -8.42 -4.04
N MET A 1 5.13 -16.25 6.92
CA MET A 1 5.17 -16.51 5.45
C MET A 1 3.75 -16.67 4.88
N PRO A 2 2.94 -17.64 5.36
CA PRO A 2 1.54 -17.75 4.94
C PRO A 2 0.70 -16.66 5.60
N ASP A 3 1.24 -16.13 6.69
CA ASP A 3 0.63 -15.05 7.42
C ASP A 3 0.48 -13.83 6.52
N PRO A 4 -0.74 -13.31 6.36
CA PRO A 4 -0.98 -12.16 5.49
C PRO A 4 -0.42 -10.88 6.07
N LEU A 5 -0.22 -10.90 7.39
CA LEU A 5 0.27 -9.73 8.11
C LEU A 5 0.67 -10.13 9.53
N MET A 6 1.89 -10.64 9.67
CA MET A 6 2.38 -11.12 10.96
C MET A 6 2.87 -9.96 11.81
N TYR A 7 3.36 -8.92 11.14
CA TYR A 7 3.93 -7.76 11.83
C TYR A 7 2.84 -6.79 12.27
N GLN A 8 1.58 -7.20 12.10
CA GLN A 8 0.42 -6.40 12.45
C GLN A 8 0.38 -5.11 11.64
N GLN A 9 -0.49 -4.19 12.04
CA GLN A 9 -0.62 -2.91 11.35
C GLN A 9 0.69 -2.12 11.47
N ASP A 10 1.41 -2.05 10.38
CA ASP A 10 2.72 -1.40 10.35
C ASP A 10 2.64 -0.13 9.50
N ASN A 11 3.74 0.61 9.44
CA ASN A 11 3.74 1.91 8.79
C ASN A 11 4.52 1.86 7.47
N PHE A 12 3.95 2.47 6.44
CA PHE A 12 4.56 2.49 5.12
C PHE A 12 4.74 3.93 4.65
N VAL A 13 5.91 4.23 4.12
CA VAL A 13 6.19 5.57 3.63
C VAL A 13 5.76 5.69 2.18
N VAL A 14 4.67 6.42 1.95
CA VAL A 14 4.11 6.56 0.62
C VAL A 14 4.51 7.91 0.02
N LEU A 15 5.47 7.87 -0.90
CA LEU A 15 5.95 9.09 -1.51
C LEU A 15 5.19 9.37 -2.80
N GLU A 16 4.26 10.30 -2.71
CA GLU A 16 3.48 10.73 -3.87
C GLU A 16 4.21 11.89 -4.53
N THR A 17 3.89 12.16 -5.79
CA THR A 17 4.59 13.16 -6.57
C THR A 17 4.72 14.51 -5.86
N ASN A 18 3.71 14.87 -5.08
CA ASN A 18 3.70 16.16 -4.40
C ASN A 18 3.64 16.01 -2.88
N GLN A 19 3.79 14.79 -2.38
CA GLN A 19 3.70 14.53 -0.95
C GLN A 19 4.95 13.86 -0.41
N PRO A 20 5.83 14.64 0.23
CA PRO A 20 7.05 14.13 0.84
C PRO A 20 6.85 13.63 2.27
N GLU A 21 7.45 12.48 2.59
CA GLU A 21 7.46 11.93 3.94
C GLU A 21 6.07 11.64 4.47
N GLN A 22 5.14 11.28 3.59
CA GLN A 22 3.82 10.88 4.06
C GLN A 22 3.79 9.39 4.35
N PHE A 23 4.07 9.05 5.59
CA PHE A 23 4.00 7.67 6.02
C PHE A 23 2.68 7.42 6.73
N LEU A 24 2.03 6.33 6.39
CA LEU A 24 0.76 5.98 6.99
C LEU A 24 0.69 4.49 7.24
N THR A 25 -0.24 4.08 8.08
CA THR A 25 -0.33 2.71 8.51
C THR A 25 -1.03 1.83 7.47
N THR A 26 -0.98 0.51 7.70
CA THR A 26 -1.47 -0.48 6.74
C THR A 26 -2.90 -0.21 6.27
N ILE A 27 -3.81 0.04 7.22
CA ILE A 27 -5.23 0.19 6.88
C ILE A 27 -5.47 1.45 6.06
N GLU A 28 -4.87 2.55 6.50
CA GLU A 28 -5.02 3.82 5.81
C GLU A 28 -4.44 3.76 4.40
N LEU A 29 -3.34 3.03 4.25
CA LEU A 29 -2.75 2.82 2.94
C LEU A 29 -3.68 1.97 2.06
N LEU A 30 -4.32 1.00 2.68
CA LEU A 30 -5.28 0.15 1.98
C LEU A 30 -6.39 1.01 1.38
N GLU A 31 -6.92 1.93 2.19
CA GLU A 31 -7.98 2.82 1.75
C GLU A 31 -7.48 3.79 0.67
N LYS A 32 -6.23 4.22 0.80
CA LYS A 32 -5.66 5.13 -0.19
C LYS A 32 -5.50 4.41 -1.53
N LEU A 33 -4.92 3.21 -1.49
CA LEU A 33 -4.70 2.42 -2.70
C LEU A 33 -6.02 2.01 -3.34
N LYS A 34 -7.01 1.65 -2.53
CA LYS A 34 -8.28 1.21 -3.07
C LYS A 34 -8.99 2.35 -3.81
N GLY A 35 -8.70 3.58 -3.39
CA GLY A 35 -9.24 4.74 -4.08
C GLY A 35 -8.53 4.98 -5.40
N GLU A 36 -7.20 5.03 -5.34
CA GLU A 36 -6.39 5.20 -6.55
C GLU A 36 -6.64 4.07 -7.55
N LEU A 37 -6.78 2.87 -7.03
CA LEU A 37 -6.99 1.69 -7.87
C LEU A 37 -8.37 1.71 -8.52
N GLU A 38 -9.39 2.10 -7.76
CA GLU A 38 -10.76 2.04 -8.26
C GLU A 38 -11.01 3.13 -9.31
N LYS A 39 -10.19 4.18 -9.31
CA LYS A 39 -10.31 5.20 -10.34
C LYS A 39 -9.46 4.85 -11.56
N ILE A 40 -8.70 3.77 -11.45
CA ILE A 40 -7.95 3.25 -12.59
C ILE A 40 -8.78 2.19 -13.31
N SER A 41 -8.68 2.16 -14.62
CA SER A 41 -9.42 1.20 -15.42
C SER A 41 -8.93 -0.22 -15.18
N PHE A 42 -9.86 -1.16 -15.15
CA PHE A 42 -9.54 -2.57 -14.88
C PHE A 42 -8.64 -3.13 -15.97
N SER A 43 -8.78 -2.61 -17.18
CA SER A 43 -7.97 -3.05 -18.31
C SER A 43 -6.52 -2.58 -18.18
N ASP A 44 -6.28 -1.64 -17.27
CA ASP A 44 -4.94 -1.12 -17.03
C ASP A 44 -4.28 -1.85 -15.87
N LEU A 45 -5.07 -2.14 -14.85
CA LEU A 45 -4.55 -2.82 -13.67
C LEU A 45 -4.32 -4.31 -13.95
N PRO A 46 -3.44 -4.97 -13.18
CA PRO A 46 -3.08 -6.38 -13.39
C PRO A 46 -4.29 -7.32 -13.31
N LEU A 47 -4.21 -8.42 -14.07
CA LEU A 47 -5.33 -9.34 -14.21
C LEU A 47 -5.73 -9.99 -12.89
N GLU A 48 -4.77 -10.17 -11.98
CA GLU A 48 -5.07 -10.78 -10.69
C GLU A 48 -6.09 -9.96 -9.91
N LEU A 49 -6.05 -8.64 -10.09
CA LEU A 49 -6.99 -7.76 -9.42
C LEU A 49 -8.38 -7.93 -10.02
N GLN A 50 -8.43 -8.19 -11.32
CA GLN A 50 -9.69 -8.43 -12.01
C GLN A 50 -10.34 -9.71 -11.50
N LYS A 51 -9.52 -10.64 -11.03
CA LYS A 51 -10.03 -11.89 -10.49
C LYS A 51 -10.52 -11.70 -9.06
N LEU A 52 -9.95 -10.72 -8.38
CA LEU A 52 -10.37 -10.39 -7.03
C LEU A 52 -11.68 -9.60 -7.06
N ASP A 53 -12.69 -10.12 -6.38
CA ASP A 53 -14.03 -9.53 -6.42
C ASP A 53 -14.08 -8.19 -5.70
N SER A 54 -13.35 -8.08 -4.61
CA SER A 54 -13.39 -6.89 -3.77
C SER A 54 -12.20 -5.99 -4.04
N LEU A 55 -12.46 -4.67 -4.11
CA LEU A 55 -11.40 -3.69 -4.28
C LEU A 55 -10.40 -3.74 -3.11
N PRO A 56 -10.89 -3.77 -1.83
CA PRO A 56 -10.00 -3.93 -0.68
C PRO A 56 -9.06 -5.13 -0.84
N ALA A 57 -9.59 -6.22 -1.39
CA ALA A 57 -8.80 -7.42 -1.62
C ALA A 57 -7.72 -7.16 -2.67
N GLN A 58 -8.09 -6.44 -3.73
CA GLN A 58 -7.16 -6.05 -4.77
C GLN A 58 -6.03 -5.21 -4.18
N ALA A 59 -6.43 -4.13 -3.52
CA ALA A 59 -5.49 -3.18 -2.95
C ALA A 59 -4.61 -3.83 -1.88
N GLN A 60 -5.18 -4.78 -1.14
CA GLN A 60 -4.43 -5.52 -0.14
C GLN A 60 -3.32 -6.34 -0.78
N HIS A 61 -3.63 -6.96 -1.92
CA HIS A 61 -2.65 -7.77 -2.65
C HIS A 61 -1.56 -6.88 -3.23
N LEU A 62 -1.92 -5.63 -3.54
CA LEU A 62 -0.95 -4.65 -4.01
C LEU A 62 0.09 -4.41 -2.92
N ILE A 63 -0.40 -4.13 -1.71
CA ILE A 63 0.47 -3.89 -0.55
C ILE A 63 1.34 -5.12 -0.26
N ASP A 64 0.74 -6.30 -0.42
CA ASP A 64 1.43 -7.56 -0.16
C ASP A 64 2.61 -7.74 -1.10
N THR A 65 2.40 -7.43 -2.37
CA THR A 65 3.46 -7.54 -3.36
C THR A 65 4.14 -6.18 -3.57
N SER A 66 3.49 -5.35 -4.41
CA SER A 66 3.94 -4.02 -4.79
C SER A 66 3.43 -3.73 -6.20
N CYS A 67 3.56 -2.49 -6.65
CA CYS A 67 3.09 -2.11 -7.98
C CYS A 67 3.51 -0.68 -8.29
N GLU A 68 3.78 -0.41 -9.56
CA GLU A 68 4.03 0.94 -10.02
C GLU A 68 2.74 1.51 -10.61
N LEU A 69 2.22 2.56 -9.99
CA LEU A 69 0.90 3.06 -10.33
C LEU A 69 0.96 4.55 -10.63
N ASP A 70 0.31 4.97 -11.71
CA ASP A 70 0.15 6.39 -11.99
C ASP A 70 -1.25 6.83 -11.59
N VAL A 71 -1.33 7.97 -10.93
CA VAL A 71 -2.58 8.44 -10.37
C VAL A 71 -3.19 9.54 -11.23
N GLY A 72 -2.71 9.66 -12.45
CA GLY A 72 -3.24 10.64 -13.37
C GLY A 72 -2.36 11.87 -13.49
N ALA A 73 -2.31 12.44 -14.69
CA ALA A 73 -1.57 13.66 -14.97
C ALA A 73 -0.08 13.47 -14.79
N GLY A 74 0.39 12.24 -14.98
CA GLY A 74 1.81 11.97 -14.93
C GLY A 74 2.32 11.75 -13.52
N LYS A 75 1.43 11.84 -12.55
CA LYS A 75 1.81 11.65 -11.16
C LYS A 75 1.83 10.18 -10.82
N TYR A 76 2.92 9.70 -10.25
CA TYR A 76 3.06 8.31 -9.90
C TYR A 76 3.00 8.12 -8.40
N LEU A 77 2.46 6.97 -7.99
CA LEU A 77 2.32 6.65 -6.59
C LEU A 77 3.13 5.41 -6.27
N GLN A 78 4.00 5.52 -5.28
CA GLN A 78 4.80 4.40 -4.86
C GLN A 78 4.88 4.36 -3.34
N TRP A 79 4.61 3.20 -2.76
CA TRP A 79 4.65 3.05 -1.32
C TRP A 79 5.86 2.22 -0.93
N TYR A 80 6.63 2.74 0.00
CA TYR A 80 7.84 2.08 0.44
C TYR A 80 7.63 1.38 1.76
N ALA A 81 7.64 0.06 1.73
CA ALA A 81 7.66 -0.69 2.96
C ALA A 81 9.08 -0.71 3.47
N VAL A 82 9.32 -0.01 4.57
CA VAL A 82 10.66 0.13 5.09
C VAL A 82 10.67 -0.04 6.59
N ARG A 83 11.12 -1.20 7.04
CA ARG A 83 11.17 -1.50 8.45
C ARG A 83 12.61 -1.49 8.93
N LEU A 84 12.90 -0.63 9.89
CA LEU A 84 14.26 -0.47 10.39
C LEU A 84 14.23 -0.22 11.89
N GLU A 85 13.61 0.88 12.28
CA GLU A 85 13.41 1.20 13.67
C GLU A 85 11.92 1.46 13.92
N LYS A 86 11.59 2.02 15.07
CA LYS A 86 10.19 2.28 15.41
C LYS A 86 9.67 3.51 14.67
N LEU A 87 10.59 4.23 14.02
CA LEU A 87 10.25 5.36 13.16
C LEU A 87 9.48 6.44 13.92
N GLU A 88 10.09 6.95 14.97
CA GLU A 88 9.49 8.03 15.77
C GLU A 88 8.13 7.62 16.32
N HIS A 89 8.06 6.41 16.87
CA HIS A 89 6.85 5.92 17.51
C HIS A 89 6.80 6.47 18.93
N HIS A 90 7.86 7.19 19.28
CA HIS A 90 7.96 7.90 20.54
C HIS A 90 7.11 9.16 20.49
N HIS A 91 6.13 9.24 21.37
CA HIS A 91 5.24 10.39 21.40
C HIS A 91 5.98 11.65 21.82
N HIS A 92 5.59 12.75 21.20
CA HIS A 92 6.17 14.05 21.48
C HIS A 92 5.06 15.06 21.66
N HIS A 93 5.36 16.21 22.24
CA HIS A 93 4.32 17.17 22.54
C HIS A 93 3.89 17.91 21.28
N HIS A 94 2.64 18.37 21.29
CA HIS A 94 2.13 19.23 20.25
C HIS A 94 1.76 20.56 20.89
N MET A 1 -8.30 -10.79 25.11
CA MET A 1 -7.44 -10.74 23.90
C MET A 1 -6.19 -11.59 24.10
N PRO A 2 -5.87 -12.45 23.13
CA PRO A 2 -4.68 -13.30 23.19
C PRO A 2 -3.40 -12.51 22.96
N ASP A 3 -3.27 -11.95 21.75
CA ASP A 3 -2.06 -11.22 21.38
C ASP A 3 -2.34 -9.73 21.28
N PRO A 4 -1.32 -8.89 21.55
CA PRO A 4 -1.47 -7.44 21.54
C PRO A 4 -1.49 -6.85 20.13
N LEU A 5 -0.86 -7.54 19.19
CA LEU A 5 -0.75 -7.02 17.83
C LEU A 5 -1.75 -7.71 16.91
N MET A 6 -3.01 -7.66 17.31
CA MET A 6 -4.09 -8.29 16.55
C MET A 6 -4.35 -7.53 15.24
N TYR A 7 -3.66 -6.42 15.05
CA TYR A 7 -3.80 -5.62 13.85
C TYR A 7 -2.75 -6.02 12.81
N GLN A 8 -1.51 -6.17 13.28
CA GLN A 8 -0.36 -6.42 12.39
C GLN A 8 -0.20 -5.32 11.36
N GLN A 9 -0.63 -4.12 11.71
CA GLN A 9 -0.57 -2.97 10.82
C GLN A 9 0.83 -2.36 10.84
N ASP A 10 1.54 -2.54 9.74
CA ASP A 10 2.87 -1.96 9.59
C ASP A 10 2.73 -0.54 9.02
N ASN A 11 3.84 0.16 8.88
CA ASN A 11 3.82 1.53 8.39
C ASN A 11 4.71 1.66 7.16
N PHE A 12 4.19 2.35 6.16
CA PHE A 12 4.87 2.48 4.88
C PHE A 12 5.04 3.95 4.53
N VAL A 13 6.22 4.32 4.06
CA VAL A 13 6.46 5.68 3.63
C VAL A 13 6.06 5.86 2.17
N VAL A 14 4.93 6.51 1.98
CA VAL A 14 4.37 6.70 0.66
C VAL A 14 4.93 7.95 -0.01
N LEU A 15 5.33 7.81 -1.25
CA LEU A 15 5.93 8.90 -2.00
C LEU A 15 5.09 9.22 -3.24
N GLU A 16 4.38 10.34 -3.20
CA GLU A 16 3.66 10.82 -4.37
C GLU A 16 4.41 12.00 -4.98
N THR A 17 4.25 12.18 -6.27
CA THR A 17 4.82 13.33 -6.95
C THR A 17 4.17 14.61 -6.44
N ASN A 18 2.89 14.53 -6.12
CA ASN A 18 2.14 15.64 -5.55
C ASN A 18 2.55 15.88 -4.10
N GLN A 19 2.32 14.88 -3.26
CA GLN A 19 2.66 14.97 -1.85
C GLN A 19 3.78 13.97 -1.53
N PRO A 20 5.03 14.46 -1.45
CA PRO A 20 6.19 13.61 -1.19
C PRO A 20 6.34 13.26 0.28
N GLU A 21 6.47 11.96 0.56
CA GLU A 21 6.77 11.45 1.89
C GLU A 21 5.58 11.59 2.84
N GLN A 22 4.81 10.52 2.96
CA GLN A 22 3.77 10.44 3.97
C GLN A 22 3.72 9.02 4.52
N PHE A 23 3.89 8.89 5.83
CA PHE A 23 3.91 7.57 6.45
C PHE A 23 2.48 7.11 6.75
N LEU A 24 2.07 6.04 6.09
CA LEU A 24 0.73 5.51 6.28
C LEU A 24 0.81 4.14 6.94
N THR A 25 -0.19 3.80 7.73
CA THR A 25 -0.32 2.45 8.23
C THR A 25 -1.02 1.57 7.19
N THR A 26 -1.13 0.28 7.46
CA THR A 26 -1.70 -0.67 6.50
C THR A 26 -3.11 -0.24 6.05
N ILE A 27 -3.94 0.18 6.99
CA ILE A 27 -5.32 0.54 6.66
C ILE A 27 -5.38 1.84 5.87
N GLU A 28 -4.64 2.83 6.34
CA GLU A 28 -4.58 4.15 5.70
C GLU A 28 -4.11 4.03 4.25
N LEU A 29 -3.13 3.16 4.02
CA LEU A 29 -2.61 2.94 2.69
C LEU A 29 -3.61 2.14 1.85
N LEU A 30 -4.30 1.21 2.50
CA LEU A 30 -5.36 0.46 1.83
C LEU A 30 -6.40 1.40 1.23
N GLU A 31 -6.98 2.23 2.08
CA GLU A 31 -8.04 3.15 1.65
C GLU A 31 -7.53 4.14 0.60
N LYS A 32 -6.24 4.47 0.68
CA LYS A 32 -5.62 5.33 -0.31
C LYS A 32 -5.55 4.61 -1.65
N LEU A 33 -5.06 3.37 -1.62
CA LEU A 33 -4.95 2.57 -2.84
C LEU A 33 -6.32 2.24 -3.41
N LYS A 34 -7.29 1.95 -2.53
CA LYS A 34 -8.64 1.57 -2.96
C LYS A 34 -9.27 2.67 -3.83
N GLY A 35 -9.13 3.92 -3.42
CA GLY A 35 -9.73 5.01 -4.16
C GLY A 35 -8.96 5.28 -5.44
N GLU A 36 -7.65 5.25 -5.32
CA GLU A 36 -6.76 5.42 -6.45
C GLU A 36 -7.04 4.36 -7.50
N LEU A 37 -7.21 3.13 -7.04
CA LEU A 37 -7.43 1.97 -7.89
C LEU A 37 -8.81 2.01 -8.55
N GLU A 38 -9.83 2.38 -7.77
CA GLU A 38 -11.20 2.32 -8.29
C GLU A 38 -11.45 3.37 -9.36
N LYS A 39 -10.66 4.44 -9.38
CA LYS A 39 -10.77 5.41 -10.46
C LYS A 39 -9.80 5.09 -11.61
N ILE A 40 -9.06 3.99 -11.46
CA ILE A 40 -8.25 3.47 -12.55
C ILE A 40 -9.14 2.55 -13.40
N SER A 41 -8.89 2.54 -14.71
CA SER A 41 -9.69 1.71 -15.61
C SER A 41 -9.60 0.24 -15.24
N PHE A 42 -10.75 -0.40 -15.09
CA PHE A 42 -10.80 -1.81 -14.68
C PHE A 42 -10.25 -2.71 -15.78
N SER A 43 -10.17 -2.17 -16.99
CA SER A 43 -9.58 -2.88 -18.10
C SER A 43 -8.11 -2.51 -18.28
N ASP A 44 -7.57 -1.80 -17.30
CA ASP A 44 -6.17 -1.38 -17.33
C ASP A 44 -5.40 -2.05 -16.19
N LEU A 45 -6.06 -2.27 -15.07
CA LEU A 45 -5.42 -2.88 -13.91
C LEU A 45 -5.00 -4.33 -14.19
N PRO A 46 -3.95 -4.81 -13.50
CA PRO A 46 -3.38 -6.15 -13.70
C PRO A 46 -4.42 -7.27 -13.56
N LEU A 47 -4.10 -8.43 -14.14
CA LEU A 47 -5.01 -9.56 -14.16
C LEU A 47 -5.21 -10.11 -12.75
N GLU A 48 -4.20 -9.94 -11.91
CA GLU A 48 -4.30 -10.29 -10.50
C GLU A 48 -5.54 -9.67 -9.87
N LEU A 49 -5.77 -8.41 -10.18
CA LEU A 49 -6.87 -7.66 -9.61
C LEU A 49 -8.18 -8.03 -10.29
N GLN A 50 -8.08 -8.58 -11.50
CA GLN A 50 -9.24 -9.02 -12.24
C GLN A 50 -9.75 -10.36 -11.73
N LYS A 51 -8.86 -11.14 -11.11
CA LYS A 51 -9.26 -12.40 -10.49
C LYS A 51 -9.89 -12.13 -9.13
N LEU A 52 -9.38 -11.10 -8.45
CA LEU A 52 -9.94 -10.68 -7.18
C LEU A 52 -11.25 -9.95 -7.41
N ASP A 53 -12.22 -10.19 -6.53
CA ASP A 53 -13.53 -9.60 -6.68
C ASP A 53 -13.70 -8.39 -5.75
N SER A 54 -12.98 -8.38 -4.65
CA SER A 54 -13.11 -7.33 -3.66
C SER A 54 -12.09 -6.23 -3.91
N LEU A 55 -12.57 -4.99 -3.90
CA LEU A 55 -11.70 -3.82 -4.08
C LEU A 55 -10.62 -3.75 -2.98
N PRO A 56 -10.98 -3.96 -1.69
CA PRO A 56 -9.98 -3.99 -0.61
C PRO A 56 -8.93 -5.07 -0.84
N ALA A 57 -9.38 -6.22 -1.31
CA ALA A 57 -8.48 -7.34 -1.60
C ALA A 57 -7.51 -6.99 -2.71
N GLN A 58 -7.99 -6.28 -3.71
CA GLN A 58 -7.14 -5.82 -4.81
C GLN A 58 -6.03 -4.92 -4.30
N ALA A 59 -6.40 -3.92 -3.50
CA ALA A 59 -5.44 -3.00 -2.91
C ALA A 59 -4.50 -3.72 -1.94
N GLN A 60 -5.07 -4.63 -1.16
CA GLN A 60 -4.29 -5.41 -0.21
C GLN A 60 -3.26 -6.26 -0.94
N HIS A 61 -3.66 -6.84 -2.06
CA HIS A 61 -2.78 -7.70 -2.85
C HIS A 61 -1.65 -6.90 -3.46
N LEU A 62 -1.89 -5.60 -3.68
CA LEU A 62 -0.83 -4.70 -4.13
C LEU A 62 0.28 -4.64 -3.08
N ILE A 63 -0.08 -4.17 -1.88
CA ILE A 63 0.87 -4.09 -0.77
C ILE A 63 1.47 -5.47 -0.48
N ASP A 64 0.63 -6.48 -0.66
CA ASP A 64 1.00 -7.87 -0.40
C ASP A 64 2.17 -8.33 -1.27
N THR A 65 2.19 -7.88 -2.53
CA THR A 65 3.20 -8.37 -3.47
C THR A 65 3.93 -7.24 -4.20
N SER A 66 3.22 -6.50 -5.03
CA SER A 66 3.86 -5.66 -6.02
C SER A 66 3.68 -4.17 -5.73
N CYS A 67 4.78 -3.43 -5.80
CA CYS A 67 4.74 -1.99 -5.69
C CYS A 67 4.86 -1.39 -7.07
N GLU A 68 3.72 -0.96 -7.60
CA GLU A 68 3.63 -0.47 -8.96
C GLU A 68 2.24 0.12 -9.21
N LEU A 69 2.19 1.40 -9.52
CA LEU A 69 0.92 2.04 -9.86
C LEU A 69 1.15 3.40 -10.51
N ASP A 70 0.85 3.49 -11.78
CA ASP A 70 0.89 4.76 -12.48
C ASP A 70 -0.49 5.39 -12.40
N VAL A 71 -0.63 6.35 -11.50
CA VAL A 71 -1.93 6.92 -11.18
C VAL A 71 -2.31 8.05 -12.15
N GLY A 72 -1.41 8.35 -13.08
CA GLY A 72 -1.69 9.36 -14.07
C GLY A 72 -1.70 10.76 -13.49
N ALA A 73 -2.30 11.69 -14.21
CA ALA A 73 -2.40 13.09 -13.78
C ALA A 73 -1.02 13.72 -13.62
N GLY A 74 0.01 13.04 -14.10
CA GLY A 74 1.35 13.58 -14.04
C GLY A 74 2.09 13.18 -12.78
N LYS A 75 1.45 12.39 -11.93
CA LYS A 75 2.08 11.97 -10.68
C LYS A 75 2.21 10.46 -10.61
N TYR A 76 3.13 10.01 -9.76
CA TYR A 76 3.34 8.58 -9.56
C TYR A 76 3.09 8.22 -8.10
N LEU A 77 3.06 6.94 -7.80
CA LEU A 77 2.80 6.47 -6.45
C LEU A 77 3.76 5.35 -6.08
N GLN A 78 4.54 5.59 -5.02
CA GLN A 78 5.48 4.60 -4.53
C GLN A 78 5.25 4.38 -3.04
N TRP A 79 5.31 3.13 -2.58
CA TRP A 79 5.16 2.84 -1.17
C TRP A 79 6.12 1.72 -0.75
N TYR A 80 6.91 1.99 0.29
CA TYR A 80 7.79 0.97 0.83
C TYR A 80 7.83 1.05 2.35
N ALA A 81 8.06 -0.09 2.98
CA ALA A 81 8.05 -0.18 4.43
C ALA A 81 9.39 0.22 5.02
N VAL A 82 9.33 0.89 6.15
CA VAL A 82 10.51 1.21 6.92
C VAL A 82 10.47 0.48 8.25
N ARG A 83 11.27 -0.56 8.37
CA ARG A 83 11.26 -1.41 9.55
C ARG A 83 12.15 -0.83 10.65
N LEU A 84 11.54 -0.52 11.78
CA LEU A 84 12.29 -0.05 12.94
C LEU A 84 11.84 -0.83 14.18
N GLU A 85 12.75 -1.58 14.77
CA GLU A 85 12.44 -2.32 15.98
C GLU A 85 12.76 -1.45 17.20
N LYS A 86 12.16 -1.80 18.33
CA LYS A 86 12.44 -1.09 19.56
C LYS A 86 13.69 -1.65 20.24
N LEU A 87 14.82 -1.46 19.57
CA LEU A 87 16.11 -1.90 20.10
C LEU A 87 16.40 -1.19 21.42
N GLU A 88 15.95 0.05 21.52
CA GLU A 88 16.04 0.78 22.76
C GLU A 88 14.65 1.01 23.33
N HIS A 89 14.29 0.23 24.33
CA HIS A 89 13.00 0.35 24.99
C HIS A 89 13.14 1.32 26.17
N HIS A 90 14.37 1.78 26.37
CA HIS A 90 14.68 2.77 27.39
C HIS A 90 14.08 4.12 27.00
N HIS A 91 12.88 4.37 27.50
CA HIS A 91 12.12 5.56 27.11
C HIS A 91 11.60 6.30 28.34
N HIS A 92 12.14 7.48 28.58
CA HIS A 92 11.69 8.31 29.67
C HIS A 92 11.22 9.66 29.15
N HIS A 93 9.90 9.79 28.99
CA HIS A 93 9.31 11.06 28.59
C HIS A 93 8.00 11.27 29.35
N HIS A 94 7.75 10.38 30.31
CA HIS A 94 6.57 10.48 31.15
C HIS A 94 7.00 10.79 32.57
N MET A 1 -4.84 0.84 26.87
CA MET A 1 -5.24 1.75 25.77
C MET A 1 -6.63 1.40 25.27
N PRO A 2 -7.42 2.42 24.87
CA PRO A 2 -8.77 2.23 24.33
C PRO A 2 -8.73 1.78 22.88
N ASP A 3 -7.54 1.83 22.29
CA ASP A 3 -7.32 1.39 20.92
C ASP A 3 -7.59 -0.09 20.78
N PRO A 4 -8.52 -0.48 19.90
CA PRO A 4 -8.90 -1.89 19.71
C PRO A 4 -7.81 -2.69 19.02
N LEU A 5 -6.99 -2.03 18.21
CA LEU A 5 -5.96 -2.69 17.45
C LEU A 5 -4.72 -1.80 17.34
N MET A 6 -4.58 -1.13 16.19
CA MET A 6 -3.52 -0.14 15.95
C MET A 6 -2.12 -0.76 15.85
N TYR A 7 -1.77 -1.61 16.80
CA TYR A 7 -0.42 -2.16 16.89
C TYR A 7 -0.18 -3.26 15.84
N GLN A 8 -1.22 -3.62 15.12
CA GLN A 8 -1.08 -4.58 14.02
C GLN A 8 -0.96 -3.83 12.69
N GLN A 9 -0.90 -2.51 12.77
CA GLN A 9 -0.80 -1.67 11.59
C GLN A 9 0.59 -1.05 11.50
N ASP A 10 1.36 -1.53 10.54
CA ASP A 10 2.72 -1.02 10.34
C ASP A 10 2.69 0.20 9.43
N ASN A 11 3.82 0.88 9.29
CA ASN A 11 3.85 2.16 8.58
C ASN A 11 4.51 2.03 7.21
N PHE A 12 3.94 2.73 6.24
CA PHE A 12 4.45 2.74 4.88
C PHE A 12 4.77 4.17 4.46
N VAL A 13 5.90 4.36 3.81
CA VAL A 13 6.27 5.66 3.31
C VAL A 13 5.69 5.85 1.91
N VAL A 14 4.66 6.70 1.82
CA VAL A 14 3.98 6.93 0.56
C VAL A 14 4.67 8.05 -0.23
N LEU A 15 5.17 7.69 -1.40
CA LEU A 15 5.87 8.62 -2.25
C LEU A 15 5.03 8.97 -3.46
N GLU A 16 4.42 10.14 -3.42
CA GLU A 16 3.75 10.70 -4.58
C GLU A 16 4.78 11.42 -5.43
N THR A 17 4.55 11.44 -6.74
CA THR A 17 5.49 12.03 -7.67
C THR A 17 5.56 13.55 -7.46
N ASN A 18 4.39 14.15 -7.25
CA ASN A 18 4.32 15.61 -7.08
C ASN A 18 4.80 16.01 -5.69
N GLN A 19 4.20 15.45 -4.64
CA GLN A 19 4.59 15.79 -3.28
C GLN A 19 4.60 14.54 -2.40
N PRO A 20 5.69 14.27 -1.69
CA PRO A 20 5.80 13.12 -0.81
C PRO A 20 4.94 13.27 0.45
N GLU A 21 4.14 12.25 0.74
CA GLU A 21 3.24 12.30 1.88
C GLU A 21 3.92 11.76 3.14
N GLN A 22 3.15 11.59 4.19
CA GLN A 22 3.67 11.11 5.46
C GLN A 22 3.75 9.58 5.47
N PHE A 23 4.11 9.02 6.62
CA PHE A 23 4.10 7.58 6.78
C PHE A 23 2.80 7.16 7.50
N LEU A 24 1.98 6.40 6.79
CA LEU A 24 0.70 5.97 7.32
C LEU A 24 0.66 4.46 7.49
N THR A 25 -0.34 3.98 8.21
CA THR A 25 -0.42 2.57 8.56
C THR A 25 -1.07 1.73 7.45
N THR A 26 -1.01 0.41 7.64
CA THR A 26 -1.57 -0.55 6.70
C THR A 26 -3.01 -0.20 6.31
N ILE A 27 -3.85 0.04 7.31
CA ILE A 27 -5.26 0.31 7.09
C ILE A 27 -5.45 1.62 6.32
N GLU A 28 -4.66 2.62 6.66
CA GLU A 28 -4.76 3.93 6.01
C GLU A 28 -4.30 3.85 4.56
N LEU A 29 -3.20 3.13 4.33
CA LEU A 29 -2.66 2.93 2.98
C LEU A 29 -3.65 2.15 2.13
N LEU A 30 -4.29 1.16 2.76
CA LEU A 30 -5.26 0.32 2.06
C LEU A 30 -6.37 1.16 1.45
N GLU A 31 -6.98 2.02 2.27
CA GLU A 31 -8.07 2.87 1.81
C GLU A 31 -7.57 3.91 0.80
N LYS A 32 -6.32 4.34 0.98
CA LYS A 32 -5.69 5.25 0.02
C LYS A 32 -5.57 4.59 -1.35
N LEU A 33 -5.02 3.37 -1.36
CA LEU A 33 -4.88 2.61 -2.59
C LEU A 33 -6.24 2.29 -3.19
N LYS A 34 -7.20 1.96 -2.35
CA LYS A 34 -8.57 1.67 -2.79
C LYS A 34 -9.15 2.85 -3.56
N GLY A 35 -8.96 4.05 -3.04
CA GLY A 35 -9.46 5.24 -3.69
C GLY A 35 -8.83 5.48 -5.04
N GLU A 36 -7.51 5.37 -5.10
CA GLU A 36 -6.79 5.55 -6.36
C GLU A 36 -7.11 4.40 -7.32
N LEU A 37 -7.34 3.22 -6.78
CA LEU A 37 -7.63 2.05 -7.58
C LEU A 37 -9.03 2.16 -8.20
N GLU A 38 -9.98 2.68 -7.43
CA GLU A 38 -11.34 2.86 -7.94
C GLU A 38 -11.39 4.04 -8.91
N LYS A 39 -10.35 4.86 -8.88
CA LYS A 39 -10.21 5.94 -9.87
C LYS A 39 -9.60 5.40 -11.17
N ILE A 40 -9.04 4.20 -11.11
CA ILE A 40 -8.45 3.55 -12.27
C ILE A 40 -9.49 2.64 -12.95
N SER A 41 -9.47 2.63 -14.27
CA SER A 41 -10.40 1.83 -15.07
C SER A 41 -10.06 0.34 -15.01
N PHE A 42 -11.08 -0.50 -15.20
CA PHE A 42 -10.92 -1.94 -15.13
C PHE A 42 -10.09 -2.46 -16.30
N SER A 43 -10.10 -1.71 -17.39
CA SER A 43 -9.34 -2.06 -18.57
C SER A 43 -7.90 -1.54 -18.49
N ASP A 44 -7.59 -0.89 -17.37
CA ASP A 44 -6.25 -0.33 -17.19
C ASP A 44 -5.52 -1.01 -16.04
N LEU A 45 -6.27 -1.66 -15.15
CA LEU A 45 -5.67 -2.35 -14.03
C LEU A 45 -5.20 -3.75 -14.42
N PRO A 46 -4.11 -4.23 -13.80
CA PRO A 46 -3.50 -5.53 -14.09
C PRO A 46 -4.49 -6.69 -13.99
N LEU A 47 -4.19 -7.77 -14.71
CA LEU A 47 -5.04 -8.96 -14.75
C LEU A 47 -5.19 -9.58 -13.36
N GLU A 48 -4.15 -9.45 -12.55
CA GLU A 48 -4.19 -9.93 -11.17
C GLU A 48 -5.38 -9.33 -10.42
N LEU A 49 -5.63 -8.04 -10.66
CA LEU A 49 -6.69 -7.34 -9.97
C LEU A 49 -8.06 -7.73 -10.52
N GLN A 50 -8.06 -8.35 -11.69
CA GLN A 50 -9.28 -8.86 -12.29
C GLN A 50 -9.60 -10.25 -11.73
N LYS A 51 -8.56 -10.90 -11.21
CA LYS A 51 -8.73 -12.20 -10.55
C LYS A 51 -9.21 -12.00 -9.12
N LEU A 52 -8.87 -10.86 -8.55
CA LEU A 52 -9.29 -10.52 -7.20
C LEU A 52 -10.66 -9.84 -7.22
N ASP A 53 -11.67 -10.57 -6.80
CA ASP A 53 -13.06 -10.12 -6.89
C ASP A 53 -13.36 -9.06 -5.81
N SER A 54 -12.42 -8.84 -4.92
CA SER A 54 -12.59 -7.86 -3.86
C SER A 54 -11.64 -6.67 -4.06
N LEU A 55 -12.20 -5.48 -4.12
CA LEU A 55 -11.42 -4.25 -4.29
C LEU A 55 -10.33 -4.10 -3.21
N PRO A 56 -10.67 -4.25 -1.91
CA PRO A 56 -9.67 -4.20 -0.84
C PRO A 56 -8.56 -5.23 -1.01
N ALA A 57 -8.92 -6.42 -1.50
CA ALA A 57 -7.95 -7.49 -1.71
C ALA A 57 -6.96 -7.11 -2.81
N GLN A 58 -7.45 -6.39 -3.81
CA GLN A 58 -6.61 -5.90 -4.89
C GLN A 58 -5.52 -4.98 -4.34
N ALA A 59 -5.95 -4.00 -3.55
CA ALA A 59 -5.03 -3.06 -2.94
C ALA A 59 -4.12 -3.76 -1.93
N GLN A 60 -4.64 -4.77 -1.27
CA GLN A 60 -3.86 -5.54 -0.30
C GLN A 60 -2.73 -6.28 -1.02
N HIS A 61 -3.06 -6.88 -2.17
CA HIS A 61 -2.07 -7.56 -3.00
C HIS A 61 -0.92 -6.61 -3.34
N LEU A 62 -1.28 -5.35 -3.59
CA LEU A 62 -0.29 -4.31 -3.84
C LEU A 62 0.61 -4.15 -2.62
N ILE A 63 -0.01 -3.83 -1.49
CA ILE A 63 0.71 -3.66 -0.22
C ILE A 63 1.64 -4.84 0.05
N ASP A 64 1.14 -6.05 -0.23
CA ASP A 64 1.86 -7.27 0.06
C ASP A 64 3.11 -7.43 -0.79
N THR A 65 2.96 -7.48 -2.11
CA THR A 65 4.08 -7.88 -2.96
C THR A 65 4.31 -6.96 -4.17
N SER A 66 3.29 -6.21 -4.61
CA SER A 66 3.43 -5.46 -5.85
C SER A 66 3.23 -3.97 -5.63
N CYS A 67 4.20 -3.16 -6.01
CA CYS A 67 4.10 -1.74 -5.76
C CYS A 67 4.31 -0.93 -7.04
N GLU A 68 3.20 -0.47 -7.59
CA GLU A 68 3.19 0.45 -8.72
C GLU A 68 1.76 0.88 -8.99
N LEU A 69 1.56 2.15 -9.28
CA LEU A 69 0.22 2.65 -9.54
C LEU A 69 0.26 3.97 -10.31
N ASP A 70 -0.18 3.90 -11.56
CA ASP A 70 -0.31 5.10 -12.39
C ASP A 70 -1.59 5.84 -12.00
N VAL A 71 -1.43 6.93 -11.28
CA VAL A 71 -2.57 7.65 -10.75
C VAL A 71 -2.90 8.87 -11.60
N GLY A 72 -2.42 8.88 -12.84
CA GLY A 72 -2.81 9.92 -13.78
C GLY A 72 -1.66 10.80 -14.21
N ALA A 73 -1.66 11.15 -15.49
CA ALA A 73 -0.70 12.09 -16.06
C ALA A 73 0.75 11.59 -15.96
N GLY A 74 0.91 10.30 -15.72
CA GLY A 74 2.24 9.72 -15.69
C GLY A 74 2.89 9.76 -14.33
N LYS A 75 2.16 10.21 -13.32
CA LYS A 75 2.70 10.22 -11.98
C LYS A 75 2.34 8.92 -11.27
N TYR A 76 3.25 8.42 -10.46
CA TYR A 76 3.05 7.14 -9.81
C TYR A 76 2.97 7.29 -8.31
N LEU A 77 1.97 6.63 -7.72
CA LEU A 77 1.86 6.57 -6.28
C LEU A 77 2.67 5.38 -5.78
N GLN A 78 3.75 5.67 -5.07
CA GLN A 78 4.68 4.64 -4.65
C GLN A 78 4.69 4.50 -3.14
N TRP A 79 5.12 3.35 -2.64
CA TRP A 79 5.18 3.13 -1.22
C TRP A 79 6.13 1.97 -0.90
N TYR A 80 6.79 2.06 0.24
CA TYR A 80 7.57 0.95 0.75
C TYR A 80 7.42 0.85 2.27
N ALA A 81 7.46 -0.37 2.78
CA ALA A 81 7.27 -0.61 4.20
C ALA A 81 8.58 -0.47 4.96
N VAL A 82 8.67 0.53 5.81
CA VAL A 82 9.84 0.67 6.67
C VAL A 82 9.59 0.00 8.01
N ARG A 83 10.17 -1.18 8.17
CA ARG A 83 9.98 -1.96 9.37
C ARG A 83 11.32 -2.13 10.09
N LEU A 84 11.26 -2.52 11.35
CA LEU A 84 12.46 -2.68 12.14
C LEU A 84 13.24 -3.92 11.71
N GLU A 85 14.05 -3.73 10.66
CA GLU A 85 14.94 -4.76 10.13
C GLU A 85 14.19 -5.91 9.45
N LYS A 86 14.81 -6.41 8.38
CA LYS A 86 14.26 -7.53 7.64
C LYS A 86 14.34 -8.80 8.47
N LEU A 87 13.19 -9.26 8.94
CA LEU A 87 13.13 -10.44 9.80
C LEU A 87 12.97 -11.72 8.99
N GLU A 88 12.49 -11.57 7.76
CA GLU A 88 12.38 -12.72 6.87
C GLU A 88 13.72 -12.98 6.20
N HIS A 89 13.95 -12.33 5.05
CA HIS A 89 15.25 -12.37 4.38
C HIS A 89 15.63 -13.80 3.96
N HIS A 90 14.63 -14.68 3.92
CA HIS A 90 14.87 -16.07 3.52
C HIS A 90 13.73 -16.54 2.62
N HIS A 91 14.04 -17.42 1.66
CA HIS A 91 13.02 -17.96 0.78
C HIS A 91 12.42 -19.24 1.35
N HIS A 92 13.28 -20.03 1.98
CA HIS A 92 12.85 -21.28 2.61
C HIS A 92 11.80 -21.04 3.67
N HIS A 93 12.06 -20.10 4.56
CA HIS A 93 11.15 -19.83 5.68
C HIS A 93 10.26 -18.62 5.39
N HIS A 94 10.88 -17.56 4.86
CA HIS A 94 10.24 -16.24 4.77
C HIS A 94 9.87 -15.78 6.18
N MET A 1 -10.66 -14.11 6.88
CA MET A 1 -10.09 -13.40 8.05
C MET A 1 -11.00 -12.25 8.45
N PRO A 2 -11.98 -12.48 9.34
CA PRO A 2 -12.92 -11.47 9.79
C PRO A 2 -12.43 -10.68 11.01
N ASP A 3 -11.33 -11.11 11.60
CA ASP A 3 -10.81 -10.44 12.79
C ASP A 3 -9.32 -10.15 12.67
N PRO A 4 -8.94 -8.87 12.71
CA PRO A 4 -7.54 -8.45 12.56
C PRO A 4 -6.68 -8.75 13.79
N LEU A 5 -5.42 -8.34 13.74
CA LEU A 5 -4.47 -8.57 14.83
C LEU A 5 -4.63 -7.53 15.93
N MET A 6 -3.81 -7.64 16.97
CA MET A 6 -3.87 -6.74 18.12
C MET A 6 -3.11 -5.42 17.86
N TYR A 7 -3.27 -4.90 16.65
CA TYR A 7 -2.68 -3.62 16.25
C TYR A 7 -1.16 -3.67 16.20
N GLN A 8 -0.64 -3.98 15.02
CA GLN A 8 0.78 -3.91 14.71
C GLN A 8 0.96 -3.55 13.25
N GLN A 9 0.09 -2.68 12.78
CA GLN A 9 0.08 -2.24 11.38
C GLN A 9 1.40 -1.60 10.99
N ASP A 10 2.01 -2.09 9.92
CA ASP A 10 3.28 -1.57 9.44
C ASP A 10 3.13 -0.15 8.92
N ASN A 11 4.22 0.60 8.94
CA ASN A 11 4.21 1.96 8.42
C ASN A 11 4.96 2.01 7.09
N PHE A 12 4.27 2.48 6.07
CA PHE A 12 4.83 2.59 4.74
C PHE A 12 4.97 4.04 4.34
N VAL A 13 6.13 4.41 3.80
CA VAL A 13 6.32 5.75 3.28
C VAL A 13 5.86 5.80 1.83
N VAL A 14 4.73 6.44 1.61
CA VAL A 14 4.20 6.58 0.26
C VAL A 14 4.68 7.89 -0.36
N LEU A 15 5.47 7.77 -1.41
CA LEU A 15 6.03 8.94 -2.07
C LEU A 15 5.10 9.41 -3.18
N GLU A 16 4.40 10.51 -2.92
CA GLU A 16 3.46 11.05 -3.87
C GLU A 16 4.02 12.35 -4.47
N THR A 17 3.51 12.71 -5.63
CA THR A 17 4.05 13.83 -6.40
C THR A 17 3.42 15.17 -6.00
N ASN A 18 2.36 15.14 -5.21
CA ASN A 18 1.64 16.36 -4.87
C ASN A 18 2.32 17.13 -3.75
N GLN A 19 2.25 16.59 -2.54
CA GLN A 19 2.84 17.25 -1.37
C GLN A 19 3.61 16.25 -0.53
N PRO A 20 4.61 16.73 0.24
CA PRO A 20 5.34 15.89 1.17
C PRO A 20 4.43 15.35 2.27
N GLU A 21 4.46 14.05 2.46
CA GLU A 21 3.61 13.41 3.46
C GLU A 21 4.42 12.42 4.27
N GLN A 22 3.85 11.94 5.36
CA GLN A 22 4.56 11.08 6.29
C GLN A 22 4.18 9.63 6.09
N PHE A 23 4.88 8.74 6.78
CA PHE A 23 4.61 7.32 6.71
C PHE A 23 3.22 7.00 7.27
N LEU A 24 2.46 6.24 6.51
CA LEU A 24 1.10 5.89 6.90
C LEU A 24 1.00 4.38 7.13
N THR A 25 -0.07 3.95 7.77
CA THR A 25 -0.22 2.55 8.14
C THR A 25 -0.76 1.73 6.97
N THR A 26 -0.76 0.41 7.14
CA THR A 26 -1.27 -0.52 6.15
C THR A 26 -2.69 -0.15 5.71
N ILE A 27 -3.53 0.21 6.68
CA ILE A 27 -4.92 0.57 6.41
C ILE A 27 -5.02 1.82 5.55
N GLU A 28 -4.22 2.83 5.89
CA GLU A 28 -4.24 4.10 5.16
C GLU A 28 -3.74 3.89 3.74
N LEU A 29 -2.73 3.04 3.60
CA LEU A 29 -2.18 2.70 2.30
C LEU A 29 -3.25 2.01 1.45
N LEU A 30 -4.00 1.11 2.08
CA LEU A 30 -5.11 0.43 1.44
C LEU A 30 -6.08 1.43 0.82
N GLU A 31 -6.49 2.41 1.62
CA GLU A 31 -7.48 3.39 1.18
C GLU A 31 -6.95 4.23 0.02
N LYS A 32 -5.67 4.59 0.06
CA LYS A 32 -5.06 5.32 -1.04
C LYS A 32 -5.06 4.47 -2.31
N LEU A 33 -4.61 3.23 -2.18
CA LEU A 33 -4.55 2.31 -3.32
C LEU A 33 -5.95 2.07 -3.87
N LYS A 34 -6.90 1.77 -2.98
CA LYS A 34 -8.27 1.49 -3.35
C LYS A 34 -8.91 2.66 -4.10
N GLY A 35 -8.68 3.87 -3.61
CA GLY A 35 -9.24 5.05 -4.26
C GLY A 35 -8.75 5.22 -5.69
N GLU A 36 -7.45 5.18 -5.87
CA GLU A 36 -6.86 5.34 -7.19
C GLU A 36 -7.21 4.14 -8.07
N LEU A 37 -7.26 2.97 -7.45
CA LEU A 37 -7.53 1.72 -8.17
C LEU A 37 -8.96 1.69 -8.72
N GLU A 38 -9.91 2.19 -7.93
CA GLU A 38 -11.31 2.19 -8.37
C GLU A 38 -11.54 3.22 -9.46
N LYS A 39 -10.75 4.29 -9.47
CA LYS A 39 -10.86 5.30 -10.52
C LYS A 39 -9.96 4.92 -11.70
N ILE A 40 -9.31 3.77 -11.60
CA ILE A 40 -8.54 3.21 -12.71
C ILE A 40 -9.43 2.23 -13.50
N SER A 41 -9.25 2.19 -14.82
CA SER A 41 -10.07 1.32 -15.68
C SER A 41 -9.82 -0.15 -15.34
N PHE A 42 -10.86 -0.96 -15.50
CA PHE A 42 -10.80 -2.37 -15.10
C PHE A 42 -9.87 -3.16 -16.02
N SER A 43 -9.63 -2.64 -17.21
CA SER A 43 -8.68 -3.27 -18.13
C SER A 43 -7.30 -2.62 -18.02
N ASP A 44 -7.22 -1.56 -17.23
CA ASP A 44 -5.98 -0.82 -17.04
C ASP A 44 -5.22 -1.39 -15.84
N LEU A 45 -5.95 -2.00 -14.92
CA LEU A 45 -5.35 -2.63 -13.75
C LEU A 45 -4.98 -4.08 -14.05
N PRO A 46 -3.94 -4.61 -13.36
CA PRO A 46 -3.43 -5.97 -13.57
C PRO A 46 -4.50 -7.05 -13.43
N LEU A 47 -4.25 -8.19 -14.08
CA LEU A 47 -5.19 -9.32 -14.08
C LEU A 47 -5.44 -9.84 -12.67
N GLU A 48 -4.45 -9.70 -11.81
CA GLU A 48 -4.58 -10.08 -10.40
C GLU A 48 -5.80 -9.40 -9.78
N LEU A 49 -5.94 -8.11 -10.07
CA LEU A 49 -7.00 -7.31 -9.48
C LEU A 49 -8.31 -7.54 -10.23
N GLN A 50 -8.21 -8.15 -11.41
CA GLN A 50 -9.37 -8.51 -12.20
C GLN A 50 -9.98 -9.79 -11.66
N LYS A 51 -9.14 -10.63 -11.06
CA LYS A 51 -9.60 -11.88 -10.47
C LYS A 51 -10.26 -11.61 -9.12
N LEU A 52 -9.71 -10.63 -8.40
CA LEU A 52 -10.23 -10.27 -7.09
C LEU A 52 -11.50 -9.44 -7.20
N ASP A 53 -12.60 -10.02 -6.77
CA ASP A 53 -13.91 -9.37 -6.84
C ASP A 53 -13.92 -8.07 -6.04
N SER A 54 -13.33 -8.11 -4.87
CA SER A 54 -13.46 -7.03 -3.92
C SER A 54 -12.26 -6.07 -4.01
N LEU A 55 -12.56 -4.79 -4.19
CA LEU A 55 -11.55 -3.74 -4.28
C LEU A 55 -10.58 -3.76 -3.09
N PRO A 56 -11.08 -3.87 -1.82
CA PRO A 56 -10.20 -3.97 -0.64
C PRO A 56 -9.19 -5.10 -0.76
N ALA A 57 -9.59 -6.20 -1.38
CA ALA A 57 -8.72 -7.35 -1.55
C ALA A 57 -7.67 -7.08 -2.63
N GLN A 58 -8.07 -6.34 -3.66
CA GLN A 58 -7.16 -5.97 -4.74
C GLN A 58 -5.96 -5.20 -4.20
N ALA A 59 -6.24 -4.13 -3.48
CA ALA A 59 -5.18 -3.29 -2.91
C ALA A 59 -4.40 -4.06 -1.82
N GLN A 60 -5.07 -5.00 -1.17
CA GLN A 60 -4.43 -5.80 -0.14
C GLN A 60 -3.38 -6.73 -0.76
N HIS A 61 -3.72 -7.30 -1.91
CA HIS A 61 -2.79 -8.18 -2.62
C HIS A 61 -1.62 -7.38 -3.17
N LEU A 62 -1.84 -6.09 -3.43
CA LEU A 62 -0.77 -5.20 -3.85
C LEU A 62 0.31 -5.13 -2.77
N ILE A 63 -0.12 -4.82 -1.55
CA ILE A 63 0.79 -4.77 -0.39
C ILE A 63 1.35 -6.15 -0.11
N ASP A 64 0.53 -7.17 -0.36
CA ASP A 64 0.92 -8.56 -0.18
C ASP A 64 2.19 -8.90 -0.97
N THR A 65 2.21 -8.50 -2.24
CA THR A 65 3.39 -8.71 -3.07
C THR A 65 4.14 -7.40 -3.31
N SER A 66 3.59 -6.59 -4.21
CA SER A 66 4.23 -5.36 -4.70
C SER A 66 3.55 -4.94 -5.99
N CYS A 67 3.75 -3.69 -6.40
CA CYS A 67 3.21 -3.20 -7.66
C CYS A 67 3.75 -1.82 -7.98
N GLU A 68 3.98 -1.59 -9.26
CA GLU A 68 4.32 -0.26 -9.75
C GLU A 68 3.08 0.31 -10.43
N LEU A 69 2.54 1.39 -9.90
CA LEU A 69 1.24 1.86 -10.32
C LEU A 69 1.30 3.32 -10.76
N ASP A 70 0.87 3.57 -11.99
CA ASP A 70 0.63 4.94 -12.44
C ASP A 70 -0.77 5.35 -12.02
N VAL A 71 -0.86 6.38 -11.22
CA VAL A 71 -2.14 6.82 -10.70
C VAL A 71 -2.59 8.09 -11.39
N GLY A 72 -1.90 8.46 -12.46
CA GLY A 72 -2.29 9.60 -13.25
C GLY A 72 -2.16 10.91 -12.50
N ALA A 73 -2.76 11.97 -13.07
CA ALA A 73 -2.73 13.31 -12.47
C ALA A 73 -1.31 13.85 -12.41
N GLY A 74 -0.42 13.24 -13.17
CA GLY A 74 0.98 13.65 -13.17
C GLY A 74 1.68 13.27 -11.88
N LYS A 75 1.18 12.25 -11.21
CA LYS A 75 1.77 11.80 -9.96
C LYS A 75 1.98 10.30 -9.98
N TYR A 76 2.96 9.84 -9.24
CA TYR A 76 3.22 8.41 -9.10
C TYR A 76 2.87 7.97 -7.69
N LEU A 77 2.64 6.68 -7.53
CA LEU A 77 2.29 6.14 -6.23
C LEU A 77 3.12 4.90 -5.93
N GLN A 78 4.01 5.02 -4.96
CA GLN A 78 4.82 3.88 -4.54
C GLN A 78 4.91 3.84 -3.03
N TRP A 79 5.03 2.64 -2.49
CA TRP A 79 5.09 2.46 -1.05
C TRP A 79 6.29 1.59 -0.68
N TYR A 80 6.98 1.97 0.38
CA TYR A 80 8.03 1.14 0.93
C TYR A 80 7.95 1.14 2.44
N ALA A 81 8.13 -0.03 3.05
CA ALA A 81 7.97 -0.18 4.48
C ALA A 81 9.19 0.36 5.22
N VAL A 82 8.93 1.18 6.24
CA VAL A 82 9.99 1.69 7.07
C VAL A 82 9.89 1.09 8.47
N ARG A 83 10.76 0.13 8.74
CA ARG A 83 10.81 -0.53 10.04
C ARG A 83 12.20 -0.43 10.61
N LEU A 84 12.32 0.18 11.77
CA LEU A 84 13.60 0.34 12.42
C LEU A 84 13.68 -0.52 13.68
N GLU A 85 13.11 -0.01 14.77
CA GLU A 85 13.18 -0.64 16.08
C GLU A 85 14.63 -0.66 16.59
N LYS A 86 14.80 -0.51 17.89
CA LYS A 86 16.13 -0.50 18.49
C LYS A 86 16.73 -1.90 18.43
N LEU A 87 17.96 -1.99 17.97
CA LEU A 87 18.61 -3.28 17.78
C LEU A 87 19.16 -3.80 19.09
N GLU A 88 18.26 -4.07 20.02
CA GLU A 88 18.59 -4.64 21.30
C GLU A 88 17.57 -5.73 21.60
N HIS A 89 17.01 -5.75 22.80
CA HIS A 89 16.07 -6.78 23.22
C HIS A 89 16.71 -8.17 23.11
N HIS A 90 18.04 -8.20 23.23
CA HIS A 90 18.77 -9.46 23.15
C HIS A 90 18.38 -10.33 24.33
N HIS A 91 18.18 -9.69 25.47
CA HIS A 91 17.51 -10.34 26.58
C HIS A 91 16.00 -10.22 26.35
N HIS A 92 15.45 -11.24 25.72
CA HIS A 92 14.08 -11.19 25.25
C HIS A 92 13.08 -11.21 26.40
N HIS A 93 12.21 -10.20 26.43
CA HIS A 93 11.19 -10.03 27.46
C HIS A 93 11.82 -9.57 28.77
N HIS A 94 12.69 -10.40 29.32
CA HIS A 94 13.38 -10.08 30.56
C HIS A 94 14.65 -10.92 30.66
#